data_4HPL
# 
_entry.id   4HPL 
# 
_audit_conform.dict_name       mmcif_pdbx.dic 
_audit_conform.dict_version    5.387 
_audit_conform.dict_location   http://mmcif.pdb.org/dictionaries/ascii/mmcif_pdbx.dic 
# 
loop_
_database_2.database_id 
_database_2.database_code 
_database_2.pdbx_database_accession 
_database_2.pdbx_DOI 
PDB   4HPL         pdb_00004hpl 10.2210/pdb4hpl/pdb 
RCSB  RCSB075760   ?            ?                   
WWPDB D_1000075760 ?            ?                   
# 
loop_
_pdbx_audit_revision_history.ordinal 
_pdbx_audit_revision_history.data_content_type 
_pdbx_audit_revision_history.major_revision 
_pdbx_audit_revision_history.minor_revision 
_pdbx_audit_revision_history.revision_date 
1 'Structure model' 1 0 2013-05-01 
2 'Structure model' 1 1 2024-02-28 
# 
_pdbx_audit_revision_details.ordinal             1 
_pdbx_audit_revision_details.revision_ordinal    1 
_pdbx_audit_revision_details.data_content_type   'Structure model' 
_pdbx_audit_revision_details.provider            repository 
_pdbx_audit_revision_details.type                'Initial release' 
_pdbx_audit_revision_details.description         ? 
_pdbx_audit_revision_details.details             ? 
# 
loop_
_pdbx_audit_revision_group.ordinal 
_pdbx_audit_revision_group.revision_ordinal 
_pdbx_audit_revision_group.data_content_type 
_pdbx_audit_revision_group.group 
1 2 'Structure model' 'Data collection'     
2 2 'Structure model' 'Database references' 
# 
loop_
_pdbx_audit_revision_category.ordinal 
_pdbx_audit_revision_category.revision_ordinal 
_pdbx_audit_revision_category.data_content_type 
_pdbx_audit_revision_category.category 
1 2 'Structure model' chem_comp_atom     
2 2 'Structure model' chem_comp_bond     
3 2 'Structure model' database_2         
4 2 'Structure model' struct_ref_seq_dif 
# 
loop_
_pdbx_audit_revision_item.ordinal 
_pdbx_audit_revision_item.revision_ordinal 
_pdbx_audit_revision_item.data_content_type 
_pdbx_audit_revision_item.item 
1 2 'Structure model' '_database_2.pdbx_DOI'                
2 2 'Structure model' '_database_2.pdbx_database_accession' 
3 2 'Structure model' '_struct_ref_seq_dif.details'         
# 
_pdbx_database_status.status_code                     REL 
_pdbx_database_status.entry_id                        4HPL 
_pdbx_database_status.recvd_initial_deposition_date   2012-10-24 
_pdbx_database_status.deposit_site                    RCSB 
_pdbx_database_status.process_site                    RCSB 
_pdbx_database_status.status_code_sf                  REL 
_pdbx_database_status.status_code_mr                  ? 
_pdbx_database_status.SG_entry                        ? 
_pdbx_database_status.status_code_cs                  ? 
_pdbx_database_status.methods_development_category    ? 
_pdbx_database_status.pdb_format_compatible           Y 
_pdbx_database_status.status_code_nmr_data            ? 
# 
_pdbx_database_related.db_name        PDB 
_pdbx_database_related.db_id          4HPM 
_pdbx_database_related.details        . 
_pdbx_database_related.content_type   unspecified 
# 
loop_
_audit_author.name 
_audit_author.pdbx_ordinal 
'Junco, S.E.'    1 
'Wang, R.'       2 
'Gaipa, J.'      3 
'Taylor, A.B.'   4 
'Gearhart, M.D.' 5 
'Bardwell, V.J.' 6 
'Hart, P.J.'     7 
'Kim, C.A.'      8 
# 
_citation.id                        primary 
_citation.title                     
'Structure of the Polycomb Group Protein PCGF1 in Complex with BCOR Reveals Basis for Binding Selectivity of PCGF Homologs.' 
_citation.journal_abbrev            Structure 
_citation.journal_volume            21 
_citation.page_first                665 
_citation.page_last                 671 
_citation.year                      2013 
_citation.journal_id_ASTM           STRUE6 
_citation.country                   UK 
_citation.journal_id_ISSN           0969-2126 
_citation.journal_id_CSD            2005 
_citation.book_publisher            ? 
_citation.pdbx_database_id_PubMed   23523425 
_citation.pdbx_database_id_DOI      10.1016/j.str.2013.02.013 
# 
loop_
_citation_author.citation_id 
_citation_author.name 
_citation_author.ordinal 
_citation_author.identifier_ORCID 
primary 'Junco, S.E.'    1  ? 
primary 'Wang, R.'       2  ? 
primary 'Gaipa, J.C.'    3  ? 
primary 'Taylor, A.B.'   4  ? 
primary 'Schirf, V.'     5  ? 
primary 'Gearhart, M.D.' 6  ? 
primary 'Bardwell, V.J.' 7  ? 
primary 'Demeler, B.'    8  ? 
primary 'Hart, P.J.'     9  ? 
primary 'Kim, C.A.'      10 ? 
# 
loop_
_entity.id 
_entity.type 
_entity.src_method 
_entity.pdbx_description 
_entity.formula_weight 
_entity.pdbx_number_of_molecules 
_entity.pdbx_ec 
_entity.pdbx_mutation 
_entity.pdbx_fragment 
_entity.details 
1 polymer man 'BCL-6 corepressor'                    13679.508 1  ? ? 'UNP residues 1634-1748' ? 
2 polymer man 'Polycomb group RING finger protein 1' 11074.042 1  ? ? 'UNP residues 167-255'   ? 
3 water   nat water                                  18.015    79 ? ? ?                        ? 
# 
loop_
_entity_name_com.entity_id 
_entity_name_com.name 
1 BCoR                                                                              
2 'Nervous system Polycomb-1, NSPc1, RING finger protein 68, PCGF1 Ub fold (RAWUL)' 
# 
loop_
_entity_poly.entity_id 
_entity_poly.type 
_entity_poly.nstd_linkage 
_entity_poly.nstd_monomer 
_entity_poly.pdbx_seq_one_letter_code 
_entity_poly.pdbx_seq_one_letter_code_can 
_entity_poly.pdbx_strand_id 
_entity_poly.pdbx_target_identifier 
1 'polypeptide(L)' no no 
;METRSDVFEFEFSETPLLPCYNIQVSVAQGPRNWLLLSDVLKKLKMSSRIFRCNFPNVEIVTIAEAEFYRQVSASLLFSC
SKDLEAFNPESKELLDLVEFTNEIQTLLGSSVEWLHPSD
;
;METRSDVFEFEFSETPLLPCYNIQVSVAQGPRNWLLLSDVLKKLKMSSRIFRCNFPNVEIVTIAEAEFYRQVSASLLFSC
SKDLEAFNPESKELLDLVEFTNEIQTLLGSSVEWLHPSD
;
A ? 
2 'polypeptide(L)' no no 
;QGTREQLNLCLERLSSGKDKNKSVLQNKYVRCSVRAEVRHLRRVLCHRLMLNPQHVQLLFDNEVLPDHMTMKQIWLSRWF
GKPSPLLLQYSVK
;
;QGTREQLNLCLERLSSGKDKNKSVLQNKYVRCSVRAEVRHLRRVLCHRLMLNPQHVQLLFDNEVLPDHMTMKQIWLSRWF
GKPSPLLLQYSVK
;
B ? 
# 
_pdbx_entity_nonpoly.entity_id   3 
_pdbx_entity_nonpoly.name        water 
_pdbx_entity_nonpoly.comp_id     HOH 
# 
loop_
_entity_poly_seq.entity_id 
_entity_poly_seq.num 
_entity_poly_seq.mon_id 
_entity_poly_seq.hetero 
1 1   MET n 
1 2   GLU n 
1 3   THR n 
1 4   ARG n 
1 5   SER n 
1 6   ASP n 
1 7   VAL n 
1 8   PHE n 
1 9   GLU n 
1 10  PHE n 
1 11  GLU n 
1 12  PHE n 
1 13  SER n 
1 14  GLU n 
1 15  THR n 
1 16  PRO n 
1 17  LEU n 
1 18  LEU n 
1 19  PRO n 
1 20  CYS n 
1 21  TYR n 
1 22  ASN n 
1 23  ILE n 
1 24  GLN n 
1 25  VAL n 
1 26  SER n 
1 27  VAL n 
1 28  ALA n 
1 29  GLN n 
1 30  GLY n 
1 31  PRO n 
1 32  ARG n 
1 33  ASN n 
1 34  TRP n 
1 35  LEU n 
1 36  LEU n 
1 37  LEU n 
1 38  SER n 
1 39  ASP n 
1 40  VAL n 
1 41  LEU n 
1 42  LYS n 
1 43  LYS n 
1 44  LEU n 
1 45  LYS n 
1 46  MET n 
1 47  SER n 
1 48  SER n 
1 49  ARG n 
1 50  ILE n 
1 51  PHE n 
1 52  ARG n 
1 53  CYS n 
1 54  ASN n 
1 55  PHE n 
1 56  PRO n 
1 57  ASN n 
1 58  VAL n 
1 59  GLU n 
1 60  ILE n 
1 61  VAL n 
1 62  THR n 
1 63  ILE n 
1 64  ALA n 
1 65  GLU n 
1 66  ALA n 
1 67  GLU n 
1 68  PHE n 
1 69  TYR n 
1 70  ARG n 
1 71  GLN n 
1 72  VAL n 
1 73  SER n 
1 74  ALA n 
1 75  SER n 
1 76  LEU n 
1 77  LEU n 
1 78  PHE n 
1 79  SER n 
1 80  CYS n 
1 81  SER n 
1 82  LYS n 
1 83  ASP n 
1 84  LEU n 
1 85  GLU n 
1 86  ALA n 
1 87  PHE n 
1 88  ASN n 
1 89  PRO n 
1 90  GLU n 
1 91  SER n 
1 92  LYS n 
1 93  GLU n 
1 94  LEU n 
1 95  LEU n 
1 96  ASP n 
1 97  LEU n 
1 98  VAL n 
1 99  GLU n 
1 100 PHE n 
1 101 THR n 
1 102 ASN n 
1 103 GLU n 
1 104 ILE n 
1 105 GLN n 
1 106 THR n 
1 107 LEU n 
1 108 LEU n 
1 109 GLY n 
1 110 SER n 
1 111 SER n 
1 112 VAL n 
1 113 GLU n 
1 114 TRP n 
1 115 LEU n 
1 116 HIS n 
1 117 PRO n 
1 118 SER n 
1 119 ASP n 
2 1   GLN n 
2 2   GLY n 
2 3   THR n 
2 4   ARG n 
2 5   GLU n 
2 6   GLN n 
2 7   LEU n 
2 8   ASN n 
2 9   LEU n 
2 10  CYS n 
2 11  LEU n 
2 12  GLU n 
2 13  ARG n 
2 14  LEU n 
2 15  SER n 
2 16  SER n 
2 17  GLY n 
2 18  LYS n 
2 19  ASP n 
2 20  LYS n 
2 21  ASN n 
2 22  LYS n 
2 23  SER n 
2 24  VAL n 
2 25  LEU n 
2 26  GLN n 
2 27  ASN n 
2 28  LYS n 
2 29  TYR n 
2 30  VAL n 
2 31  ARG n 
2 32  CYS n 
2 33  SER n 
2 34  VAL n 
2 35  ARG n 
2 36  ALA n 
2 37  GLU n 
2 38  VAL n 
2 39  ARG n 
2 40  HIS n 
2 41  LEU n 
2 42  ARG n 
2 43  ARG n 
2 44  VAL n 
2 45  LEU n 
2 46  CYS n 
2 47  HIS n 
2 48  ARG n 
2 49  LEU n 
2 50  MET n 
2 51  LEU n 
2 52  ASN n 
2 53  PRO n 
2 54  GLN n 
2 55  HIS n 
2 56  VAL n 
2 57  GLN n 
2 58  LEU n 
2 59  LEU n 
2 60  PHE n 
2 61  ASP n 
2 62  ASN n 
2 63  GLU n 
2 64  VAL n 
2 65  LEU n 
2 66  PRO n 
2 67  ASP n 
2 68  HIS n 
2 69  MET n 
2 70  THR n 
2 71  MET n 
2 72  LYS n 
2 73  GLN n 
2 74  ILE n 
2 75  TRP n 
2 76  LEU n 
2 77  SER n 
2 78  ARG n 
2 79  TRP n 
2 80  PHE n 
2 81  GLY n 
2 82  LYS n 
2 83  PRO n 
2 84  SER n 
2 85  PRO n 
2 86  LEU n 
2 87  LEU n 
2 88  LEU n 
2 89  GLN n 
2 90  TYR n 
2 91  SER n 
2 92  VAL n 
2 93  LYS n 
# 
loop_
_entity_src_gen.entity_id 
_entity_src_gen.pdbx_src_id 
_entity_src_gen.pdbx_alt_source_flag 
_entity_src_gen.pdbx_seq_type 
_entity_src_gen.pdbx_beg_seq_num 
_entity_src_gen.pdbx_end_seq_num 
_entity_src_gen.gene_src_common_name 
_entity_src_gen.gene_src_genus 
_entity_src_gen.pdbx_gene_src_gene 
_entity_src_gen.gene_src_species 
_entity_src_gen.gene_src_strain 
_entity_src_gen.gene_src_tissue 
_entity_src_gen.gene_src_tissue_fraction 
_entity_src_gen.gene_src_details 
_entity_src_gen.pdbx_gene_src_fragment 
_entity_src_gen.pdbx_gene_src_scientific_name 
_entity_src_gen.pdbx_gene_src_ncbi_taxonomy_id 
_entity_src_gen.pdbx_gene_src_variant 
_entity_src_gen.pdbx_gene_src_cell_line 
_entity_src_gen.pdbx_gene_src_atcc 
_entity_src_gen.pdbx_gene_src_organ 
_entity_src_gen.pdbx_gene_src_organelle 
_entity_src_gen.pdbx_gene_src_cell 
_entity_src_gen.pdbx_gene_src_cellular_location 
_entity_src_gen.host_org_common_name 
_entity_src_gen.pdbx_host_org_scientific_name 
_entity_src_gen.pdbx_host_org_ncbi_taxonomy_id 
_entity_src_gen.host_org_genus 
_entity_src_gen.pdbx_host_org_gene 
_entity_src_gen.pdbx_host_org_organ 
_entity_src_gen.host_org_species 
_entity_src_gen.pdbx_host_org_tissue 
_entity_src_gen.pdbx_host_org_tissue_fraction 
_entity_src_gen.pdbx_host_org_strain 
_entity_src_gen.pdbx_host_org_variant 
_entity_src_gen.pdbx_host_org_cell_line 
_entity_src_gen.pdbx_host_org_atcc 
_entity_src_gen.pdbx_host_org_culture_collection 
_entity_src_gen.pdbx_host_org_cell 
_entity_src_gen.pdbx_host_org_organelle 
_entity_src_gen.pdbx_host_org_cellular_location 
_entity_src_gen.pdbx_host_org_vector_type 
_entity_src_gen.pdbx_host_org_vector 
_entity_src_gen.host_org_details 
_entity_src_gen.expression_system_id 
_entity_src_gen.plasmid_name 
_entity_src_gen.plasmid_details 
_entity_src_gen.pdbx_description 
1 1 sample ? ? ? human ? 'BCOR, KIAA1575'      ? ? ? ? ? ? 'Homo sapiens' 9606 ? ? ? ? ? ? ? ? 'Escherichia coli' 469008 ? ? ? ? ? 
? 'BL21(DE3)' ? ? ? ? ? ? ? plasmid ? ? ? pET-30a ? ? 
2 1 sample ? ? ? human ? 'NSPC1, PCGF1, RNF68' ? ? ? ? ? ? 'Homo sapiens' 9606 ? ? ? ? ? ? ? ? 'Escherichia coli' 469008 ? ? ? ? ? 
? 'BL21(DE3)' ? ? ? ? ? ? ? plasmid ? ? ? pet-3c  ? ? 
# 
loop_
_chem_comp.id 
_chem_comp.type 
_chem_comp.mon_nstd_flag 
_chem_comp.name 
_chem_comp.pdbx_synonyms 
_chem_comp.formula 
_chem_comp.formula_weight 
ALA 'L-peptide linking' y ALANINE         ? 'C3 H7 N O2'     89.093  
ARG 'L-peptide linking' y ARGININE        ? 'C6 H15 N4 O2 1' 175.209 
ASN 'L-peptide linking' y ASPARAGINE      ? 'C4 H8 N2 O3'    132.118 
ASP 'L-peptide linking' y 'ASPARTIC ACID' ? 'C4 H7 N O4'     133.103 
CYS 'L-peptide linking' y CYSTEINE        ? 'C3 H7 N O2 S'   121.158 
GLN 'L-peptide linking' y GLUTAMINE       ? 'C5 H10 N2 O3'   146.144 
GLU 'L-peptide linking' y 'GLUTAMIC ACID' ? 'C5 H9 N O4'     147.129 
GLY 'peptide linking'   y GLYCINE         ? 'C2 H5 N O2'     75.067  
HIS 'L-peptide linking' y HISTIDINE       ? 'C6 H10 N3 O2 1' 156.162 
HOH non-polymer         . WATER           ? 'H2 O'           18.015  
ILE 'L-peptide linking' y ISOLEUCINE      ? 'C6 H13 N O2'    131.173 
LEU 'L-peptide linking' y LEUCINE         ? 'C6 H13 N O2'    131.173 
LYS 'L-peptide linking' y LYSINE          ? 'C6 H15 N2 O2 1' 147.195 
MET 'L-peptide linking' y METHIONINE      ? 'C5 H11 N O2 S'  149.211 
PHE 'L-peptide linking' y PHENYLALANINE   ? 'C9 H11 N O2'    165.189 
PRO 'L-peptide linking' y PROLINE         ? 'C5 H9 N O2'     115.130 
SER 'L-peptide linking' y SERINE          ? 'C3 H7 N O3'     105.093 
THR 'L-peptide linking' y THREONINE       ? 'C4 H9 N O3'     119.119 
TRP 'L-peptide linking' y TRYPTOPHAN      ? 'C11 H12 N2 O2'  204.225 
TYR 'L-peptide linking' y TYROSINE        ? 'C9 H11 N O3'    181.189 
VAL 'L-peptide linking' y VALINE          ? 'C5 H11 N O2'    117.146 
# 
loop_
_pdbx_poly_seq_scheme.asym_id 
_pdbx_poly_seq_scheme.entity_id 
_pdbx_poly_seq_scheme.seq_id 
_pdbx_poly_seq_scheme.mon_id 
_pdbx_poly_seq_scheme.ndb_seq_num 
_pdbx_poly_seq_scheme.pdb_seq_num 
_pdbx_poly_seq_scheme.auth_seq_num 
_pdbx_poly_seq_scheme.pdb_mon_id 
_pdbx_poly_seq_scheme.auth_mon_id 
_pdbx_poly_seq_scheme.pdb_strand_id 
_pdbx_poly_seq_scheme.pdb_ins_code 
_pdbx_poly_seq_scheme.hetero 
A 1 1   MET 1   1630 ?    ?   ?   A . n 
A 1 2   GLU 2   1631 ?    ?   ?   A . n 
A 1 3   THR 3   1632 ?    ?   ?   A . n 
A 1 4   ARG 4   1633 ?    ?   ?   A . n 
A 1 5   SER 5   1634 ?    ?   ?   A . n 
A 1 6   ASP 6   1635 ?    ?   ?   A . n 
A 1 7   VAL 7   1636 1636 VAL VAL A . n 
A 1 8   PHE 8   1637 1637 PHE PHE A . n 
A 1 9   GLU 9   1638 1638 GLU GLU A . n 
A 1 10  PHE 10  1639 1639 PHE PHE A . n 
A 1 11  GLU 11  1640 1640 GLU GLU A . n 
A 1 12  PHE 12  1641 1641 PHE PHE A . n 
A 1 13  SER 13  1642 1642 SER SER A . n 
A 1 14  GLU 14  1643 1643 GLU GLU A . n 
A 1 15  THR 15  1644 1644 THR THR A . n 
A 1 16  PRO 16  1645 1645 PRO PRO A . n 
A 1 17  LEU 17  1646 1646 LEU LEU A . n 
A 1 18  LEU 18  1647 1647 LEU LEU A . n 
A 1 19  PRO 19  1648 1648 PRO PRO A . n 
A 1 20  CYS 20  1649 1649 CYS CYS A . n 
A 1 21  TYR 21  1650 1650 TYR TYR A . n 
A 1 22  ASN 22  1651 1651 ASN ASN A . n 
A 1 23  ILE 23  1652 1652 ILE ILE A . n 
A 1 24  GLN 24  1653 1653 GLN GLN A . n 
A 1 25  VAL 25  1654 1654 VAL VAL A . n 
A 1 26  SER 26  1655 1655 SER SER A . n 
A 1 27  VAL 27  1656 1656 VAL VAL A . n 
A 1 28  ALA 28  1657 1657 ALA ALA A . n 
A 1 29  GLN 29  1658 1658 GLN GLN A . n 
A 1 30  GLY 30  1659 1659 GLY GLY A . n 
A 1 31  PRO 31  1660 1660 PRO PRO A . n 
A 1 32  ARG 32  1661 1661 ARG ARG A . n 
A 1 33  ASN 33  1662 1662 ASN ASN A . n 
A 1 34  TRP 34  1663 1663 TRP TRP A . n 
A 1 35  LEU 35  1664 1664 LEU LEU A . n 
A 1 36  LEU 36  1665 1665 LEU LEU A . n 
A 1 37  LEU 37  1666 1666 LEU LEU A . n 
A 1 38  SER 38  1667 1667 SER SER A . n 
A 1 39  ASP 39  1668 1668 ASP ASP A . n 
A 1 40  VAL 40  1669 1669 VAL VAL A . n 
A 1 41  LEU 41  1670 1670 LEU LEU A . n 
A 1 42  LYS 42  1671 1671 LYS LYS A . n 
A 1 43  LYS 43  1672 1672 LYS LYS A . n 
A 1 44  LEU 44  1673 1673 LEU LEU A . n 
A 1 45  LYS 45  1674 1674 LYS LYS A . n 
A 1 46  MET 46  1675 1675 MET MET A . n 
A 1 47  SER 47  1676 1676 SER SER A . n 
A 1 48  SER 48  1677 1677 SER SER A . n 
A 1 49  ARG 49  1678 1678 ARG ARG A . n 
A 1 50  ILE 50  1679 1679 ILE ILE A . n 
A 1 51  PHE 51  1680 1680 PHE PHE A . n 
A 1 52  ARG 52  1681 1681 ARG ARG A . n 
A 1 53  CYS 53  1682 1682 CYS CYS A . n 
A 1 54  ASN 54  1683 1683 ASN ASN A . n 
A 1 55  PHE 55  1684 1684 PHE PHE A . n 
A 1 56  PRO 56  1685 1685 PRO PRO A . n 
A 1 57  ASN 57  1686 1686 ASN ASN A . n 
A 1 58  VAL 58  1687 1687 VAL VAL A . n 
A 1 59  GLU 59  1688 1688 GLU GLU A . n 
A 1 60  ILE 60  1689 1689 ILE ILE A . n 
A 1 61  VAL 61  1690 1690 VAL VAL A . n 
A 1 62  THR 62  1691 1691 THR THR A . n 
A 1 63  ILE 63  1692 1692 ILE ILE A . n 
A 1 64  ALA 64  1693 1693 ALA ALA A . n 
A 1 65  GLU 65  1694 1694 GLU GLU A . n 
A 1 66  ALA 66  1695 1695 ALA ALA A . n 
A 1 67  GLU 67  1696 1696 GLU GLU A . n 
A 1 68  PHE 68  1697 1697 PHE PHE A . n 
A 1 69  TYR 69  1698 1698 TYR TYR A . n 
A 1 70  ARG 70  1699 1699 ARG ARG A . n 
A 1 71  GLN 71  1700 1700 GLN GLN A . n 
A 1 72  VAL 72  1701 1701 VAL VAL A . n 
A 1 73  SER 73  1702 1702 SER SER A . n 
A 1 74  ALA 74  1703 1703 ALA ALA A . n 
A 1 75  SER 75  1704 1704 SER SER A . n 
A 1 76  LEU 76  1705 1705 LEU LEU A . n 
A 1 77  LEU 77  1706 1706 LEU LEU A . n 
A 1 78  PHE 78  1707 1707 PHE PHE A . n 
A 1 79  SER 79  1708 1708 SER SER A . n 
A 1 80  CYS 80  1709 1709 CYS CYS A . n 
A 1 81  SER 81  1710 1710 SER SER A . n 
A 1 82  LYS 82  1711 1711 LYS LYS A . n 
A 1 83  ASP 83  1712 1712 ASP ASP A . n 
A 1 84  LEU 84  1713 1713 LEU LEU A . n 
A 1 85  GLU 85  1714 1714 GLU GLU A . n 
A 1 86  ALA 86  1715 1715 ALA ALA A . n 
A 1 87  PHE 87  1716 1716 PHE PHE A . n 
A 1 88  ASN 88  1717 1717 ASN ASN A . n 
A 1 89  PRO 89  1718 1718 PRO PRO A . n 
A 1 90  GLU 90  1719 1719 GLU GLU A . n 
A 1 91  SER 91  1720 1720 SER SER A . n 
A 1 92  LYS 92  1721 1721 LYS LYS A . n 
A 1 93  GLU 93  1722 1722 GLU GLU A . n 
A 1 94  LEU 94  1723 1723 LEU LEU A . n 
A 1 95  LEU 95  1724 1724 LEU LEU A . n 
A 1 96  ASP 96  1725 1725 ASP ASP A . n 
A 1 97  LEU 97  1726 1726 LEU LEU A . n 
A 1 98  VAL 98  1727 1727 VAL VAL A . n 
A 1 99  GLU 99  1728 1728 GLU GLU A . n 
A 1 100 PHE 100 1729 1729 PHE PHE A . n 
A 1 101 THR 101 1730 1730 THR THR A . n 
A 1 102 ASN 102 1731 1731 ASN ASN A . n 
A 1 103 GLU 103 1732 1732 GLU GLU A . n 
A 1 104 ILE 104 1733 1733 ILE ILE A . n 
A 1 105 GLN 105 1734 1734 GLN GLN A . n 
A 1 106 THR 106 1735 1735 THR THR A . n 
A 1 107 LEU 107 1736 1736 LEU LEU A . n 
A 1 108 LEU 108 1737 1737 LEU LEU A . n 
A 1 109 GLY 109 1738 1738 GLY GLY A . n 
A 1 110 SER 110 1739 1739 SER SER A . n 
A 1 111 SER 111 1740 1740 SER SER A . n 
A 1 112 VAL 112 1741 1741 VAL VAL A . n 
A 1 113 GLU 113 1742 1742 GLU GLU A . n 
A 1 114 TRP 114 1743 1743 TRP TRP A . n 
A 1 115 LEU 115 1744 1744 LEU LEU A . n 
A 1 116 HIS 116 1745 1745 HIS HIS A . n 
A 1 117 PRO 117 1746 1746 PRO PRO A . n 
A 1 118 SER 118 1747 1747 SER SER A . n 
A 1 119 ASP 119 1748 1748 ASP ASP A . n 
B 2 1   GLN 1   163  ?    ?   ?   B . n 
B 2 2   GLY 2   164  ?    ?   ?   B . n 
B 2 3   THR 3   165  165  THR THR B . n 
B 2 4   ARG 4   166  166  ARG ARG B . n 
B 2 5   GLU 5   167  167  GLU GLU B . n 
B 2 6   GLN 6   168  168  GLN GLN B . n 
B 2 7   LEU 7   169  169  LEU LEU B . n 
B 2 8   ASN 8   170  170  ASN ASN B . n 
B 2 9   LEU 9   171  171  LEU LEU B . n 
B 2 10  CYS 10  172  172  CYS CYS B . n 
B 2 11  LEU 11  173  173  LEU LEU B . n 
B 2 12  GLU 12  174  174  GLU GLU B . n 
B 2 13  ARG 13  175  175  ARG ARG B . n 
B 2 14  LEU 14  176  176  LEU LEU B . n 
B 2 15  SER 15  177  177  SER SER B . n 
B 2 16  SER 16  178  ?    ?   ?   B . n 
B 2 17  GLY 17  179  ?    ?   ?   B . n 
B 2 18  LYS 18  180  ?    ?   ?   B . n 
B 2 19  ASP 19  181  ?    ?   ?   B . n 
B 2 20  LYS 20  182  ?    ?   ?   B . n 
B 2 21  ASN 21  183  ?    ?   ?   B . n 
B 2 22  LYS 22  184  ?    ?   ?   B . n 
B 2 23  SER 23  185  185  SER SER B . n 
B 2 24  VAL 24  186  186  VAL VAL B . n 
B 2 25  LEU 25  187  187  LEU LEU B . n 
B 2 26  GLN 26  188  188  GLN GLN B . n 
B 2 27  ASN 27  189  189  ASN ASN B . n 
B 2 28  LYS 28  190  190  LYS LYS B . n 
B 2 29  TYR 29  191  191  TYR TYR B . n 
B 2 30  VAL 30  192  192  VAL VAL B . n 
B 2 31  ARG 31  193  193  ARG ARG B . n 
B 2 32  CYS 32  194  194  CYS CYS B . n 
B 2 33  SER 33  195  195  SER SER B . n 
B 2 34  VAL 34  196  196  VAL VAL B . n 
B 2 35  ARG 35  197  197  ARG ARG B . n 
B 2 36  ALA 36  198  198  ALA ALA B . n 
B 2 37  GLU 37  199  199  GLU GLU B . n 
B 2 38  VAL 38  200  200  VAL VAL B . n 
B 2 39  ARG 39  201  201  ARG ARG B . n 
B 2 40  HIS 40  202  202  HIS HIS B . n 
B 2 41  LEU 41  203  203  LEU LEU B . n 
B 2 42  ARG 42  204  204  ARG ARG B . n 
B 2 43  ARG 43  205  205  ARG ARG B . n 
B 2 44  VAL 44  206  206  VAL VAL B . n 
B 2 45  LEU 45  207  207  LEU LEU B . n 
B 2 46  CYS 46  208  208  CYS CYS B . n 
B 2 47  HIS 47  209  209  HIS HIS B . n 
B 2 48  ARG 48  210  210  ARG ARG B . n 
B 2 49  LEU 49  211  211  LEU LEU B . n 
B 2 50  MET 50  212  212  MET MET B . n 
B 2 51  LEU 51  213  213  LEU LEU B . n 
B 2 52  ASN 52  214  214  ASN ASN B . n 
B 2 53  PRO 53  215  215  PRO PRO B . n 
B 2 54  GLN 54  216  216  GLN GLN B . n 
B 2 55  HIS 55  217  217  HIS HIS B . n 
B 2 56  VAL 56  218  218  VAL VAL B . n 
B 2 57  GLN 57  219  219  GLN GLN B . n 
B 2 58  LEU 58  220  220  LEU LEU B . n 
B 2 59  LEU 59  221  221  LEU LEU B . n 
B 2 60  PHE 60  222  222  PHE PHE B . n 
B 2 61  ASP 61  223  223  ASP ASP B . n 
B 2 62  ASN 62  224  224  ASN ASN B . n 
B 2 63  GLU 63  225  225  GLU GLU B . n 
B 2 64  VAL 64  226  226  VAL VAL B . n 
B 2 65  LEU 65  227  227  LEU LEU B . n 
B 2 66  PRO 66  228  228  PRO PRO B . n 
B 2 67  ASP 67  229  229  ASP ASP B . n 
B 2 68  HIS 68  230  230  HIS HIS B . n 
B 2 69  MET 69  231  231  MET MET B . n 
B 2 70  THR 70  232  232  THR THR B . n 
B 2 71  MET 71  233  233  MET MET B . n 
B 2 72  LYS 72  234  234  LYS LYS B . n 
B 2 73  GLN 73  235  235  GLN GLN B . n 
B 2 74  ILE 74  236  236  ILE ILE B . n 
B 2 75  TRP 75  237  237  TRP TRP B . n 
B 2 76  LEU 76  238  238  LEU LEU B . n 
B 2 77  SER 77  239  239  SER SER B . n 
B 2 78  ARG 78  240  240  ARG ARG B . n 
B 2 79  TRP 79  241  241  TRP TRP B . n 
B 2 80  PHE 80  242  242  PHE PHE B . n 
B 2 81  GLY 81  243  243  GLY GLY B . n 
B 2 82  LYS 82  244  244  LYS LYS B . n 
B 2 83  PRO 83  245  245  PRO PRO B . n 
B 2 84  SER 84  246  246  SER SER B . n 
B 2 85  PRO 85  247  247  PRO PRO B . n 
B 2 86  LEU 86  248  248  LEU LEU B . n 
B 2 87  LEU 87  249  249  LEU LEU B . n 
B 2 88  LEU 88  250  250  LEU LEU B . n 
B 2 89  GLN 89  251  251  GLN GLN B . n 
B 2 90  TYR 90  252  252  TYR TYR B . n 
B 2 91  SER 91  253  253  SER SER B . n 
B 2 92  VAL 92  254  254  VAL VAL B . n 
B 2 93  LYS 93  255  ?    ?   ?   B . n 
# 
loop_
_pdbx_nonpoly_scheme.asym_id 
_pdbx_nonpoly_scheme.entity_id 
_pdbx_nonpoly_scheme.mon_id 
_pdbx_nonpoly_scheme.ndb_seq_num 
_pdbx_nonpoly_scheme.pdb_seq_num 
_pdbx_nonpoly_scheme.auth_seq_num 
_pdbx_nonpoly_scheme.pdb_mon_id 
_pdbx_nonpoly_scheme.auth_mon_id 
_pdbx_nonpoly_scheme.pdb_strand_id 
_pdbx_nonpoly_scheme.pdb_ins_code 
C 3 HOH 1  1801 1  HOH HOH A . 
C 3 HOH 2  1802 2  HOH HOH A . 
C 3 HOH 3  1803 3  HOH HOH A . 
C 3 HOH 4  1804 4  HOH HOH A . 
C 3 HOH 5  1805 5  HOH HOH A . 
C 3 HOH 6  1806 6  HOH HOH A . 
C 3 HOH 7  1807 7  HOH HOH A . 
C 3 HOH 8  1808 9  HOH HOH A . 
C 3 HOH 9  1809 10 HOH HOH A . 
C 3 HOH 10 1810 11 HOH HOH A . 
C 3 HOH 11 1811 13 HOH HOH A . 
C 3 HOH 12 1812 15 HOH HOH A . 
C 3 HOH 13 1813 16 HOH HOH A . 
C 3 HOH 14 1814 17 HOH HOH A . 
C 3 HOH 15 1815 18 HOH HOH A . 
C 3 HOH 16 1816 20 HOH HOH A . 
C 3 HOH 17 1817 21 HOH HOH A . 
C 3 HOH 18 1818 22 HOH HOH A . 
C 3 HOH 19 1819 24 HOH HOH A . 
C 3 HOH 20 1820 25 HOH HOH A . 
C 3 HOH 21 1821 27 HOH HOH A . 
C 3 HOH 22 1822 28 HOH HOH A . 
C 3 HOH 23 1823 29 HOH HOH A . 
C 3 HOH 24 1824 30 HOH HOH A . 
C 3 HOH 25 1825 31 HOH HOH A . 
C 3 HOH 26 1826 33 HOH HOH A . 
C 3 HOH 27 1827 35 HOH HOH A . 
C 3 HOH 28 1828 36 HOH HOH A . 
C 3 HOH 29 1829 38 HOH HOH A . 
C 3 HOH 30 1830 39 HOH HOH A . 
C 3 HOH 31 1831 40 HOH HOH A . 
C 3 HOH 32 1832 42 HOH HOH A . 
C 3 HOH 33 1833 43 HOH HOH A . 
C 3 HOH 34 1834 44 HOH HOH A . 
C 3 HOH 35 1835 45 HOH HOH A . 
C 3 HOH 36 1836 46 HOH HOH A . 
C 3 HOH 37 1837 47 HOH HOH A . 
C 3 HOH 38 1838 48 HOH HOH A . 
C 3 HOH 39 1839 49 HOH HOH A . 
C 3 HOH 40 1840 51 HOH HOH A . 
C 3 HOH 41 1841 52 HOH HOH A . 
C 3 HOH 42 1842 54 HOH HOH A . 
C 3 HOH 43 1843 56 HOH HOH A . 
C 3 HOH 44 1844 57 HOH HOH A . 
C 3 HOH 45 1845 58 HOH HOH A . 
C 3 HOH 46 1846 60 HOH HOH A . 
C 3 HOH 47 1847 61 HOH HOH A . 
C 3 HOH 48 1848 62 HOH HOH A . 
C 3 HOH 49 1849 63 HOH HOH A . 
C 3 HOH 50 1850 64 HOH HOH A . 
C 3 HOH 51 1851 65 HOH HOH A . 
C 3 HOH 52 1852 67 HOH HOH A . 
C 3 HOH 53 1853 70 HOH HOH A . 
C 3 HOH 54 1854 71 HOH HOH A . 
C 3 HOH 55 1855 73 HOH HOH A . 
C 3 HOH 56 1856 74 HOH HOH A . 
C 3 HOH 57 1857 75 HOH HOH A . 
C 3 HOH 58 1858 77 HOH HOH A . 
C 3 HOH 59 1859 78 HOH HOH A . 
C 3 HOH 60 1860 79 HOH HOH A . 
D 3 HOH 1  301  8  HOH HOH B . 
D 3 HOH 2  302  12 HOH HOH B . 
D 3 HOH 3  303  14 HOH HOH B . 
D 3 HOH 4  304  19 HOH HOH B . 
D 3 HOH 5  305  23 HOH HOH B . 
D 3 HOH 6  306  26 HOH HOH B . 
D 3 HOH 7  307  32 HOH HOH B . 
D 3 HOH 8  308  34 HOH HOH B . 
D 3 HOH 9  309  37 HOH HOH B . 
D 3 HOH 10 310  41 HOH HOH B . 
D 3 HOH 11 311  50 HOH HOH B . 
D 3 HOH 12 312  53 HOH HOH B . 
D 3 HOH 13 313  55 HOH HOH B . 
D 3 HOH 14 314  59 HOH HOH B . 
D 3 HOH 15 315  66 HOH HOH B . 
D 3 HOH 16 316  68 HOH HOH B . 
D 3 HOH 17 317  69 HOH HOH B . 
D 3 HOH 18 318  72 HOH HOH B . 
D 3 HOH 19 319  76 HOH HOH B . 
# 
loop_
_software.name 
_software.classification 
_software.version 
_software.citation_id 
_software.pdbx_ordinal 
SHARP  phasing          .                             ? 1 
PHENIX refinement       '(phenix.refine: 1.8.1_1161)' ? 2 
XDS    'data reduction' .                             ? 3 
XDS    'data scaling'   .                             ? 4 
# 
_cell.entry_id           4HPL 
_cell.length_a           67.681 
_cell.length_b           67.681 
_cell.length_c           75.742 
_cell.angle_alpha        90.00 
_cell.angle_beta         90.00 
_cell.angle_gamma        120.00 
_cell.Z_PDB              6 
_cell.pdbx_unique_axis   ? 
_cell.length_a_esd       ? 
_cell.length_b_esd       ? 
_cell.length_c_esd       ? 
_cell.angle_alpha_esd    ? 
_cell.angle_beta_esd     ? 
_cell.angle_gamma_esd    ? 
# 
_symmetry.entry_id                         4HPL 
_symmetry.space_group_name_H-M             'P 62' 
_symmetry.pdbx_full_space_group_name_H-M   ? 
_symmetry.cell_setting                     ? 
_symmetry.Int_Tables_number                171 
_symmetry.space_group_name_Hall            ? 
# 
_exptl.entry_id          4HPL 
_exptl.method            'X-RAY DIFFRACTION' 
_exptl.crystals_number   1 
# 
_exptl_crystal.id                    1 
_exptl_crystal.density_meas          ? 
_exptl_crystal.density_Matthews      2.02 
_exptl_crystal.density_percent_sol   39.20 
_exptl_crystal.description           ? 
_exptl_crystal.F_000                 ? 
_exptl_crystal.preparation           ? 
# 
_exptl_crystal_grow.crystal_id      1 
_exptl_crystal_grow.method          'VAPOR DIFFUSION, HANGING DROP' 
_exptl_crystal_grow.temp            295 
_exptl_crystal_grow.temp_details    ? 
_exptl_crystal_grow.pH              6.6 
_exptl_crystal_grow.pdbx_details    
;50 mM MES, 8.5% polyethylene glycol (PEG) 8000, 300 mM sodium bromide, 10% ethylene glycol, pH 6.6, VAPOR DIFFUSION, HANGING DROP, temperature 295K
;
_exptl_crystal_grow.pdbx_pH_range   ? 
# 
_diffrn.id                     1 
_diffrn.ambient_temp           100 
_diffrn.ambient_temp_details   ? 
_diffrn.crystal_id             1 
# 
_diffrn_detector.diffrn_id              1 
_diffrn_detector.detector               CCD 
_diffrn_detector.type                   NOIR-1 
_diffrn_detector.pdbx_collection_date   2010-08-22 
_diffrn_detector.details                ? 
# 
_diffrn_radiation.diffrn_id                        1 
_diffrn_radiation.wavelength_id                    1 
_diffrn_radiation.pdbx_monochromatic_or_laue_m_l   M 
_diffrn_radiation.monochromator                    ? 
_diffrn_radiation.pdbx_diffrn_protocol             'SINGLE WAVELENGTH' 
_diffrn_radiation.pdbx_scattering_type             x-ray 
# 
_diffrn_radiation_wavelength.id           1 
_diffrn_radiation_wavelength.wavelength   0.919 
_diffrn_radiation_wavelength.wt           1.0 
# 
_diffrn_source.diffrn_id                   1 
_diffrn_source.source                      SYNCHROTRON 
_diffrn_source.type                        'ALS BEAMLINE 4.2.2' 
_diffrn_source.pdbx_synchrotron_site       ALS 
_diffrn_source.pdbx_synchrotron_beamline   4.2.2 
_diffrn_source.pdbx_wavelength             ? 
_diffrn_source.pdbx_wavelength_list        0.919 
# 
_reflns.entry_id                     4HPL 
_reflns.observed_criterion_sigma_I   ? 
_reflns.observed_criterion_sigma_F   ? 
_reflns.d_resolution_low             19.54 
_reflns.d_resolution_high            2.0 
_reflns.number_obs                   13386 
_reflns.number_all                   ? 
_reflns.percent_possible_obs         99.9 
_reflns.pdbx_Rsym_value              0.069 
_reflns.pdbx_netI_over_sigmaI        18.5 
_reflns.B_iso_Wilson_estimate        31.8 
_reflns.pdbx_redundancy              11.1 
_reflns.R_free_details               ? 
_reflns.limit_h_max                  ? 
_reflns.limit_h_min                  ? 
_reflns.limit_k_max                  ? 
_reflns.limit_k_min                  ? 
_reflns.limit_l_max                  ? 
_reflns.limit_l_min                  ? 
_reflns.observed_criterion_F_max     ? 
_reflns.observed_criterion_F_min     ? 
_reflns.pdbx_chi_squared             ? 
_reflns.pdbx_scaling_rejects         ? 
_reflns.pdbx_Rmerge_I_obs            ? 
_reflns.pdbx_ordinal                 1 
_reflns.pdbx_diffrn_id               1 
# 
_reflns_shell.d_res_high             2.00 
_reflns_shell.d_res_low              2.11 
_reflns_shell.percent_possible_all   100 
_reflns_shell.Rmerge_I_obs           ? 
_reflns_shell.pdbx_Rsym_value        0.586 
_reflns_shell.meanI_over_sigI_obs    4.1 
_reflns_shell.pdbx_redundancy        10.1 
_reflns_shell.percent_possible_obs   ? 
_reflns_shell.number_unique_all      1949 
_reflns_shell.number_measured_all    ? 
_reflns_shell.number_measured_obs    ? 
_reflns_shell.number_unique_obs      ? 
_reflns_shell.pdbx_chi_squared       ? 
_reflns_shell.pdbx_ordinal           1 
_reflns_shell.pdbx_diffrn_id         1 
# 
_refine.entry_id                                 4HPL 
_refine.ls_number_reflns_obs                     13359 
_refine.ls_number_reflns_all                     ? 
_refine.pdbx_ls_sigma_I                          ? 
_refine.pdbx_ls_sigma_F                          2.03 
_refine.pdbx_data_cutoff_high_absF               ? 
_refine.pdbx_data_cutoff_low_absF                ? 
_refine.pdbx_data_cutoff_high_rms_absF           ? 
_refine.ls_d_res_low                             19.54 
_refine.ls_d_res_high                            2.000 
_refine.ls_percent_reflns_obs                    99.93 
_refine.ls_R_factor_obs                          0.2168 
_refine.ls_R_factor_R_work                       0.2121 
_refine.ls_R_factor_R_free                       0.2606 
_refine.ls_R_factor_R_free_error                 ? 
_refine.ls_R_factor_R_free_error_details         ? 
_refine.ls_percent_reflns_R_free                 9.92 
_refine.ls_number_reflns_R_free                  1325 
_refine.ls_number_parameters                     ? 
_refine.ls_number_restraints                     ? 
_refine.occupancy_min                            ? 
_refine.occupancy_max                            ? 
_refine.correlation_coeff_Fo_to_Fc               ? 
_refine.correlation_coeff_Fo_to_Fc_free          ? 
_refine.B_iso_mean                               26.9 
_refine.aniso_B[1][1]                            ? 
_refine.aniso_B[2][2]                            ? 
_refine.aniso_B[3][3]                            ? 
_refine.aniso_B[1][2]                            ? 
_refine.aniso_B[1][3]                            ? 
_refine.aniso_B[2][3]                            ? 
_refine.solvent_model_details                    'FLAT BULK SOLVENT MODEL' 
_refine.solvent_model_param_ksol                 ? 
_refine.solvent_model_param_bsol                 ? 
_refine.pdbx_solvent_vdw_probe_radii             1.20 
_refine.pdbx_solvent_ion_probe_radii             ? 
_refine.pdbx_solvent_shrinkage_radii             1.00 
_refine.pdbx_ls_cross_valid_method               THROUGHOUT 
_refine.details                                  ? 
_refine.pdbx_starting_model                      ? 
_refine.pdbx_method_to_determine_struct          SAD 
_refine.pdbx_isotropic_thermal_model             isotropic 
_refine.pdbx_stereochemistry_target_values       ML 
_refine.pdbx_stereochem_target_val_spec_case     ? 
_refine.pdbx_R_Free_selection_details            random 
_refine.pdbx_overall_ESU_R                       ? 
_refine.pdbx_overall_ESU_R_Free                  ? 
_refine.overall_SU_ML                            0.27 
_refine.pdbx_overall_phase_error                 32.39 
_refine.overall_SU_B                             ? 
_refine.overall_SU_R_Cruickshank_DPI             ? 
_refine.ls_redundancy_reflns_obs                 ? 
_refine.B_iso_min                                ? 
_refine.B_iso_max                                ? 
_refine.overall_SU_R_free                        ? 
_refine.ls_wR_factor_R_free                      ? 
_refine.ls_wR_factor_R_work                      ? 
_refine.overall_FOM_free_R_set                   ? 
_refine.overall_FOM_work_R_set                   ? 
_refine.ls_R_factor_all                          ? 
_refine.pdbx_diffrn_id                           1 
_refine.pdbx_refine_id                           'X-RAY DIFFRACTION' 
_refine.pdbx_TLS_residual_ADP_flag               ? 
_refine.pdbx_overall_SU_R_free_Cruickshank_DPI   ? 
_refine.pdbx_overall_SU_R_Blow_DPI               ? 
_refine.pdbx_overall_SU_R_free_Blow_DPI          ? 
# 
_refine_hist.pdbx_refine_id                   'X-RAY DIFFRACTION' 
_refine_hist.cycle_id                         LAST 
_refine_hist.pdbx_number_atoms_protein        1612 
_refine_hist.pdbx_number_atoms_nucleic_acid   0 
_refine_hist.pdbx_number_atoms_ligand         0 
_refine_hist.number_atoms_solvent             79 
_refine_hist.number_atoms_total               1691 
_refine_hist.d_res_high                       2.000 
_refine_hist.d_res_low                        19.54 
# 
loop_
_refine_ls_restr.type 
_refine_ls_restr.dev_ideal 
_refine_ls_restr.dev_ideal_target 
_refine_ls_restr.weight 
_refine_ls_restr.number 
_refine_ls_restr.pdbx_restraint_function 
_refine_ls_restr.pdbx_refine_id 
f_bond_d           0.008  ? ? 1647 ? 'X-RAY DIFFRACTION' 
f_angle_d          1.156  ? ? 2231 ? 'X-RAY DIFFRACTION' 
f_dihedral_angle_d 16.224 ? ? 619  ? 'X-RAY DIFFRACTION' 
f_chiral_restr     0.068  ? ? 254  ? 'X-RAY DIFFRACTION' 
f_plane_restr      0.005  ? ? 283  ? 'X-RAY DIFFRACTION' 
# 
loop_
_refine_ls_shell.pdbx_total_number_of_bins_used 
_refine_ls_shell.d_res_high 
_refine_ls_shell.d_res_low 
_refine_ls_shell.number_reflns_R_work 
_refine_ls_shell.R_factor_R_work 
_refine_ls_shell.percent_reflns_obs 
_refine_ls_shell.R_factor_R_free 
_refine_ls_shell.R_factor_R_free_error 
_refine_ls_shell.percent_reflns_R_free 
_refine_ls_shell.number_reflns_R_free 
_refine_ls_shell.number_reflns_all 
_refine_ls_shell.R_factor_all 
_refine_ls_shell.number_reflns_obs 
_refine_ls_shell.redundancy_reflns_obs 
_refine_ls_shell.pdbx_refine_id 
. 2.0    2.0801 1334 0.3171 100.00 0.3572 . . 146 . . . . 'X-RAY DIFFRACTION' 
. 2.0801 2.1746 1326 0.2653 100.00 0.3306 . . 148 . . . . 'X-RAY DIFFRACTION' 
. 2.1746 2.2891 1322 0.2423 100.00 0.3036 . . 148 . . . . 'X-RAY DIFFRACTION' 
. 2.2891 2.4323 1329 0.2390 100.00 0.2940 . . 153 . . . . 'X-RAY DIFFRACTION' 
. 2.4323 2.6197 1336 0.2498 100.00 0.3219 . . 144 . . . . 'X-RAY DIFFRACTION' 
. 2.6197 2.8825 1323 0.2343 100.00 0.3359 . . 147 . . . . 'X-RAY DIFFRACTION' 
. 2.8825 3.2979 1355 0.2185 100.00 0.2740 . . 145 . . . . 'X-RAY DIFFRACTION' 
. 3.2979 4.1485 1336 0.1917 100.00 0.2509 . . 143 . . . . 'X-RAY DIFFRACTION' 
. 4.1485 19.54  1373 0.1783 100.00 0.1964 . . 151 . . . . 'X-RAY DIFFRACTION' 
# 
_struct.entry_id                  4HPL 
_struct.title                     'PCGF1 Ub fold (RAWUL)/BCOR PUFD Complex' 
_struct.pdbx_model_details        ? 
_struct.pdbx_CASP_flag            ? 
_struct.pdbx_model_type_details   ? 
# 
_struct_keywords.entry_id        4HPL 
_struct_keywords.pdbx_keywords   TRANSCRIPTION 
_struct_keywords.text            
;POLYCOMB, BCOR, BCL-6 CO-REPRESSOR, PCGF1, RAWUL, NSPC1, E3-LIGASE, CHROMOSOMAL PROTEIN, TRANSCRIPTION REGULATION, CHROMATIN REGULATOR, TRANSCRIPTION REPRESSOR, LIGASE, METAL-BINDING, NUCLEUS, REPRESSOR, TRANSCRIPTION, UBL CONJUGATION PATHWAY, ZINC-FINGER
;
# 
loop_
_struct_asym.id 
_struct_asym.pdbx_blank_PDB_chainid_flag 
_struct_asym.pdbx_modified 
_struct_asym.entity_id 
_struct_asym.details 
A N N 1 ? 
B N N 2 ? 
C N N 3 ? 
D N N 3 ? 
# 
loop_
_struct_ref.id 
_struct_ref.db_name 
_struct_ref.db_code 
_struct_ref.pdbx_db_accession 
_struct_ref.entity_id 
_struct_ref.pdbx_seq_one_letter_code 
_struct_ref.pdbx_align_begin 
_struct_ref.pdbx_db_isoform 
1 UNP BCOR_HUMAN  Q6W2J9 1 
;SDVFEFEFSETPLLPCYNIQVSVAQGPRNWLLLSDVLKKLKMSSRIFRCNFPNVEIVTIAEAEFYRQVSASLLFSCSKDL
EAFNPESKELLDLVEFTNEIQTLLGSSVEWLHPSD
;
1634 ? 
2 UNP PCGF1_HUMAN Q9BSM1 2 
;EQLNLCLERLSSGKDKNKSVLQNKYVRCSVRAEVRHLRRVLCHRLMLNPQHVQLLFDNEVLPDHMTMKQIWLSRWFGKPS
PLLLQYSVK
;
167  ? 
# 
loop_
_struct_ref_seq.align_id 
_struct_ref_seq.ref_id 
_struct_ref_seq.pdbx_PDB_id_code 
_struct_ref_seq.pdbx_strand_id 
_struct_ref_seq.seq_align_beg 
_struct_ref_seq.pdbx_seq_align_beg_ins_code 
_struct_ref_seq.seq_align_end 
_struct_ref_seq.pdbx_seq_align_end_ins_code 
_struct_ref_seq.pdbx_db_accession 
_struct_ref_seq.db_align_beg 
_struct_ref_seq.pdbx_db_align_beg_ins_code 
_struct_ref_seq.db_align_end 
_struct_ref_seq.pdbx_db_align_end_ins_code 
_struct_ref_seq.pdbx_auth_seq_align_beg 
_struct_ref_seq.pdbx_auth_seq_align_end 
1 1 4HPL A 5 ? 119 ? Q6W2J9 1634 ? 1748 ? 1634 1748 
2 2 4HPL B 5 ? 93  ? Q9BSM1 167  ? 255  ? 167  255  
# 
loop_
_struct_ref_seq_dif.align_id 
_struct_ref_seq_dif.pdbx_pdb_id_code 
_struct_ref_seq_dif.mon_id 
_struct_ref_seq_dif.pdbx_pdb_strand_id 
_struct_ref_seq_dif.seq_num 
_struct_ref_seq_dif.pdbx_pdb_ins_code 
_struct_ref_seq_dif.pdbx_seq_db_name 
_struct_ref_seq_dif.pdbx_seq_db_accession_code 
_struct_ref_seq_dif.db_mon_id 
_struct_ref_seq_dif.pdbx_seq_db_seq_num 
_struct_ref_seq_dif.details 
_struct_ref_seq_dif.pdbx_auth_seq_num 
_struct_ref_seq_dif.pdbx_ordinal 
1 4HPL MET A 1 ? UNP Q6W2J9 ? ? 'expression tag' 1630 1 
1 4HPL GLU A 2 ? UNP Q6W2J9 ? ? 'expression tag' 1631 2 
1 4HPL THR A 3 ? UNP Q6W2J9 ? ? 'expression tag' 1632 3 
1 4HPL ARG A 4 ? UNP Q6W2J9 ? ? 'expression tag' 1633 4 
2 4HPL GLN B 1 ? UNP Q9BSM1 ? ? 'expression tag' 163  5 
2 4HPL GLY B 2 ? UNP Q9BSM1 ? ? 'expression tag' 164  6 
2 4HPL THR B 3 ? UNP Q9BSM1 ? ? 'expression tag' 165  7 
2 4HPL ARG B 4 ? UNP Q9BSM1 ? ? 'expression tag' 166  8 
# 
_pdbx_struct_assembly.id                   1 
_pdbx_struct_assembly.details              author_and_software_defined_assembly 
_pdbx_struct_assembly.method_details       PISA 
_pdbx_struct_assembly.oligomeric_details   dimeric 
_pdbx_struct_assembly.oligomeric_count     2 
# 
loop_
_pdbx_struct_assembly_prop.biol_id 
_pdbx_struct_assembly_prop.type 
_pdbx_struct_assembly_prop.value 
_pdbx_struct_assembly_prop.details 
1 'ABSA (A^2)' 2990  ? 
1 MORE         -14   ? 
1 'SSA (A^2)'  10500 ? 
# 
_pdbx_struct_assembly_gen.assembly_id       1 
_pdbx_struct_assembly_gen.oper_expression   1 
_pdbx_struct_assembly_gen.asym_id_list      A,B,C,D 
# 
_pdbx_struct_oper_list.id                   1 
_pdbx_struct_oper_list.type                 'identity operation' 
_pdbx_struct_oper_list.name                 1_555 
_pdbx_struct_oper_list.symmetry_operation   x,y,z 
_pdbx_struct_oper_list.matrix[1][1]         1.0000000000 
_pdbx_struct_oper_list.matrix[1][2]         0.0000000000 
_pdbx_struct_oper_list.matrix[1][3]         0.0000000000 
_pdbx_struct_oper_list.vector[1]            0.0000000000 
_pdbx_struct_oper_list.matrix[2][1]         0.0000000000 
_pdbx_struct_oper_list.matrix[2][2]         1.0000000000 
_pdbx_struct_oper_list.matrix[2][3]         0.0000000000 
_pdbx_struct_oper_list.vector[2]            0.0000000000 
_pdbx_struct_oper_list.matrix[3][1]         0.0000000000 
_pdbx_struct_oper_list.matrix[3][2]         0.0000000000 
_pdbx_struct_oper_list.matrix[3][3]         1.0000000000 
_pdbx_struct_oper_list.vector[3]            0.0000000000 
# 
_struct_biol.id        1 
_struct_biol.details   ? 
# 
loop_
_struct_conf.conf_type_id 
_struct_conf.id 
_struct_conf.pdbx_PDB_helix_id 
_struct_conf.beg_label_comp_id 
_struct_conf.beg_label_asym_id 
_struct_conf.beg_label_seq_id 
_struct_conf.pdbx_beg_PDB_ins_code 
_struct_conf.end_label_comp_id 
_struct_conf.end_label_asym_id 
_struct_conf.end_label_seq_id 
_struct_conf.pdbx_end_PDB_ins_code 
_struct_conf.beg_auth_comp_id 
_struct_conf.beg_auth_asym_id 
_struct_conf.beg_auth_seq_id 
_struct_conf.end_auth_comp_id 
_struct_conf.end_auth_asym_id 
_struct_conf.end_auth_seq_id 
_struct_conf.pdbx_PDB_helix_class 
_struct_conf.details 
_struct_conf.pdbx_PDB_helix_length 
HELX_P HELX_P1 1 LEU A 37  ? LYS A 45  ? LEU A 1666 LYS A 1674 1 ? 9  
HELX_P HELX_P2 2 SER A 47  ? PHE A 55  ? SER A 1676 PHE A 1684 1 ? 9  
HELX_P HELX_P3 3 GLU A 65  ? ALA A 74  ? GLU A 1694 ALA A 1703 1 ? 10 
HELX_P HELX_P4 4 SER A 75  ? SER A 79  ? SER A 1704 SER A 1708 5 ? 5  
HELX_P HELX_P5 5 CYS A 80  ? LEU A 84  ? CYS A 1709 LEU A 1713 5 ? 5  
HELX_P HELX_P6 6 THR A 101 ? LEU A 108 ? THR A 1730 LEU A 1737 1 ? 8  
HELX_P HELX_P7 7 GLU B 37  ? MET B 50  ? GLU B 199  MET B 212  1 ? 14 
HELX_P HELX_P8 8 THR B 70  ? TRP B 79  ? THR B 232  TRP B 241  1 ? 10 
# 
_struct_conf_type.id          HELX_P 
_struct_conf_type.criteria    ? 
_struct_conf_type.reference   ? 
# 
_struct_mon_prot_cis.pdbx_id                1 
_struct_mon_prot_cis.label_comp_id          SER 
_struct_mon_prot_cis.label_seq_id           84 
_struct_mon_prot_cis.label_asym_id          B 
_struct_mon_prot_cis.label_alt_id           . 
_struct_mon_prot_cis.pdbx_PDB_ins_code      ? 
_struct_mon_prot_cis.auth_comp_id           SER 
_struct_mon_prot_cis.auth_seq_id            246 
_struct_mon_prot_cis.auth_asym_id           B 
_struct_mon_prot_cis.pdbx_label_comp_id_2   PRO 
_struct_mon_prot_cis.pdbx_label_seq_id_2    85 
_struct_mon_prot_cis.pdbx_label_asym_id_2   B 
_struct_mon_prot_cis.pdbx_PDB_ins_code_2    ? 
_struct_mon_prot_cis.pdbx_auth_comp_id_2    PRO 
_struct_mon_prot_cis.pdbx_auth_seq_id_2     247 
_struct_mon_prot_cis.pdbx_auth_asym_id_2    B 
_struct_mon_prot_cis.pdbx_PDB_model_num     1 
_struct_mon_prot_cis.pdbx_omega_angle       6.95 
# 
loop_
_struct_sheet.id 
_struct_sheet.type 
_struct_sheet.number_strands 
_struct_sheet.details 
A ? 7 ? 
B ? 4 ? 
# 
loop_
_struct_sheet_order.sheet_id 
_struct_sheet_order.range_id_1 
_struct_sheet_order.range_id_2 
_struct_sheet_order.offset 
_struct_sheet_order.sense 
A 1 2 ? anti-parallel 
A 2 3 ? anti-parallel 
A 3 4 ? anti-parallel 
A 4 5 ? parallel      
A 5 6 ? anti-parallel 
A 6 7 ? anti-parallel 
B 1 2 ? anti-parallel 
B 2 3 ? anti-parallel 
B 3 4 ? anti-parallel 
# 
loop_
_struct_sheet_range.sheet_id 
_struct_sheet_range.id 
_struct_sheet_range.beg_label_comp_id 
_struct_sheet_range.beg_label_asym_id 
_struct_sheet_range.beg_label_seq_id 
_struct_sheet_range.pdbx_beg_PDB_ins_code 
_struct_sheet_range.end_label_comp_id 
_struct_sheet_range.end_label_asym_id 
_struct_sheet_range.end_label_seq_id 
_struct_sheet_range.pdbx_end_PDB_ins_code 
_struct_sheet_range.beg_auth_comp_id 
_struct_sheet_range.beg_auth_asym_id 
_struct_sheet_range.beg_auth_seq_id 
_struct_sheet_range.end_auth_comp_id 
_struct_sheet_range.end_auth_asym_id 
_struct_sheet_range.end_auth_seq_id 
A 1 SER A 111 ? LEU A 115 ? SER A 1740 LEU A 1744 
A 2 PHE A 8   ? SER A 13  ? PHE A 1637 SER A 1642 
A 3 TYR B 29  ? SER B 33  ? TYR B 191  SER B 195  
A 4 GLN B 6   ? ARG B 13  ? GLN B 168  ARG B 175  
A 5 LEU B 86  ? SER B 91  ? LEU B 248  SER B 253  
A 6 GLN B 57  ? PHE B 60  ? GLN B 219  PHE B 222  
A 7 GLU B 63  ? VAL B 64  ? GLU B 225  VAL B 226  
B 1 TYR A 21  ? GLN A 24  ? TYR A 1650 GLN A 1653 
B 2 PRO A 31  ? LEU A 36  ? PRO A 1660 LEU A 1665 
B 3 LEU A 94  ? GLU A 99  ? LEU A 1723 GLU A 1728 
B 4 ILE A 60  ? ALA A 64  ? ILE A 1689 ALA A 1693 
# 
loop_
_pdbx_struct_sheet_hbond.sheet_id 
_pdbx_struct_sheet_hbond.range_id_1 
_pdbx_struct_sheet_hbond.range_id_2 
_pdbx_struct_sheet_hbond.range_1_label_atom_id 
_pdbx_struct_sheet_hbond.range_1_label_comp_id 
_pdbx_struct_sheet_hbond.range_1_label_asym_id 
_pdbx_struct_sheet_hbond.range_1_label_seq_id 
_pdbx_struct_sheet_hbond.range_1_PDB_ins_code 
_pdbx_struct_sheet_hbond.range_1_auth_atom_id 
_pdbx_struct_sheet_hbond.range_1_auth_comp_id 
_pdbx_struct_sheet_hbond.range_1_auth_asym_id 
_pdbx_struct_sheet_hbond.range_1_auth_seq_id 
_pdbx_struct_sheet_hbond.range_2_label_atom_id 
_pdbx_struct_sheet_hbond.range_2_label_comp_id 
_pdbx_struct_sheet_hbond.range_2_label_asym_id 
_pdbx_struct_sheet_hbond.range_2_label_seq_id 
_pdbx_struct_sheet_hbond.range_2_PDB_ins_code 
_pdbx_struct_sheet_hbond.range_2_auth_atom_id 
_pdbx_struct_sheet_hbond.range_2_auth_comp_id 
_pdbx_struct_sheet_hbond.range_2_auth_asym_id 
_pdbx_struct_sheet_hbond.range_2_auth_seq_id 
A 1 2 O GLU A 113 ? O GLU A 1742 N PHE A 10 ? N PHE A 1639 
A 2 3 N GLU A 11  ? N GLU A 1640 O ARG B 31 ? O ARG B 193  
A 3 4 O VAL B 30  ? O VAL B 192  N LEU B 9  ? N LEU B 171  
A 4 5 N CYS B 10  ? N CYS B 172  O LEU B 86 ? O LEU B 248  
A 5 6 O GLN B 89  ? O GLN B 251  N LEU B 59 ? N LEU B 221  
A 6 7 N PHE B 60  ? N PHE B 222  O GLU B 63 ? O GLU B 225  
B 1 2 N TYR A 21  ? N TYR A 1650 O TRP A 34 ? O TRP A 1663 
B 2 3 N LEU A 35  ? N LEU A 1664 O VAL A 98 ? O VAL A 1727 
B 3 4 O LEU A 95  ? O LEU A 1724 N ILE A 63 ? N ILE A 1692 
# 
loop_
_pdbx_validate_torsion.id 
_pdbx_validate_torsion.PDB_model_num 
_pdbx_validate_torsion.auth_comp_id 
_pdbx_validate_torsion.auth_asym_id 
_pdbx_validate_torsion.auth_seq_id 
_pdbx_validate_torsion.PDB_ins_code 
_pdbx_validate_torsion.label_alt_id 
_pdbx_validate_torsion.phi 
_pdbx_validate_torsion.psi 
1 1 LEU B 187 ? ? -60.51  -151.44 
2 1 GLN B 188 ? ? -155.48 -63.24  
# 
loop_
_pdbx_struct_special_symmetry.id 
_pdbx_struct_special_symmetry.PDB_model_num 
_pdbx_struct_special_symmetry.auth_asym_id 
_pdbx_struct_special_symmetry.auth_comp_id 
_pdbx_struct_special_symmetry.auth_seq_id 
_pdbx_struct_special_symmetry.PDB_ins_code 
_pdbx_struct_special_symmetry.label_asym_id 
_pdbx_struct_special_symmetry.label_comp_id 
_pdbx_struct_special_symmetry.label_seq_id 
1 1 A HOH 1801 ? C HOH . 
2 1 A HOH 1810 ? C HOH . 
3 1 A HOH 1814 ? C HOH . 
4 1 B HOH 310  ? D HOH . 
# 
loop_
_pdbx_unobs_or_zero_occ_residues.id 
_pdbx_unobs_or_zero_occ_residues.PDB_model_num 
_pdbx_unobs_or_zero_occ_residues.polymer_flag 
_pdbx_unobs_or_zero_occ_residues.occupancy_flag 
_pdbx_unobs_or_zero_occ_residues.auth_asym_id 
_pdbx_unobs_or_zero_occ_residues.auth_comp_id 
_pdbx_unobs_or_zero_occ_residues.auth_seq_id 
_pdbx_unobs_or_zero_occ_residues.PDB_ins_code 
_pdbx_unobs_or_zero_occ_residues.label_asym_id 
_pdbx_unobs_or_zero_occ_residues.label_comp_id 
_pdbx_unobs_or_zero_occ_residues.label_seq_id 
1  1 Y 1 A MET 1630 ? A MET 1  
2  1 Y 1 A GLU 1631 ? A GLU 2  
3  1 Y 1 A THR 1632 ? A THR 3  
4  1 Y 1 A ARG 1633 ? A ARG 4  
5  1 Y 1 A SER 1634 ? A SER 5  
6  1 Y 1 A ASP 1635 ? A ASP 6  
7  1 Y 1 B GLN 163  ? B GLN 1  
8  1 Y 1 B GLY 164  ? B GLY 2  
9  1 Y 1 B SER 178  ? B SER 16 
10 1 Y 1 B GLY 179  ? B GLY 17 
11 1 Y 1 B LYS 180  ? B LYS 18 
12 1 Y 1 B ASP 181  ? B ASP 19 
13 1 Y 1 B LYS 182  ? B LYS 20 
14 1 Y 1 B ASN 183  ? B ASN 21 
15 1 Y 1 B LYS 184  ? B LYS 22 
16 1 Y 1 B LYS 255  ? B LYS 93 
# 
loop_
_chem_comp_atom.comp_id 
_chem_comp_atom.atom_id 
_chem_comp_atom.type_symbol 
_chem_comp_atom.pdbx_aromatic_flag 
_chem_comp_atom.pdbx_stereo_config 
_chem_comp_atom.pdbx_ordinal 
ALA N    N N N 1   
ALA CA   C N S 2   
ALA C    C N N 3   
ALA O    O N N 4   
ALA CB   C N N 5   
ALA OXT  O N N 6   
ALA H    H N N 7   
ALA H2   H N N 8   
ALA HA   H N N 9   
ALA HB1  H N N 10  
ALA HB2  H N N 11  
ALA HB3  H N N 12  
ALA HXT  H N N 13  
ARG N    N N N 14  
ARG CA   C N S 15  
ARG C    C N N 16  
ARG O    O N N 17  
ARG CB   C N N 18  
ARG CG   C N N 19  
ARG CD   C N N 20  
ARG NE   N N N 21  
ARG CZ   C N N 22  
ARG NH1  N N N 23  
ARG NH2  N N N 24  
ARG OXT  O N N 25  
ARG H    H N N 26  
ARG H2   H N N 27  
ARG HA   H N N 28  
ARG HB2  H N N 29  
ARG HB3  H N N 30  
ARG HG2  H N N 31  
ARG HG3  H N N 32  
ARG HD2  H N N 33  
ARG HD3  H N N 34  
ARG HE   H N N 35  
ARG HH11 H N N 36  
ARG HH12 H N N 37  
ARG HH21 H N N 38  
ARG HH22 H N N 39  
ARG HXT  H N N 40  
ASN N    N N N 41  
ASN CA   C N S 42  
ASN C    C N N 43  
ASN O    O N N 44  
ASN CB   C N N 45  
ASN CG   C N N 46  
ASN OD1  O N N 47  
ASN ND2  N N N 48  
ASN OXT  O N N 49  
ASN H    H N N 50  
ASN H2   H N N 51  
ASN HA   H N N 52  
ASN HB2  H N N 53  
ASN HB3  H N N 54  
ASN HD21 H N N 55  
ASN HD22 H N N 56  
ASN HXT  H N N 57  
ASP N    N N N 58  
ASP CA   C N S 59  
ASP C    C N N 60  
ASP O    O N N 61  
ASP CB   C N N 62  
ASP CG   C N N 63  
ASP OD1  O N N 64  
ASP OD2  O N N 65  
ASP OXT  O N N 66  
ASP H    H N N 67  
ASP H2   H N N 68  
ASP HA   H N N 69  
ASP HB2  H N N 70  
ASP HB3  H N N 71  
ASP HD2  H N N 72  
ASP HXT  H N N 73  
CYS N    N N N 74  
CYS CA   C N R 75  
CYS C    C N N 76  
CYS O    O N N 77  
CYS CB   C N N 78  
CYS SG   S N N 79  
CYS OXT  O N N 80  
CYS H    H N N 81  
CYS H2   H N N 82  
CYS HA   H N N 83  
CYS HB2  H N N 84  
CYS HB3  H N N 85  
CYS HG   H N N 86  
CYS HXT  H N N 87  
GLN N    N N N 88  
GLN CA   C N S 89  
GLN C    C N N 90  
GLN O    O N N 91  
GLN CB   C N N 92  
GLN CG   C N N 93  
GLN CD   C N N 94  
GLN OE1  O N N 95  
GLN NE2  N N N 96  
GLN OXT  O N N 97  
GLN H    H N N 98  
GLN H2   H N N 99  
GLN HA   H N N 100 
GLN HB2  H N N 101 
GLN HB3  H N N 102 
GLN HG2  H N N 103 
GLN HG3  H N N 104 
GLN HE21 H N N 105 
GLN HE22 H N N 106 
GLN HXT  H N N 107 
GLU N    N N N 108 
GLU CA   C N S 109 
GLU C    C N N 110 
GLU O    O N N 111 
GLU CB   C N N 112 
GLU CG   C N N 113 
GLU CD   C N N 114 
GLU OE1  O N N 115 
GLU OE2  O N N 116 
GLU OXT  O N N 117 
GLU H    H N N 118 
GLU H2   H N N 119 
GLU HA   H N N 120 
GLU HB2  H N N 121 
GLU HB3  H N N 122 
GLU HG2  H N N 123 
GLU HG3  H N N 124 
GLU HE2  H N N 125 
GLU HXT  H N N 126 
GLY N    N N N 127 
GLY CA   C N N 128 
GLY C    C N N 129 
GLY O    O N N 130 
GLY OXT  O N N 131 
GLY H    H N N 132 
GLY H2   H N N 133 
GLY HA2  H N N 134 
GLY HA3  H N N 135 
GLY HXT  H N N 136 
HIS N    N N N 137 
HIS CA   C N S 138 
HIS C    C N N 139 
HIS O    O N N 140 
HIS CB   C N N 141 
HIS CG   C Y N 142 
HIS ND1  N Y N 143 
HIS CD2  C Y N 144 
HIS CE1  C Y N 145 
HIS NE2  N Y N 146 
HIS OXT  O N N 147 
HIS H    H N N 148 
HIS H2   H N N 149 
HIS HA   H N N 150 
HIS HB2  H N N 151 
HIS HB3  H N N 152 
HIS HD1  H N N 153 
HIS HD2  H N N 154 
HIS HE1  H N N 155 
HIS HE2  H N N 156 
HIS HXT  H N N 157 
HOH O    O N N 158 
HOH H1   H N N 159 
HOH H2   H N N 160 
ILE N    N N N 161 
ILE CA   C N S 162 
ILE C    C N N 163 
ILE O    O N N 164 
ILE CB   C N S 165 
ILE CG1  C N N 166 
ILE CG2  C N N 167 
ILE CD1  C N N 168 
ILE OXT  O N N 169 
ILE H    H N N 170 
ILE H2   H N N 171 
ILE HA   H N N 172 
ILE HB   H N N 173 
ILE HG12 H N N 174 
ILE HG13 H N N 175 
ILE HG21 H N N 176 
ILE HG22 H N N 177 
ILE HG23 H N N 178 
ILE HD11 H N N 179 
ILE HD12 H N N 180 
ILE HD13 H N N 181 
ILE HXT  H N N 182 
LEU N    N N N 183 
LEU CA   C N S 184 
LEU C    C N N 185 
LEU O    O N N 186 
LEU CB   C N N 187 
LEU CG   C N N 188 
LEU CD1  C N N 189 
LEU CD2  C N N 190 
LEU OXT  O N N 191 
LEU H    H N N 192 
LEU H2   H N N 193 
LEU HA   H N N 194 
LEU HB2  H N N 195 
LEU HB3  H N N 196 
LEU HG   H N N 197 
LEU HD11 H N N 198 
LEU HD12 H N N 199 
LEU HD13 H N N 200 
LEU HD21 H N N 201 
LEU HD22 H N N 202 
LEU HD23 H N N 203 
LEU HXT  H N N 204 
LYS N    N N N 205 
LYS CA   C N S 206 
LYS C    C N N 207 
LYS O    O N N 208 
LYS CB   C N N 209 
LYS CG   C N N 210 
LYS CD   C N N 211 
LYS CE   C N N 212 
LYS NZ   N N N 213 
LYS OXT  O N N 214 
LYS H    H N N 215 
LYS H2   H N N 216 
LYS HA   H N N 217 
LYS HB2  H N N 218 
LYS HB3  H N N 219 
LYS HG2  H N N 220 
LYS HG3  H N N 221 
LYS HD2  H N N 222 
LYS HD3  H N N 223 
LYS HE2  H N N 224 
LYS HE3  H N N 225 
LYS HZ1  H N N 226 
LYS HZ2  H N N 227 
LYS HZ3  H N N 228 
LYS HXT  H N N 229 
MET N    N N N 230 
MET CA   C N S 231 
MET C    C N N 232 
MET O    O N N 233 
MET CB   C N N 234 
MET CG   C N N 235 
MET SD   S N N 236 
MET CE   C N N 237 
MET OXT  O N N 238 
MET H    H N N 239 
MET H2   H N N 240 
MET HA   H N N 241 
MET HB2  H N N 242 
MET HB3  H N N 243 
MET HG2  H N N 244 
MET HG3  H N N 245 
MET HE1  H N N 246 
MET HE2  H N N 247 
MET HE3  H N N 248 
MET HXT  H N N 249 
PHE N    N N N 250 
PHE CA   C N S 251 
PHE C    C N N 252 
PHE O    O N N 253 
PHE CB   C N N 254 
PHE CG   C Y N 255 
PHE CD1  C Y N 256 
PHE CD2  C Y N 257 
PHE CE1  C Y N 258 
PHE CE2  C Y N 259 
PHE CZ   C Y N 260 
PHE OXT  O N N 261 
PHE H    H N N 262 
PHE H2   H N N 263 
PHE HA   H N N 264 
PHE HB2  H N N 265 
PHE HB3  H N N 266 
PHE HD1  H N N 267 
PHE HD2  H N N 268 
PHE HE1  H N N 269 
PHE HE2  H N N 270 
PHE HZ   H N N 271 
PHE HXT  H N N 272 
PRO N    N N N 273 
PRO CA   C N S 274 
PRO C    C N N 275 
PRO O    O N N 276 
PRO CB   C N N 277 
PRO CG   C N N 278 
PRO CD   C N N 279 
PRO OXT  O N N 280 
PRO H    H N N 281 
PRO HA   H N N 282 
PRO HB2  H N N 283 
PRO HB3  H N N 284 
PRO HG2  H N N 285 
PRO HG3  H N N 286 
PRO HD2  H N N 287 
PRO HD3  H N N 288 
PRO HXT  H N N 289 
SER N    N N N 290 
SER CA   C N S 291 
SER C    C N N 292 
SER O    O N N 293 
SER CB   C N N 294 
SER OG   O N N 295 
SER OXT  O N N 296 
SER H    H N N 297 
SER H2   H N N 298 
SER HA   H N N 299 
SER HB2  H N N 300 
SER HB3  H N N 301 
SER HG   H N N 302 
SER HXT  H N N 303 
THR N    N N N 304 
THR CA   C N S 305 
THR C    C N N 306 
THR O    O N N 307 
THR CB   C N R 308 
THR OG1  O N N 309 
THR CG2  C N N 310 
THR OXT  O N N 311 
THR H    H N N 312 
THR H2   H N N 313 
THR HA   H N N 314 
THR HB   H N N 315 
THR HG1  H N N 316 
THR HG21 H N N 317 
THR HG22 H N N 318 
THR HG23 H N N 319 
THR HXT  H N N 320 
TRP N    N N N 321 
TRP CA   C N S 322 
TRP C    C N N 323 
TRP O    O N N 324 
TRP CB   C N N 325 
TRP CG   C Y N 326 
TRP CD1  C Y N 327 
TRP CD2  C Y N 328 
TRP NE1  N Y N 329 
TRP CE2  C Y N 330 
TRP CE3  C Y N 331 
TRP CZ2  C Y N 332 
TRP CZ3  C Y N 333 
TRP CH2  C Y N 334 
TRP OXT  O N N 335 
TRP H    H N N 336 
TRP H2   H N N 337 
TRP HA   H N N 338 
TRP HB2  H N N 339 
TRP HB3  H N N 340 
TRP HD1  H N N 341 
TRP HE1  H N N 342 
TRP HE3  H N N 343 
TRP HZ2  H N N 344 
TRP HZ3  H N N 345 
TRP HH2  H N N 346 
TRP HXT  H N N 347 
TYR N    N N N 348 
TYR CA   C N S 349 
TYR C    C N N 350 
TYR O    O N N 351 
TYR CB   C N N 352 
TYR CG   C Y N 353 
TYR CD1  C Y N 354 
TYR CD2  C Y N 355 
TYR CE1  C Y N 356 
TYR CE2  C Y N 357 
TYR CZ   C Y N 358 
TYR OH   O N N 359 
TYR OXT  O N N 360 
TYR H    H N N 361 
TYR H2   H N N 362 
TYR HA   H N N 363 
TYR HB2  H N N 364 
TYR HB3  H N N 365 
TYR HD1  H N N 366 
TYR HD2  H N N 367 
TYR HE1  H N N 368 
TYR HE2  H N N 369 
TYR HH   H N N 370 
TYR HXT  H N N 371 
VAL N    N N N 372 
VAL CA   C N S 373 
VAL C    C N N 374 
VAL O    O N N 375 
VAL CB   C N N 376 
VAL CG1  C N N 377 
VAL CG2  C N N 378 
VAL OXT  O N N 379 
VAL H    H N N 380 
VAL H2   H N N 381 
VAL HA   H N N 382 
VAL HB   H N N 383 
VAL HG11 H N N 384 
VAL HG12 H N N 385 
VAL HG13 H N N 386 
VAL HG21 H N N 387 
VAL HG22 H N N 388 
VAL HG23 H N N 389 
VAL HXT  H N N 390 
# 
loop_
_chem_comp_bond.comp_id 
_chem_comp_bond.atom_id_1 
_chem_comp_bond.atom_id_2 
_chem_comp_bond.value_order 
_chem_comp_bond.pdbx_aromatic_flag 
_chem_comp_bond.pdbx_stereo_config 
_chem_comp_bond.pdbx_ordinal 
ALA N   CA   sing N N 1   
ALA N   H    sing N N 2   
ALA N   H2   sing N N 3   
ALA CA  C    sing N N 4   
ALA CA  CB   sing N N 5   
ALA CA  HA   sing N N 6   
ALA C   O    doub N N 7   
ALA C   OXT  sing N N 8   
ALA CB  HB1  sing N N 9   
ALA CB  HB2  sing N N 10  
ALA CB  HB3  sing N N 11  
ALA OXT HXT  sing N N 12  
ARG N   CA   sing N N 13  
ARG N   H    sing N N 14  
ARG N   H2   sing N N 15  
ARG CA  C    sing N N 16  
ARG CA  CB   sing N N 17  
ARG CA  HA   sing N N 18  
ARG C   O    doub N N 19  
ARG C   OXT  sing N N 20  
ARG CB  CG   sing N N 21  
ARG CB  HB2  sing N N 22  
ARG CB  HB3  sing N N 23  
ARG CG  CD   sing N N 24  
ARG CG  HG2  sing N N 25  
ARG CG  HG3  sing N N 26  
ARG CD  NE   sing N N 27  
ARG CD  HD2  sing N N 28  
ARG CD  HD3  sing N N 29  
ARG NE  CZ   sing N N 30  
ARG NE  HE   sing N N 31  
ARG CZ  NH1  sing N N 32  
ARG CZ  NH2  doub N N 33  
ARG NH1 HH11 sing N N 34  
ARG NH1 HH12 sing N N 35  
ARG NH2 HH21 sing N N 36  
ARG NH2 HH22 sing N N 37  
ARG OXT HXT  sing N N 38  
ASN N   CA   sing N N 39  
ASN N   H    sing N N 40  
ASN N   H2   sing N N 41  
ASN CA  C    sing N N 42  
ASN CA  CB   sing N N 43  
ASN CA  HA   sing N N 44  
ASN C   O    doub N N 45  
ASN C   OXT  sing N N 46  
ASN CB  CG   sing N N 47  
ASN CB  HB2  sing N N 48  
ASN CB  HB3  sing N N 49  
ASN CG  OD1  doub N N 50  
ASN CG  ND2  sing N N 51  
ASN ND2 HD21 sing N N 52  
ASN ND2 HD22 sing N N 53  
ASN OXT HXT  sing N N 54  
ASP N   CA   sing N N 55  
ASP N   H    sing N N 56  
ASP N   H2   sing N N 57  
ASP CA  C    sing N N 58  
ASP CA  CB   sing N N 59  
ASP CA  HA   sing N N 60  
ASP C   O    doub N N 61  
ASP C   OXT  sing N N 62  
ASP CB  CG   sing N N 63  
ASP CB  HB2  sing N N 64  
ASP CB  HB3  sing N N 65  
ASP CG  OD1  doub N N 66  
ASP CG  OD2  sing N N 67  
ASP OD2 HD2  sing N N 68  
ASP OXT HXT  sing N N 69  
CYS N   CA   sing N N 70  
CYS N   H    sing N N 71  
CYS N   H2   sing N N 72  
CYS CA  C    sing N N 73  
CYS CA  CB   sing N N 74  
CYS CA  HA   sing N N 75  
CYS C   O    doub N N 76  
CYS C   OXT  sing N N 77  
CYS CB  SG   sing N N 78  
CYS CB  HB2  sing N N 79  
CYS CB  HB3  sing N N 80  
CYS SG  HG   sing N N 81  
CYS OXT HXT  sing N N 82  
GLN N   CA   sing N N 83  
GLN N   H    sing N N 84  
GLN N   H2   sing N N 85  
GLN CA  C    sing N N 86  
GLN CA  CB   sing N N 87  
GLN CA  HA   sing N N 88  
GLN C   O    doub N N 89  
GLN C   OXT  sing N N 90  
GLN CB  CG   sing N N 91  
GLN CB  HB2  sing N N 92  
GLN CB  HB3  sing N N 93  
GLN CG  CD   sing N N 94  
GLN CG  HG2  sing N N 95  
GLN CG  HG3  sing N N 96  
GLN CD  OE1  doub N N 97  
GLN CD  NE2  sing N N 98  
GLN NE2 HE21 sing N N 99  
GLN NE2 HE22 sing N N 100 
GLN OXT HXT  sing N N 101 
GLU N   CA   sing N N 102 
GLU N   H    sing N N 103 
GLU N   H2   sing N N 104 
GLU CA  C    sing N N 105 
GLU CA  CB   sing N N 106 
GLU CA  HA   sing N N 107 
GLU C   O    doub N N 108 
GLU C   OXT  sing N N 109 
GLU CB  CG   sing N N 110 
GLU CB  HB2  sing N N 111 
GLU CB  HB3  sing N N 112 
GLU CG  CD   sing N N 113 
GLU CG  HG2  sing N N 114 
GLU CG  HG3  sing N N 115 
GLU CD  OE1  doub N N 116 
GLU CD  OE2  sing N N 117 
GLU OE2 HE2  sing N N 118 
GLU OXT HXT  sing N N 119 
GLY N   CA   sing N N 120 
GLY N   H    sing N N 121 
GLY N   H2   sing N N 122 
GLY CA  C    sing N N 123 
GLY CA  HA2  sing N N 124 
GLY CA  HA3  sing N N 125 
GLY C   O    doub N N 126 
GLY C   OXT  sing N N 127 
GLY OXT HXT  sing N N 128 
HIS N   CA   sing N N 129 
HIS N   H    sing N N 130 
HIS N   H2   sing N N 131 
HIS CA  C    sing N N 132 
HIS CA  CB   sing N N 133 
HIS CA  HA   sing N N 134 
HIS C   O    doub N N 135 
HIS C   OXT  sing N N 136 
HIS CB  CG   sing N N 137 
HIS CB  HB2  sing N N 138 
HIS CB  HB3  sing N N 139 
HIS CG  ND1  sing Y N 140 
HIS CG  CD2  doub Y N 141 
HIS ND1 CE1  doub Y N 142 
HIS ND1 HD1  sing N N 143 
HIS CD2 NE2  sing Y N 144 
HIS CD2 HD2  sing N N 145 
HIS CE1 NE2  sing Y N 146 
HIS CE1 HE1  sing N N 147 
HIS NE2 HE2  sing N N 148 
HIS OXT HXT  sing N N 149 
HOH O   H1   sing N N 150 
HOH O   H2   sing N N 151 
ILE N   CA   sing N N 152 
ILE N   H    sing N N 153 
ILE N   H2   sing N N 154 
ILE CA  C    sing N N 155 
ILE CA  CB   sing N N 156 
ILE CA  HA   sing N N 157 
ILE C   O    doub N N 158 
ILE C   OXT  sing N N 159 
ILE CB  CG1  sing N N 160 
ILE CB  CG2  sing N N 161 
ILE CB  HB   sing N N 162 
ILE CG1 CD1  sing N N 163 
ILE CG1 HG12 sing N N 164 
ILE CG1 HG13 sing N N 165 
ILE CG2 HG21 sing N N 166 
ILE CG2 HG22 sing N N 167 
ILE CG2 HG23 sing N N 168 
ILE CD1 HD11 sing N N 169 
ILE CD1 HD12 sing N N 170 
ILE CD1 HD13 sing N N 171 
ILE OXT HXT  sing N N 172 
LEU N   CA   sing N N 173 
LEU N   H    sing N N 174 
LEU N   H2   sing N N 175 
LEU CA  C    sing N N 176 
LEU CA  CB   sing N N 177 
LEU CA  HA   sing N N 178 
LEU C   O    doub N N 179 
LEU C   OXT  sing N N 180 
LEU CB  CG   sing N N 181 
LEU CB  HB2  sing N N 182 
LEU CB  HB3  sing N N 183 
LEU CG  CD1  sing N N 184 
LEU CG  CD2  sing N N 185 
LEU CG  HG   sing N N 186 
LEU CD1 HD11 sing N N 187 
LEU CD1 HD12 sing N N 188 
LEU CD1 HD13 sing N N 189 
LEU CD2 HD21 sing N N 190 
LEU CD2 HD22 sing N N 191 
LEU CD2 HD23 sing N N 192 
LEU OXT HXT  sing N N 193 
LYS N   CA   sing N N 194 
LYS N   H    sing N N 195 
LYS N   H2   sing N N 196 
LYS CA  C    sing N N 197 
LYS CA  CB   sing N N 198 
LYS CA  HA   sing N N 199 
LYS C   O    doub N N 200 
LYS C   OXT  sing N N 201 
LYS CB  CG   sing N N 202 
LYS CB  HB2  sing N N 203 
LYS CB  HB3  sing N N 204 
LYS CG  CD   sing N N 205 
LYS CG  HG2  sing N N 206 
LYS CG  HG3  sing N N 207 
LYS CD  CE   sing N N 208 
LYS CD  HD2  sing N N 209 
LYS CD  HD3  sing N N 210 
LYS CE  NZ   sing N N 211 
LYS CE  HE2  sing N N 212 
LYS CE  HE3  sing N N 213 
LYS NZ  HZ1  sing N N 214 
LYS NZ  HZ2  sing N N 215 
LYS NZ  HZ3  sing N N 216 
LYS OXT HXT  sing N N 217 
MET N   CA   sing N N 218 
MET N   H    sing N N 219 
MET N   H2   sing N N 220 
MET CA  C    sing N N 221 
MET CA  CB   sing N N 222 
MET CA  HA   sing N N 223 
MET C   O    doub N N 224 
MET C   OXT  sing N N 225 
MET CB  CG   sing N N 226 
MET CB  HB2  sing N N 227 
MET CB  HB3  sing N N 228 
MET CG  SD   sing N N 229 
MET CG  HG2  sing N N 230 
MET CG  HG3  sing N N 231 
MET SD  CE   sing N N 232 
MET CE  HE1  sing N N 233 
MET CE  HE2  sing N N 234 
MET CE  HE3  sing N N 235 
MET OXT HXT  sing N N 236 
PHE N   CA   sing N N 237 
PHE N   H    sing N N 238 
PHE N   H2   sing N N 239 
PHE CA  C    sing N N 240 
PHE CA  CB   sing N N 241 
PHE CA  HA   sing N N 242 
PHE C   O    doub N N 243 
PHE C   OXT  sing N N 244 
PHE CB  CG   sing N N 245 
PHE CB  HB2  sing N N 246 
PHE CB  HB3  sing N N 247 
PHE CG  CD1  doub Y N 248 
PHE CG  CD2  sing Y N 249 
PHE CD1 CE1  sing Y N 250 
PHE CD1 HD1  sing N N 251 
PHE CD2 CE2  doub Y N 252 
PHE CD2 HD2  sing N N 253 
PHE CE1 CZ   doub Y N 254 
PHE CE1 HE1  sing N N 255 
PHE CE2 CZ   sing Y N 256 
PHE CE2 HE2  sing N N 257 
PHE CZ  HZ   sing N N 258 
PHE OXT HXT  sing N N 259 
PRO N   CA   sing N N 260 
PRO N   CD   sing N N 261 
PRO N   H    sing N N 262 
PRO CA  C    sing N N 263 
PRO CA  CB   sing N N 264 
PRO CA  HA   sing N N 265 
PRO C   O    doub N N 266 
PRO C   OXT  sing N N 267 
PRO CB  CG   sing N N 268 
PRO CB  HB2  sing N N 269 
PRO CB  HB3  sing N N 270 
PRO CG  CD   sing N N 271 
PRO CG  HG2  sing N N 272 
PRO CG  HG3  sing N N 273 
PRO CD  HD2  sing N N 274 
PRO CD  HD3  sing N N 275 
PRO OXT HXT  sing N N 276 
SER N   CA   sing N N 277 
SER N   H    sing N N 278 
SER N   H2   sing N N 279 
SER CA  C    sing N N 280 
SER CA  CB   sing N N 281 
SER CA  HA   sing N N 282 
SER C   O    doub N N 283 
SER C   OXT  sing N N 284 
SER CB  OG   sing N N 285 
SER CB  HB2  sing N N 286 
SER CB  HB3  sing N N 287 
SER OG  HG   sing N N 288 
SER OXT HXT  sing N N 289 
THR N   CA   sing N N 290 
THR N   H    sing N N 291 
THR N   H2   sing N N 292 
THR CA  C    sing N N 293 
THR CA  CB   sing N N 294 
THR CA  HA   sing N N 295 
THR C   O    doub N N 296 
THR C   OXT  sing N N 297 
THR CB  OG1  sing N N 298 
THR CB  CG2  sing N N 299 
THR CB  HB   sing N N 300 
THR OG1 HG1  sing N N 301 
THR CG2 HG21 sing N N 302 
THR CG2 HG22 sing N N 303 
THR CG2 HG23 sing N N 304 
THR OXT HXT  sing N N 305 
TRP N   CA   sing N N 306 
TRP N   H    sing N N 307 
TRP N   H2   sing N N 308 
TRP CA  C    sing N N 309 
TRP CA  CB   sing N N 310 
TRP CA  HA   sing N N 311 
TRP C   O    doub N N 312 
TRP C   OXT  sing N N 313 
TRP CB  CG   sing N N 314 
TRP CB  HB2  sing N N 315 
TRP CB  HB3  sing N N 316 
TRP CG  CD1  doub Y N 317 
TRP CG  CD2  sing Y N 318 
TRP CD1 NE1  sing Y N 319 
TRP CD1 HD1  sing N N 320 
TRP CD2 CE2  doub Y N 321 
TRP CD2 CE3  sing Y N 322 
TRP NE1 CE2  sing Y N 323 
TRP NE1 HE1  sing N N 324 
TRP CE2 CZ2  sing Y N 325 
TRP CE3 CZ3  doub Y N 326 
TRP CE3 HE3  sing N N 327 
TRP CZ2 CH2  doub Y N 328 
TRP CZ2 HZ2  sing N N 329 
TRP CZ3 CH2  sing Y N 330 
TRP CZ3 HZ3  sing N N 331 
TRP CH2 HH2  sing N N 332 
TRP OXT HXT  sing N N 333 
TYR N   CA   sing N N 334 
TYR N   H    sing N N 335 
TYR N   H2   sing N N 336 
TYR CA  C    sing N N 337 
TYR CA  CB   sing N N 338 
TYR CA  HA   sing N N 339 
TYR C   O    doub N N 340 
TYR C   OXT  sing N N 341 
TYR CB  CG   sing N N 342 
TYR CB  HB2  sing N N 343 
TYR CB  HB3  sing N N 344 
TYR CG  CD1  doub Y N 345 
TYR CG  CD2  sing Y N 346 
TYR CD1 CE1  sing Y N 347 
TYR CD1 HD1  sing N N 348 
TYR CD2 CE2  doub Y N 349 
TYR CD2 HD2  sing N N 350 
TYR CE1 CZ   doub Y N 351 
TYR CE1 HE1  sing N N 352 
TYR CE2 CZ   sing Y N 353 
TYR CE2 HE2  sing N N 354 
TYR CZ  OH   sing N N 355 
TYR OH  HH   sing N N 356 
TYR OXT HXT  sing N N 357 
VAL N   CA   sing N N 358 
VAL N   H    sing N N 359 
VAL N   H2   sing N N 360 
VAL CA  C    sing N N 361 
VAL CA  CB   sing N N 362 
VAL CA  HA   sing N N 363 
VAL C   O    doub N N 364 
VAL C   OXT  sing N N 365 
VAL CB  CG1  sing N N 366 
VAL CB  CG2  sing N N 367 
VAL CB  HB   sing N N 368 
VAL CG1 HG11 sing N N 369 
VAL CG1 HG12 sing N N 370 
VAL CG1 HG13 sing N N 371 
VAL CG2 HG21 sing N N 372 
VAL CG2 HG22 sing N N 373 
VAL CG2 HG23 sing N N 374 
VAL OXT HXT  sing N N 375 
# 
_atom_sites.entry_id                    4HPL 
_atom_sites.fract_transf_matrix[1][1]   -0.01618882 
_atom_sites.fract_transf_matrix[1][2]   0.00307773 
_atom_sites.fract_transf_matrix[1][3]   -0.00441716 
_atom_sites.fract_transf_matrix[2][1]   -0.00445794 
_atom_sites.fract_transf_matrix[2][2]   0.01537751 
_atom_sites.fract_transf_matrix[2][3]   -0.00589378 
_atom_sites.fract_transf_matrix[3][1]   0.00260761 
_atom_sites.fract_transf_matrix[3][2]   -0.00396609 
_atom_sites.fract_transf_matrix[3][3]   -0.01232030 
_atom_sites.fract_transf_vector[1]      -0.746189 
_atom_sites.fract_transf_vector[2]      0.383252 
_atom_sites.fract_transf_vector[3]      0.069521 
# 
loop_
_atom_type.symbol 
C 
N 
O 
S 
# 
loop_
_atom_site.group_PDB 
_atom_site.id 
_atom_site.type_symbol 
_atom_site.label_atom_id 
_atom_site.label_alt_id 
_atom_site.label_comp_id 
_atom_site.label_asym_id 
_atom_site.label_entity_id 
_atom_site.label_seq_id 
_atom_site.pdbx_PDB_ins_code 
_atom_site.Cartn_x 
_atom_site.Cartn_y 
_atom_site.Cartn_z 
_atom_site.occupancy 
_atom_site.B_iso_or_equiv 
_atom_site.pdbx_formal_charge 
_atom_site.auth_seq_id 
_atom_site.auth_comp_id 
_atom_site.auth_asym_id 
_atom_site.auth_atom_id 
_atom_site.pdbx_PDB_model_num 
ATOM   1    N N   . VAL A 1 7   ? 6.741   -15.971 3.313   1.00 33.97 ? 1636 VAL A N   1 
ATOM   2    C CA  . VAL A 1 7   ? 5.310   -15.685 3.248   1.00 41.01 ? 1636 VAL A CA  1 
ATOM   3    C C   . VAL A 1 7   ? 5.022   -14.232 2.842   1.00 40.80 ? 1636 VAL A C   1 
ATOM   4    O O   . VAL A 1 7   ? 5.688   -13.293 3.304   1.00 35.22 ? 1636 VAL A O   1 
ATOM   5    C CB  . VAL A 1 7   ? 4.612   -16.022 4.582   1.00 46.61 ? 1636 VAL A CB  1 
ATOM   6    C CG1 . VAL A 1 7   ? 5.122   -15.125 5.708   1.00 42.81 ? 1636 VAL A CG1 1 
ATOM   7    C CG2 . VAL A 1 7   ? 3.100   -15.930 4.438   1.00 33.10 ? 1636 VAL A CG2 1 
ATOM   8    N N   . PHE A 1 8   ? 4.034   -14.062 1.965   1.00 43.53 ? 1637 PHE A N   1 
ATOM   9    C CA  . PHE A 1 8   ? 3.675   -12.742 1.439   1.00 34.45 ? 1637 PHE A CA  1 
ATOM   10   C C   . PHE A 1 8   ? 2.277   -12.319 1.866   1.00 33.59 ? 1637 PHE A C   1 
ATOM   11   O O   . PHE A 1 8   ? 1.335   -13.110 1.824   1.00 21.29 ? 1637 PHE A O   1 
ATOM   12   C CB  . PHE A 1 8   ? 3.780   -12.725 -0.085  1.00 36.20 ? 1637 PHE A CB  1 
ATOM   13   C CG  . PHE A 1 8   ? 5.191   -12.685 -0.588  1.00 37.34 ? 1637 PHE A CG  1 
ATOM   14   C CD1 . PHE A 1 8   ? 5.938   -13.851 -0.682  1.00 40.95 ? 1637 PHE A CD1 1 
ATOM   15   C CD2 . PHE A 1 8   ? 5.773   -11.484 -0.962  1.00 31.61 ? 1637 PHE A CD2 1 
ATOM   16   C CE1 . PHE A 1 8   ? 7.246   -13.821 -1.140  1.00 43.33 ? 1637 PHE A CE1 1 
ATOM   17   C CE2 . PHE A 1 8   ? 7.078   -11.448 -1.416  1.00 40.14 ? 1637 PHE A CE2 1 
ATOM   18   C CZ  . PHE A 1 8   ? 7.819   -12.616 -1.506  1.00 38.62 ? 1637 PHE A CZ  1 
ATOM   19   N N   . GLU A 1 9   ? 2.152   -11.059 2.269   1.00 23.14 ? 1638 GLU A N   1 
ATOM   20   C CA  . GLU A 1 9   ? 0.901   -10.529 2.780   1.00 24.11 ? 1638 GLU A CA  1 
ATOM   21   C C   . GLU A 1 9   ? 0.305   -9.516  1.779   1.00 24.02 ? 1638 GLU A C   1 
ATOM   22   O O   . GLU A 1 9   ? 1.004   -8.616  1.290   1.00 19.94 ? 1638 GLU A O   1 
ATOM   23   C CB  . GLU A 1 9   ? 1.148   -9.919  4.166   1.00 22.71 ? 1638 GLU A CB  1 
ATOM   24   C CG  . GLU A 1 9   ? -0.032  -9.209  4.776   1.00 24.61 ? 1638 GLU A CG  1 
ATOM   25   C CD  . GLU A 1 9   ? 0.210   -8.782  6.217   1.00 30.11 ? 1638 GLU A CD  1 
ATOM   26   O OE1 . GLU A 1 9   ? 0.911   -9.514  6.963   1.00 28.94 ? 1638 GLU A OE1 1 
ATOM   27   O OE2 . GLU A 1 9   ? -0.308  -7.711  6.605   1.00 24.79 ? 1638 GLU A OE2 1 
ATOM   28   N N   . PHE A 1 10  ? -0.968  -9.690  1.437   1.00 18.25 ? 1639 PHE A N   1 
ATOM   29   C CA  . PHE A 1 10  ? -1.628  -8.817  0.472   1.00 18.52 ? 1639 PHE A CA  1 
ATOM   30   C C   . PHE A 1 10  ? -2.888  -8.220  1.059   1.00 21.74 ? 1639 PHE A C   1 
ATOM   31   O O   . PHE A 1 10  ? -3.652  -8.914  1.738   1.00 24.47 ? 1639 PHE A O   1 
ATOM   32   C CB  . PHE A 1 10  ? -1.962  -9.569  -0.823  1.00 20.13 ? 1639 PHE A CB  1 
ATOM   33   C CG  . PHE A 1 10  ? -0.747  -10.060 -1.574  1.00 21.47 ? 1639 PHE A CG  1 
ATOM   34   C CD1 . PHE A 1 10  ? -0.121  -9.253  -2.524  1.00 20.41 ? 1639 PHE A CD1 1 
ATOM   35   C CD2 . PHE A 1 10  ? -0.230  -11.326 -1.334  1.00 23.90 ? 1639 PHE A CD2 1 
ATOM   36   C CE1 . PHE A 1 10  ? 1.001   -9.702  -3.223  1.00 22.94 ? 1639 PHE A CE1 1 
ATOM   37   C CE2 . PHE A 1 10  ? 0.895   -11.782 -2.023  1.00 22.05 ? 1639 PHE A CE2 1 
ATOM   38   C CZ  . PHE A 1 10  ? 1.507   -10.973 -2.968  1.00 22.15 ? 1639 PHE A CZ  1 
ATOM   39   N N   . GLU A 1 11  ? -3.105  -6.928  0.805   1.00 14.85 ? 1640 GLU A N   1 
ATOM   40   C CA  . GLU A 1 11  ? -4.319  -6.267  1.252   1.00 15.09 ? 1640 GLU A CA  1 
ATOM   41   C C   . GLU A 1 11  ? -5.221  -6.013  0.037   1.00 19.61 ? 1640 GLU A C   1 
ATOM   42   O O   . GLU A 1 11  ? -4.769  -5.440  -0.952  1.00 18.45 ? 1640 GLU A O   1 
ATOM   43   C CB  . GLU A 1 11  ? -3.980  -4.959  1.973   1.00 18.56 ? 1640 GLU A CB  1 
ATOM   44   C CG  . GLU A 1 11  ? -5.194  -4.107  2.284   1.00 15.12 ? 1640 GLU A CG  1 
ATOM   45   C CD  . GLU A 1 11  ? -4.845  -2.775  2.922   1.00 20.27 ? 1640 GLU A CD  1 
ATOM   46   O OE1 . GLU A 1 11  ? -5.784  -2.070  3.354   1.00 16.25 ? 1640 GLU A OE1 1 
ATOM   47   O OE2 . GLU A 1 11  ? -3.637  -2.419  2.989   1.00 18.61 ? 1640 GLU A OE2 1 
ATOM   48   N N   . PHE A 1 12  ? -6.480  -6.464  0.092   1.00 13.78 ? 1641 PHE A N   1 
ATOM   49   C CA  . PHE A 1 12  ? -7.397  -6.282  -1.030  1.00 18.66 ? 1641 PHE A CA  1 
ATOM   50   C C   . PHE A 1 12  ? -8.538  -5.389  -0.597  1.00 17.11 ? 1641 PHE A C   1 
ATOM   51   O O   . PHE A 1 12  ? -9.091  -5.559  0.496   1.00 19.36 ? 1641 PHE A O   1 
ATOM   52   C CB  . PHE A 1 12  ? -7.965  -7.630  -1.483  1.00 19.73 ? 1641 PHE A CB  1 
ATOM   53   C CG  . PHE A 1 12  ? -7.034  -8.426  -2.366  1.00 15.89 ? 1641 PHE A CG  1 
ATOM   54   C CD1 . PHE A 1 12  ? -6.095  -9.291  -1.820  1.00 18.33 ? 1641 PHE A CD1 1 
ATOM   55   C CD2 . PHE A 1 12  ? -7.124  -8.328  -3.745  1.00 19.18 ? 1641 PHE A CD2 1 
ATOM   56   C CE1 . PHE A 1 12  ? -5.249  -10.016 -2.635  1.00 17.03 ? 1641 PHE A CE1 1 
ATOM   57   C CE2 . PHE A 1 12  ? -6.282  -9.053  -4.567  1.00 20.56 ? 1641 PHE A CE2 1 
ATOM   58   C CZ  . PHE A 1 12  ? -5.347  -9.898  -4.011  1.00 17.25 ? 1641 PHE A CZ  1 
ATOM   59   N N   . SER A 1 13  ? -8.929  -4.459  -1.457  1.00 17.07 ? 1642 SER A N   1 
ATOM   60   C CA  . SER A 1 13  ? -9.973  -3.524  -1.088  1.00 17.40 ? 1642 SER A CA  1 
ATOM   61   C C   . SER A 1 13  ? -10.676 -3.047  -2.345  1.00 21.39 ? 1642 SER A C   1 
ATOM   62   O O   . SER A 1 13  ? -10.051 -2.906  -3.391  1.00 19.83 ? 1642 SER A O   1 
ATOM   63   C CB  . SER A 1 13  ? -9.360  -2.352  -0.306  1.00 20.35 ? 1642 SER A CB  1 
ATOM   64   O OG  . SER A 1 13  ? -10.329 -1.373  0.012   1.00 28.53 ? 1642 SER A OG  1 
ATOM   65   N N   . GLU A 1 14  ? -11.984 -2.828  -2.275  1.00 24.64 ? 1643 GLU A N   1 
ATOM   66   C CA  . GLU A 1 14  ? -12.663 -2.254  -3.433  1.00 17.75 ? 1643 GLU A CA  1 
ATOM   67   C C   . GLU A 1 14  ? -12.714 -0.730  -3.305  1.00 22.19 ? 1643 GLU A C   1 
ATOM   68   O O   . GLU A 1 14  ? -13.375 -0.048  -4.080  1.00 25.85 ? 1643 GLU A O   1 
ATOM   69   C CB  . GLU A 1 14  ? -14.047 -2.870  -3.635  1.00 28.94 ? 1643 GLU A CB  1 
ATOM   70   C CG  . GLU A 1 14  ? -14.855 -2.987  -2.368  1.00 23.74 ? 1643 GLU A CG  1 
ATOM   71   C CD  . GLU A 1 14  ? -16.239 -3.621  -2.583  1.00 31.42 ? 1643 GLU A CD  1 
ATOM   72   O OE1 . GLU A 1 14  ? -16.495 -4.277  -3.626  1.00 27.51 ? 1643 GLU A OE1 1 
ATOM   73   O OE2 . GLU A 1 14  ? -17.078 -3.453  -1.684  1.00 26.58 ? 1643 GLU A OE2 1 
ATOM   74   N N   . THR A 1 15  ? -11.974 -0.215  -2.325  1.00 22.73 ? 1644 THR A N   1 
ATOM   75   C CA  . THR A 1 15  ? -11.860 1.219   -2.087  1.00 25.66 ? 1644 THR A CA  1 
ATOM   76   C C   . THR A 1 15  ? -10.387 1.627   -2.212  1.00 18.64 ? 1644 THR A C   1 
ATOM   77   O O   . THR A 1 15  ? -9.499  0.906   -1.718  1.00 17.20 ? 1644 THR A O   1 
ATOM   78   C CB  . THR A 1 15  ? -12.401 1.550   -0.683  1.00 31.42 ? 1644 THR A CB  1 
ATOM   79   O OG1 . THR A 1 15  ? -13.839 1.586   -0.715  1.00 23.84 ? 1644 THR A OG1 1 
ATOM   80   C CG2 . THR A 1 15  ? -11.870 2.871   -0.194  1.00 25.22 ? 1644 THR A CG2 1 
ATOM   81   N N   . PRO A 1 16  ? -10.101 2.762   -2.886  1.00 25.55 ? 1645 PRO A N   1 
ATOM   82   C CA  . PRO A 1 16  ? -8.690  3.174   -3.034  1.00 17.11 ? 1645 PRO A CA  1 
ATOM   83   C C   . PRO A 1 16  ? -7.936  3.149   -1.707  1.00 20.22 ? 1645 PRO A C   1 
ATOM   84   O O   . PRO A 1 16  ? -8.515  3.396   -0.644  1.00 21.01 ? 1645 PRO A O   1 
ATOM   85   C CB  . PRO A 1 16  ? -8.792  4.608   -3.546  1.00 23.70 ? 1645 PRO A CB  1 
ATOM   86   C CG  . PRO A 1 16  ? -10.106 4.638   -4.283  1.00 19.19 ? 1645 PRO A CG  1 
ATOM   87   C CD  . PRO A 1 16  ? -11.025 3.724   -3.518  1.00 25.70 ? 1645 PRO A CD  1 
ATOM   88   N N   . LEU A 1 17  ? -6.654  2.822   -1.762  1.00 14.88 ? 1646 LEU A N   1 
ATOM   89   C CA  . LEU A 1 17  ? -5.864  2.714   -0.542  1.00 18.08 ? 1646 LEU A CA  1 
ATOM   90   C C   . LEU A 1 17  ? -5.224  4.042   -0.100  1.00 11.19 ? 1646 LEU A C   1 
ATOM   91   O O   . LEU A 1 17  ? -4.785  4.828   -0.924  1.00 12.91 ? 1646 LEU A O   1 
ATOM   92   C CB  . LEU A 1 17  ? -4.805  1.631   -0.728  1.00 15.61 ? 1646 LEU A CB  1 
ATOM   93   C CG  . LEU A 1 17  ? -5.458  0.238   -0.682  1.00 19.00 ? 1646 LEU A CG  1 
ATOM   94   C CD1 . LEU A 1 17  ? -4.534  -0.857  -1.134  1.00 15.26 ? 1646 LEU A CD1 1 
ATOM   95   C CD2 . LEU A 1 17  ? -5.952  -0.057  0.714   1.00 19.88 ? 1646 LEU A CD2 1 
ATOM   96   N N   . LEU A 1 18  ? -5.205  4.283   1.207   1.00 11.84 ? 1647 LEU A N   1 
ATOM   97   C CA  . LEU A 1 18  ? -4.514  5.424   1.782   1.00 14.03 ? 1647 LEU A CA  1 
ATOM   98   C C   . LEU A 1 18  ? -3.021  5.242   1.577   1.00 14.57 ? 1647 LEU A C   1 
ATOM   99   O O   . LEU A 1 18  ? -2.528  4.119   1.596   1.00 11.70 ? 1647 LEU A O   1 
ATOM   100  C CB  . LEU A 1 18  ? -4.810  5.529   3.285   1.00 13.83 ? 1647 LEU A CB  1 
ATOM   101  C CG  . LEU A 1 18  ? -6.270  5.791   3.657   1.00 12.88 ? 1647 LEU A CG  1 
ATOM   102  C CD1 . LEU A 1 18  ? -6.365  6.130   5.141   1.00 13.73 ? 1647 LEU A CD1 1 
ATOM   103  C CD2 . LEU A 1 18  ? -6.841  6.906   2.794   1.00 15.76 ? 1647 LEU A CD2 1 
ATOM   104  N N   . PRO A 1 19  ? -2.281  6.346   1.384   1.00 15.81 ? 1648 PRO A N   1 
ATOM   105  C CA  . PRO A 1 19  ? -0.835  6.151   1.206   1.00 13.43 ? 1648 PRO A CA  1 
ATOM   106  C C   . PRO A 1 19  ? -0.194  5.623   2.477   1.00 12.30 ? 1648 PRO A C   1 
ATOM   107  O O   . PRO A 1 19  ? -0.585  6.058   3.573   1.00 13.21 ? 1648 PRO A O   1 
ATOM   108  C CB  . PRO A 1 19  ? -0.319  7.567   0.871   1.00 13.37 ? 1648 PRO A CB  1 
ATOM   109  C CG  . PRO A 1 19  ? -1.380  8.506   1.391   1.00 19.38 ? 1648 PRO A CG  1 
ATOM   110  C CD  . PRO A 1 19  ? -2.684  7.763   1.358   1.00 12.62 ? 1648 PRO A CD  1 
ATOM   111  N N   . CYS A 1 20  ? 0.759   4.702   2.334   1.00 12.63 ? 1649 CYS A N   1 
ATOM   112  C CA  . CYS A 1 20  ? 1.486   4.153   3.464   1.00 12.68 ? 1649 CYS A CA  1 
ATOM   113  C C   . CYS A 1 20  ? 2.874   4.795   3.521   1.00 15.57 ? 1649 CYS A C   1 
ATOM   114  O O   . CYS A 1 20  ? 3.612   4.791   2.536   1.00 15.34 ? 1649 CYS A O   1 
ATOM   115  C CB  . CYS A 1 20  ? 1.616   2.625   3.327   1.00 10.66 ? 1649 CYS A CB  1 
ATOM   116  S SG  . CYS A 1 20  ? 2.411   1.792   4.736   1.00 22.65 ? 1649 CYS A SG  1 
ATOM   117  N N   . TYR A 1 21  ? 3.231   5.346   4.672   1.00 12.32 ? 1650 TYR A N   1 
ATOM   118  C CA  . TYR A 1 21  ? 4.504   6.046   4.799   1.00 13.72 ? 1650 TYR A CA  1 
ATOM   119  C C   . TYR A 1 21  ? 5.518   5.275   5.636   1.00 15.59 ? 1650 TYR A C   1 
ATOM   120  O O   . TYR A 1 21  ? 5.199   4.825   6.741   1.00 14.58 ? 1650 TYR A O   1 
ATOM   121  C CB  . TYR A 1 21  ? 4.266   7.412   5.421   1.00 14.29 ? 1650 TYR A CB  1 
ATOM   122  C CG  . TYR A 1 21  ? 3.306   8.274   4.615   1.00 9.73  ? 1650 TYR A CG  1 
ATOM   123  C CD1 . TYR A 1 21  ? 3.676   8.797   3.384   1.00 11.86 ? 1650 TYR A CD1 1 
ATOM   124  C CD2 . TYR A 1 21  ? 2.033   8.551   5.079   1.00 13.95 ? 1650 TYR A CD2 1 
ATOM   125  C CE1 . TYR A 1 21  ? 2.807   9.593   2.639   1.00 12.88 ? 1650 TYR A CE1 1 
ATOM   126  C CE2 . TYR A 1 21  ? 1.148   9.357   4.337   1.00 12.86 ? 1650 TYR A CE2 1 
ATOM   127  C CZ  . TYR A 1 21  ? 1.545   9.868   3.118   1.00 13.61 ? 1650 TYR A CZ  1 
ATOM   128  O OH  . TYR A 1 21  ? 0.685   10.653  2.370   1.00 14.64 ? 1650 TYR A OH  1 
ATOM   129  N N   . ASN A 1 22  ? 6.744   5.154   5.124   1.00 15.20 ? 1651 ASN A N   1 
ATOM   130  C CA  . ASN A 1 22  ? 7.795   4.409   5.819   1.00 18.57 ? 1651 ASN A CA  1 
ATOM   131  C C   . ASN A 1 22  ? 8.733   5.391   6.535   1.00 16.63 ? 1651 ASN A C   1 
ATOM   132  O O   . ASN A 1 22  ? 9.536   6.074   5.899   1.00 16.70 ? 1651 ASN A O   1 
ATOM   133  C CB  . ASN A 1 22  ? 8.547   3.514   4.820   1.00 17.12 ? 1651 ASN A CB  1 
ATOM   134  C CG  . ASN A 1 22  ? 9.360   2.412   5.498   1.00 24.81 ? 1651 ASN A CG  1 
ATOM   135  O OD1 . ASN A 1 22  ? 8.813   1.456   6.061   1.00 19.69 ? 1651 ASN A OD1 1 
ATOM   136  N ND2 . ASN A 1 22  ? 10.670  2.536   5.425   1.00 17.36 ? 1651 ASN A ND2 1 
ATOM   137  N N   . ILE A 1 23  ? 8.589   5.485   7.857   1.00 15.46 ? 1652 ILE A N   1 
ATOM   138  C CA  . ILE A 1 23  ? 9.157   6.588   8.628   1.00 16.05 ? 1652 ILE A CA  1 
ATOM   139  C C   . ILE A 1 23  ? 9.824   6.028   9.873   1.00 21.82 ? 1652 ILE A C   1 
ATOM   140  O O   . ILE A 1 23  ? 9.225   5.227   10.596  1.00 16.00 ? 1652 ILE A O   1 
ATOM   141  C CB  . ILE A 1 23  ? 8.064   7.577   9.116   1.00 18.08 ? 1652 ILE A CB  1 
ATOM   142  C CG1 . ILE A 1 23  ? 7.220   8.110   7.941   1.00 18.79 ? 1652 ILE A CG1 1 
ATOM   143  C CG2 . ILE A 1 23  ? 8.663   8.701   9.969   1.00 15.55 ? 1652 ILE A CG2 1 
ATOM   144  C CD1 . ILE A 1 23  ? 8.026   8.885   6.920   1.00 19.62 ? 1652 ILE A CD1 1 
ATOM   145  N N   . GLN A 1 24  ? 11.059  6.447   10.126  1.00 19.81 ? 1653 GLN A N   1 
ATOM   146  C CA  . GLN A 1 24  ? 11.742  6.069   11.360  1.00 21.87 ? 1653 GLN A CA  1 
ATOM   147  C C   . GLN A 1 24  ? 11.463  7.145   12.399  1.00 24.17 ? 1653 GLN A C   1 
ATOM   148  O O   . GLN A 1 24  ? 11.719  8.331   12.167  1.00 16.76 ? 1653 GLN A O   1 
ATOM   149  C CB  . GLN A 1 24  ? 13.251  5.929   11.140  1.00 24.56 ? 1653 GLN A CB  1 
ATOM   150  C CG  . GLN A 1 24  ? 14.044  5.751   12.437  1.00 25.60 ? 1653 GLN A CG  1 
ATOM   151  C CD  . GLN A 1 24  ? 15.511  5.519   12.188  1.00 23.60 ? 1653 GLN A CD  1 
ATOM   152  O OE1 . GLN A 1 24  ? 15.887  4.667   11.386  1.00 24.20 ? 1653 GLN A OE1 1 
ATOM   153  N NE2 . GLN A 1 24  ? 16.352  6.287   12.867  1.00 27.34 ? 1653 GLN A NE2 1 
ATOM   154  N N   . VAL A 1 25  ? 10.920  6.726   13.534  1.00 22.75 ? 1654 VAL A N   1 
ATOM   155  C CA  . VAL A 1 25  ? 10.560  7.634   14.609  1.00 22.09 ? 1654 VAL A CA  1 
ATOM   156  C C   . VAL A 1 25  ? 11.592  7.492   15.727  1.00 22.24 ? 1654 VAL A C   1 
ATOM   157  O O   . VAL A 1 25  ? 11.931  8.461   16.412  1.00 28.13 ? 1654 VAL A O   1 
ATOM   158  C CB  . VAL A 1 25  ? 9.118   7.338   15.092  1.00 26.48 ? 1654 VAL A CB  1 
ATOM   159  C CG1 . VAL A 1 25  ? 8.948   7.610   16.571  1.00 27.05 ? 1654 VAL A CG1 1 
ATOM   160  C CG2 . VAL A 1 25  ? 8.108   8.145   14.264  1.00 21.37 ? 1654 VAL A CG2 1 
ATOM   161  N N   . SER A 1 26  ? 12.112  6.284   15.881  1.00 26.61 ? 1655 SER A N   1 
ATOM   162  C CA  . SER A 1 26  ? 13.158  6.027   16.868  1.00 31.01 ? 1655 SER A CA  1 
ATOM   163  C C   . SER A 1 26  ? 14.325  5.321   16.213  1.00 26.15 ? 1655 SER A C   1 
ATOM   164  O O   . SER A 1 26  ? 14.134  4.472   15.342  1.00 25.38 ? 1655 SER A O   1 
ATOM   165  C CB  . SER A 1 26  ? 12.622  5.163   18.009  1.00 22.43 ? 1655 SER A CB  1 
ATOM   166  O OG  . SER A 1 26  ? 13.408  3.998   18.156  1.00 30.73 ? 1655 SER A OG  1 
ATOM   167  N N   . VAL A 1 27  ? 15.542  5.669   16.622  1.00 34.86 ? 1656 VAL A N   1 
ATOM   168  C CA  . VAL A 1 27  ? 16.713  4.970   16.110  1.00 29.67 ? 1656 VAL A CA  1 
ATOM   169  C C   . VAL A 1 27  ? 16.641  3.479   16.466  1.00 24.04 ? 1656 VAL A C   1 
ATOM   170  O O   . VAL A 1 27  ? 16.942  2.630   15.636  1.00 20.01 ? 1656 VAL A O   1 
ATOM   171  C CB  . VAL A 1 27  ? 18.039  5.599   16.608  1.00 27.38 ? 1656 VAL A CB  1 
ATOM   172  C CG1 . VAL A 1 27  ? 19.233  4.747   16.182  1.00 28.11 ? 1656 VAL A CG1 1 
ATOM   173  C CG2 . VAL A 1 27  ? 18.182  7.023   16.076  1.00 34.88 ? 1656 VAL A CG2 1 
ATOM   174  N N   . ALA A 1 28  ? 16.213  3.169   17.687  1.00 27.03 ? 1657 ALA A N   1 
ATOM   175  C CA  . ALA A 1 28  ? 16.163  1.782   18.170  1.00 24.81 ? 1657 ALA A CA  1 
ATOM   176  C C   . ALA A 1 28  ? 15.215  0.896   17.353  1.00 34.75 ? 1657 ALA A C   1 
ATOM   177  O O   . ALA A 1 28  ? 15.389  -0.327  17.286  1.00 36.29 ? 1657 ALA A O   1 
ATOM   178  C CB  . ALA A 1 28  ? 15.760  1.752   19.639  1.00 25.68 ? 1657 ALA A CB  1 
ATOM   179  N N   . GLN A 1 29  ? 14.203  1.525   16.756  1.00 33.27 ? 1658 GLN A N   1 
ATOM   180  C CA  . GLN A 1 29  ? 13.137  0.818   16.043  1.00 25.62 ? 1658 GLN A CA  1 
ATOM   181  C C   . GLN A 1 29  ? 13.411  0.666   14.562  1.00 26.72 ? 1658 GLN A C   1 
ATOM   182  O O   . GLN A 1 29  ? 12.929  -0.271  13.927  1.00 29.97 ? 1658 GLN A O   1 
ATOM   183  C CB  . GLN A 1 29  ? 11.824  1.585   16.194  1.00 27.56 ? 1658 GLN A CB  1 
ATOM   184  C CG  . GLN A 1 29  ? 11.237  1.536   17.591  1.00 33.97 ? 1658 GLN A CG  1 
ATOM   185  C CD  . GLN A 1 29  ? 9.903   2.233   17.678  1.00 40.21 ? 1658 GLN A CD  1 
ATOM   186  O OE1 . GLN A 1 29  ? 9.485   2.917   16.740  1.00 35.26 ? 1658 GLN A OE1 1 
ATOM   187  N NE2 . GLN A 1 29  ? 9.216   2.062   18.809  1.00 38.06 ? 1658 GLN A NE2 1 
ATOM   188  N N   . GLY A 1 30  ? 14.163  1.613   14.008  1.00 30.84 ? 1659 GLY A N   1 
ATOM   189  C CA  . GLY A 1 30  ? 14.296  1.715   12.570  1.00 26.62 ? 1659 GLY A CA  1 
ATOM   190  C C   . GLY A 1 30  ? 12.994  2.195   11.946  1.00 23.57 ? 1659 GLY A C   1 
ATOM   191  O O   . GLY A 1 30  ? 12.035  2.531   12.656  1.00 24.12 ? 1659 GLY A O   1 
ATOM   192  N N   . PRO A 1 31  ? 12.949  2.225   10.606  1.00 19.62 ? 1660 PRO A N   1 
ATOM   193  C CA  . PRO A 1 31  ? 11.773  2.677   9.863   1.00 17.01 ? 1660 PRO A CA  1 
ATOM   194  C C   . PRO A 1 31  ? 10.575  1.735   10.075  1.00 17.77 ? 1660 PRO A C   1 
ATOM   195  O O   . PRO A 1 31  ? 10.731  0.515   10.065  1.00 19.20 ? 1660 PRO A O   1 
ATOM   196  C CB  . PRO A 1 31  ? 12.241  2.611   8.407   1.00 25.00 ? 1660 PRO A CB  1 
ATOM   197  C CG  . PRO A 1 31  ? 13.771  2.652   8.480   1.00 28.32 ? 1660 PRO A CG  1 
ATOM   198  C CD  . PRO A 1 31  ? 14.061  1.856   9.710   1.00 26.91 ? 1660 PRO A CD  1 
ATOM   199  N N   . ARG A 1 32  ? 9.392   2.309   10.252  1.00 18.45 ? 1661 ARG A N   1 
ATOM   200  C CA  . ARG A 1 32  ? 8.173   1.520   10.394  1.00 17.29 ? 1661 ARG A CA  1 
ATOM   201  C C   . ARG A 1 32  ? 7.125   2.037   9.414   1.00 16.34 ? 1661 ARG A C   1 
ATOM   202  O O   . ARG A 1 32  ? 7.298   3.106   8.827   1.00 13.17 ? 1661 ARG A O   1 
ATOM   203  C CB  . ARG A 1 32  ? 7.671   1.616   11.832  1.00 17.02 ? 1661 ARG A CB  1 
ATOM   204  C CG  . ARG A 1 32  ? 8.587   0.944   12.837  1.00 25.64 ? 1661 ARG A CG  1 
ATOM   205  C CD  . ARG A 1 32  ? 8.259   1.356   14.257  1.00 29.77 ? 1661 ARG A CD  1 
ATOM   206  N NE  . ARG A 1 32  ? 6.916   0.946   14.642  1.00 23.24 ? 1661 ARG A NE  1 
ATOM   207  C CZ  . ARG A 1 32  ? 6.288   1.386   15.725  1.00 27.53 ? 1661 ARG A CZ  1 
ATOM   208  N NH1 . ARG A 1 32  ? 6.895   2.239   16.533  1.00 23.41 ? 1661 ARG A NH1 1 
ATOM   209  N NH2 . ARG A 1 32  ? 5.059   0.969   16.002  1.00 28.48 ? 1661 ARG A NH2 1 
ATOM   210  N N   . ASN A 1 33  ? 6.045   1.282   9.216   1.00 16.49 ? 1662 ASN A N   1 
ATOM   211  C CA  . ASN A 1 33  ? 4.961   1.742   8.341   1.00 15.82 ? 1662 ASN A CA  1 
ATOM   212  C C   . ASN A 1 33  ? 3.866   2.448   9.127   1.00 16.69 ? 1662 ASN A C   1 
ATOM   213  O O   . ASN A 1 33  ? 3.519   2.012   10.228  1.00 15.50 ? 1662 ASN A O   1 
ATOM   214  C CB  . ASN A 1 33  ? 4.364   0.585   7.537   1.00 18.71 ? 1662 ASN A CB  1 
ATOM   215  C CG  . ASN A 1 33  ? 5.305   0.072   6.475   1.00 19.69 ? 1662 ASN A CG  1 
ATOM   216  O OD1 . ASN A 1 33  ? 5.430   -1.142  6.272   1.00 21.63 ? 1662 ASN A OD1 1 
ATOM   217  N ND2 . ASN A 1 33  ? 5.990   0.984   5.802   1.00 11.72 ? 1662 ASN A ND2 1 
ATOM   218  N N   . TRP A 1 34  ? 3.334   3.533   8.556   1.00 13.15 ? 1663 TRP A N   1 
ATOM   219  C CA  . TRP A 1 34  ? 2.303   4.349   9.197   1.00 15.26 ? 1663 TRP A CA  1 
ATOM   220  C C   . TRP A 1 34  ? 1.297   4.867   8.182   1.00 13.76 ? 1663 TRP A C   1 
ATOM   221  O O   . TRP A 1 34  ? 1.610   5.001   6.991   1.00 14.32 ? 1663 TRP A O   1 
ATOM   222  C CB  . TRP A 1 34  ? 2.909   5.588   9.864   1.00 15.33 ? 1663 TRP A CB  1 
ATOM   223  C CG  . TRP A 1 34  ? 4.146   5.344   10.645  1.00 15.27 ? 1663 TRP A CG  1 
ATOM   224  C CD1 . TRP A 1 34  ? 5.415   5.249   10.160  1.00 15.80 ? 1663 TRP A CD1 1 
ATOM   225  C CD2 . TRP A 1 34  ? 4.241   5.186   12.065  1.00 15.05 ? 1663 TRP A CD2 1 
ATOM   226  N NE1 . TRP A 1 34  ? 6.300   5.023   11.197  1.00 15.61 ? 1663 TRP A NE1 1 
ATOM   227  C CE2 . TRP A 1 34  ? 5.601   4.985   12.377  1.00 19.00 ? 1663 TRP A CE2 1 
ATOM   228  C CE3 . TRP A 1 34  ? 3.305   5.191   13.104  1.00 14.98 ? 1663 TRP A CE3 1 
ATOM   229  C CZ2 . TRP A 1 34  ? 6.046   4.775   13.692  1.00 20.79 ? 1663 TRP A CZ2 1 
ATOM   230  C CZ3 . TRP A 1 34  ? 3.750   4.990   14.405  1.00 19.90 ? 1663 TRP A CZ3 1 
ATOM   231  C CH2 . TRP A 1 34  ? 5.106   4.787   14.686  1.00 20.57 ? 1663 TRP A CH2 1 
ATOM   232  N N   . LEU A 1 35  ? 0.103   5.198   8.670   1.00 15.34 ? 1664 LEU A N   1 
ATOM   233  C CA  . LEU A 1 35  ? -0.805  6.053   7.919   1.00 14.80 ? 1664 LEU A CA  1 
ATOM   234  C C   . LEU A 1 35  ? -0.878  7.422   8.626   1.00 12.52 ? 1664 LEU A C   1 
ATOM   235  O O   . LEU A 1 35  ? -0.687  7.514   9.841   1.00 14.06 ? 1664 LEU A O   1 
ATOM   236  C CB  . LEU A 1 35  ? -2.204  5.422   7.829   1.00 12.45 ? 1664 LEU A CB  1 
ATOM   237  C CG  . LEU A 1 35  ? -2.329  4.004   7.271   1.00 12.34 ? 1664 LEU A CG  1 
ATOM   238  C CD1 . LEU A 1 35  ? -3.796  3.501   7.358   1.00 15.72 ? 1664 LEU A CD1 1 
ATOM   239  C CD2 . LEU A 1 35  ? -1.853  3.983   5.844   1.00 10.86 ? 1664 LEU A CD2 1 
ATOM   240  N N   . LEU A 1 36  ? -1.141  8.485   7.881   1.00 15.84 ? 1665 LEU A N   1 
ATOM   241  C CA  . LEU A 1 36  ? -1.496  9.755   8.525   1.00 17.18 ? 1665 LEU A CA  1 
ATOM   242  C C   . LEU A 1 36  ? -2.845  9.591   9.218   1.00 15.02 ? 1665 LEU A C   1 
ATOM   243  O O   . LEU A 1 36  ? -3.815  9.228   8.573   1.00 12.72 ? 1665 LEU A O   1 
ATOM   244  C CB  . LEU A 1 36  ? -1.646  10.863  7.491   1.00 14.88 ? 1665 LEU A CB  1 
ATOM   245  C CG  . LEU A 1 36  ? -0.466  11.718  7.066   1.00 24.06 ? 1665 LEU A CG  1 
ATOM   246  C CD1 . LEU A 1 36  ? -1.042  12.735  6.108   1.00 25.93 ? 1665 LEU A CD1 1 
ATOM   247  C CD2 . LEU A 1 36  ? 0.207   12.399  8.258   1.00 14.49 ? 1665 LEU A CD2 1 
ATOM   248  N N   . LEU A 1 37  ? -2.912  9.864   10.517  1.00 14.59 ? 1666 LEU A N   1 
ATOM   249  C CA  . LEU A 1 37  ? -4.161  9.718   11.245  1.00 15.83 ? 1666 LEU A CA  1 
ATOM   250  C C   . LEU A 1 37  ? -5.291  10.545  10.636  1.00 15.18 ? 1666 LEU A C   1 
ATOM   251  O O   . LEU A 1 37  ? -6.437  10.100  10.611  1.00 16.59 ? 1666 LEU A O   1 
ATOM   252  C CB  . LEU A 1 37  ? -3.981  10.077  12.721  1.00 16.24 ? 1666 LEU A CB  1 
ATOM   253  C CG  . LEU A 1 37  ? -5.236  9.816   13.543  1.00 18.29 ? 1666 LEU A CG  1 
ATOM   254  C CD1 . LEU A 1 37  ? -5.583  8.341   13.493  1.00 16.40 ? 1666 LEU A CD1 1 
ATOM   255  C CD2 . LEU A 1 37  ? -5.088  10.285  14.972  1.00 24.93 ? 1666 LEU A CD2 1 
ATOM   256  N N   . SER A 1 38  ? -4.990  11.742  10.125  1.00 16.18 ? 1667 SER A N   1 
ATOM   257  C CA  . SER A 1 38  ? -6.056  12.559  9.523   1.00 15.31 ? 1667 SER A CA  1 
ATOM   258  C C   . SER A 1 38  ? -6.651  11.886  8.296   1.00 14.19 ? 1667 SER A C   1 
ATOM   259  O O   . SER A 1 38  ? -7.826  12.086  7.989   1.00 14.35 ? 1667 SER A O   1 
ATOM   260  C CB  . SER A 1 38  ? -5.575  13.987  9.167   1.00 17.19 ? 1667 SER A CB  1 
ATOM   261  O OG  . SER A 1 38  ? -4.404  13.950  8.371   1.00 13.09 ? 1667 SER A OG  1 
ATOM   262  N N   . ASP A 1 39  ? -5.843  11.094  7.592   1.00 15.66 ? 1668 ASP A N   1 
ATOM   263  C CA  . ASP A 1 39  ? -6.353  10.345  6.449   1.00 14.33 ? 1668 ASP A CA  1 
ATOM   264  C C   . ASP A 1 39  ? -7.343  9.295   6.934   1.00 14.29 ? 1668 ASP A C   1 
ATOM   265  O O   . ASP A 1 39  ? -8.388  9.101   6.312   1.00 14.89 ? 1668 ASP A O   1 
ATOM   266  C CB  . ASP A 1 39  ? -5.233  9.660   5.661   1.00 12.90 ? 1668 ASP A CB  1 
ATOM   267  C CG  . ASP A 1 39  ? -4.419  10.634  4.811   1.00 19.81 ? 1668 ASP A CG  1 
ATOM   268  O OD1 . ASP A 1 39  ? -4.833  11.796  4.664   1.00 24.53 ? 1668 ASP A OD1 1 
ATOM   269  O OD2 . ASP A 1 39  ? -3.368  10.227  4.282   1.00 22.64 ? 1668 ASP A OD2 1 
ATOM   270  N N   . VAL A 1 40  ? -7.010  8.629   8.039   1.00 14.24 ? 1669 VAL A N   1 
ATOM   271  C CA  . VAL A 1 40  ? -7.882  7.600   8.606   1.00 16.04 ? 1669 VAL A CA  1 
ATOM   272  C C   . VAL A 1 40  ? -9.181  8.231   9.078   1.00 17.89 ? 1669 VAL A C   1 
ATOM   273  O O   . VAL A 1 40  ? -10.267 7.748   8.759   1.00 13.06 ? 1669 VAL A O   1 
ATOM   274  C CB  . VAL A 1 40  ? -7.217  6.863   9.790   1.00 14.18 ? 1669 VAL A CB  1 
ATOM   275  C CG1 . VAL A 1 40  ? -8.197  5.894   10.454  1.00 13.39 ? 1669 VAL A CG1 1 
ATOM   276  C CG2 . VAL A 1 40  ? -5.946  6.122   9.349   1.00 10.22 ? 1669 VAL A CG2 1 
ATOM   277  N N   . LEU A 1 41  ? -9.062  9.326   9.823   1.00 18.86 ? 1670 LEU A N   1 
ATOM   278  C CA  . LEU A 1 41  ? -10.224 9.961   10.424  1.00 13.08 ? 1670 LEU A CA  1 
ATOM   279  C C   . LEU A 1 41  ? -11.141 10.511  9.357   1.00 15.64 ? 1670 LEU A C   1 
ATOM   280  O O   . LEU A 1 41  ? -12.360 10.407  9.480   1.00 13.83 ? 1670 LEU A O   1 
ATOM   281  C CB  . LEU A 1 41  ? -9.796  11.052  11.414  1.00 14.00 ? 1670 LEU A CB  1 
ATOM   282  C CG  . LEU A 1 41  ? -9.024  10.549  12.643  1.00 16.18 ? 1670 LEU A CG  1 
ATOM   283  C CD1 . LEU A 1 41  ? -8.824  11.649  13.694  1.00 14.51 ? 1670 LEU A CD1 1 
ATOM   284  C CD2 . LEU A 1 41  ? -9.691  9.289   13.269  1.00 11.01 ? 1670 LEU A CD2 1 
ATOM   285  N N   . LYS A 1 42  ? -10.570 11.050  8.281   1.00 14.36 ? 1671 LYS A N   1 
ATOM   286  C CA  . LYS A 1 42  ? -11.402 11.545  7.188   1.00 13.93 ? 1671 LYS A CA  1 
ATOM   287  C C   . LYS A 1 42  ? -12.258 10.446  6.526   1.00 12.84 ? 1671 LYS A C   1 
ATOM   288  O O   . LYS A 1 42  ? -13.429 10.642  6.255   1.00 15.48 ? 1671 LYS A O   1 
ATOM   289  C CB  . LYS A 1 42  ? -10.570 12.255  6.123   1.00 13.37 ? 1671 LYS A CB  1 
ATOM   290  C CG  . LYS A 1 42  ? -11.409 12.698  4.954   1.00 13.41 ? 1671 LYS A CG  1 
ATOM   291  C CD  . LYS A 1 42  ? -10.579 13.062  3.732   1.00 29.40 ? 1671 LYS A CD  1 
ATOM   292  C CE  . LYS A 1 42  ? -9.967  14.423  3.887   1.00 26.39 ? 1671 LYS A CE  1 
ATOM   293  N NZ  . LYS A 1 42  ? -9.078  14.834  2.747   1.00 42.36 ? 1671 LYS A NZ  1 
ATOM   294  N N   . LYS A 1 43  ? -11.653 9.300   6.263   1.00 20.75 ? 1672 LYS A N   1 
ATOM   295  C CA  . LYS A 1 43  ? -12.343 8.208   5.590   1.00 21.27 ? 1672 LYS A CA  1 
ATOM   296  C C   . LYS A 1 43  ? -13.546 7.714   6.406   1.00 16.52 ? 1672 LYS A C   1 
ATOM   297  O O   . LYS A 1 43  ? -14.596 7.371   5.857   1.00 21.31 ? 1672 LYS A O   1 
ATOM   298  C CB  . LYS A 1 43  ? -11.346 7.069   5.333   1.00 20.96 ? 1672 LYS A CB  1 
ATOM   299  C CG  . LYS A 1 43  ? -11.883 5.980   4.404   1.00 30.40 ? 1672 LYS A CG  1 
ATOM   300  C CD  . LYS A 1 43  ? -12.056 6.512   2.979   1.00 32.09 ? 1672 LYS A CD  1 
ATOM   301  C CE  . LYS A 1 43  ? -12.487 5.405   2.026   1.00 36.75 ? 1672 LYS A CE  1 
ATOM   302  N NZ  . LYS A 1 43  ? -13.802 5.664   1.343   1.00 40.23 ? 1672 LYS A NZ  1 
ATOM   303  N N   . LEU A 1 44  ? -13.393 7.702   7.726   1.00 15.69 ? 1673 LEU A N   1 
ATOM   304  C CA  . LEU A 1 44  ? -14.438 7.214   8.614   1.00 13.55 ? 1673 LEU A CA  1 
ATOM   305  C C   . LEU A 1 44  ? -15.326 8.338   9.105   1.00 11.37 ? 1673 LEU A C   1 
ATOM   306  O O   . LEU A 1 44  ? -16.392 8.085   9.683   1.00 11.02 ? 1673 LEU A O   1 
ATOM   307  C CB  . LEU A 1 44  ? -13.826 6.485   9.815   1.00 10.21 ? 1673 LEU A CB  1 
ATOM   308  C CG  . LEU A 1 44  ? -12.986 5.302   9.404   1.00 12.43 ? 1673 LEU A CG  1 
ATOM   309  C CD1 . LEU A 1 44  ? -12.199 4.758   10.590  1.00 17.37 ? 1673 LEU A CD1 1 
ATOM   310  C CD2 . LEU A 1 44  ? -13.883 4.240   8.810   1.00 17.28 ? 1673 LEU A CD2 1 
ATOM   311  N N   . LYS A 1 45  ? -14.902 9.576   8.848   1.00 11.83 ? 1674 LYS A N   1 
ATOM   312  C CA  . LYS A 1 45  ? -15.578 10.736  9.409   1.00 12.25 ? 1674 LYS A CA  1 
ATOM   313  C C   . LYS A 1 45  ? -15.704 10.552  10.921  1.00 11.32 ? 1674 LYS A C   1 
ATOM   314  O O   . LYS A 1 45  ? -16.777 10.748  11.503  1.00 9.28  ? 1674 LYS A O   1 
ATOM   315  C CB  . LYS A 1 45  ? -16.944 10.925  8.735   1.00 16.93 ? 1674 LYS A CB  1 
ATOM   316  C CG  . LYS A 1 45  ? -16.848 11.030  7.199   1.00 20.00 ? 1674 LYS A CG  1 
ATOM   317  C CD  . LYS A 1 45  ? -16.945 12.470  6.706   1.00 20.02 ? 1674 LYS A CD  1 
ATOM   318  C CE  . LYS A 1 45  ? -15.854 12.830  5.698   1.00 21.66 ? 1674 LYS A CE  1 
ATOM   319  N NZ  . LYS A 1 45  ? -15.782 11.918  4.525   1.00 24.24 ? 1674 LYS A NZ  1 
ATOM   320  N N   . MET A 1 46  ? -14.592 10.149  11.542  1.00 10.13 ? 1675 MET A N   1 
ATOM   321  C CA  . MET A 1 46  ? -14.548 9.775   12.954  1.00 10.54 ? 1675 MET A CA  1 
ATOM   322  C C   . MET A 1 46  ? -13.700 10.768  13.752  1.00 15.21 ? 1675 MET A C   1 
ATOM   323  O O   . MET A 1 46  ? -12.658 11.222  13.280  1.00 14.61 ? 1675 MET A O   1 
ATOM   324  C CB  . MET A 1 46  ? -13.958 8.350   13.092  1.00 11.26 ? 1675 MET A CB  1 
ATOM   325  C CG  . MET A 1 46  ? -13.723 7.878   14.524  1.00 8.59  ? 1675 MET A CG  1 
ATOM   326  S SD  . MET A 1 46  ? -13.076 6.202   14.559  1.00 12.97 ? 1675 MET A SD  1 
ATOM   327  C CE  . MET A 1 46  ? -14.457 5.342   13.803  1.00 11.27 ? 1675 MET A CE  1 
ATOM   328  N N   . SER A 1 47  ? -14.152 11.117  14.954  1.00 14.76 ? 1676 SER A N   1 
ATOM   329  C CA  . SER A 1 47  ? -13.385 12.016  15.818  1.00 14.71 ? 1676 SER A CA  1 
ATOM   330  C C   . SER A 1 47  ? -12.125 11.335  16.351  1.00 16.70 ? 1676 SER A C   1 
ATOM   331  O O   . SER A 1 47  ? -12.120 10.121  16.584  1.00 15.20 ? 1676 SER A O   1 
ATOM   332  C CB  . SER A 1 47  ? -14.232 12.439  17.010  1.00 14.61 ? 1676 SER A CB  1 
ATOM   333  O OG  . SER A 1 47  ? -14.374 11.367  17.920  1.00 22.06 ? 1676 SER A OG  1 
ATOM   334  N N   . SER A 1 48  ? -11.075 12.124  16.573  1.00 15.89 ? 1677 SER A N   1 
ATOM   335  C CA  . SER A 1 48  ? -9.864  11.638  17.219  1.00 16.18 ? 1677 SER A CA  1 
ATOM   336  C C   . SER A 1 48  ? -10.203 10.938  18.524  1.00 22.42 ? 1677 SER A C   1 
ATOM   337  O O   . SER A 1 48  ? -9.614  9.907   18.863  1.00 17.88 ? 1677 SER A O   1 
ATOM   338  C CB  . SER A 1 48  ? -8.909  12.793  17.488  1.00 16.98 ? 1677 SER A CB  1 
ATOM   339  O OG  . SER A 1 48  ? -7.628  12.296  17.779  1.00 23.94 ? 1677 SER A OG  1 
ATOM   340  N N   . ARG A 1 49  ? -11.188 11.482  19.230  1.00 22.64 ? 1678 ARG A N   1 
ATOM   341  C CA  . ARG A 1 49  ? -11.605 10.953  20.528  1.00 22.31 ? 1678 ARG A CA  1 
ATOM   342  C C   . ARG A 1 49  ? -12.173 9.539   20.457  1.00 20.63 ? 1678 ARG A C   1 
ATOM   343  O O   . ARG A 1 49  ? -11.764 8.663   21.218  1.00 15.51 ? 1678 ARG A O   1 
ATOM   344  C CB  . ARG A 1 49  ? -12.640 11.893  21.157  1.00 19.21 ? 1678 ARG A CB  1 
ATOM   345  C CG  . ARG A 1 49  ? -13.226 11.408  22.483  1.00 24.02 ? 1678 ARG A CG  1 
ATOM   346  C CD  . ARG A 1 49  ? -14.391 12.298  22.933  1.00 27.09 ? 1678 ARG A CD  1 
ATOM   347  N NE  . ARG A 1 49  ? -15.705 11.703  22.679  1.00 35.57 ? 1678 ARG A NE  1 
ATOM   348  C CZ  . ARG A 1 49  ? -16.459 11.955  21.604  1.00 39.02 ? 1678 ARG A CZ  1 
ATOM   349  N NH1 . ARG A 1 49  ? -16.036 12.786  20.657  1.00 32.35 ? 1678 ARG A NH1 1 
ATOM   350  N NH2 . ARG A 1 49  ? -17.641 11.368  21.469  1.00 39.73 ? 1678 ARG A NH2 1 
ATOM   351  N N   . ILE A 1 50  ? -13.135 9.330   19.557  1.00 15.67 ? 1679 ILE A N   1 
ATOM   352  C CA  . ILE A 1 50  ? -13.728 8.015   19.368  1.00 16.59 ? 1679 ILE A CA  1 
ATOM   353  C C   . ILE A 1 50  ? -12.697 7.005   18.885  1.00 12.69 ? 1679 ILE A C   1 
ATOM   354  O O   . ILE A 1 50  ? -12.730 5.845   19.299  1.00 14.79 ? 1679 ILE A O   1 
ATOM   355  C CB  . ILE A 1 50  ? -14.939 8.059   18.394  1.00 15.75 ? 1679 ILE A CB  1 
ATOM   356  C CG1 . ILE A 1 50  ? -16.065 8.906   18.988  1.00 19.36 ? 1679 ILE A CG1 1 
ATOM   357  C CG2 . ILE A 1 50  ? -15.450 6.651   18.070  1.00 14.01 ? 1679 ILE A CG2 1 
ATOM   358  C CD1 . ILE A 1 50  ? -16.928 8.177   19.997  1.00 25.67 ? 1679 ILE A CD1 1 
ATOM   359  N N   . PHE A 1 51  ? -11.788 7.437   18.017  1.00 14.18 ? 1680 PHE A N   1 
ATOM   360  C CA  . PHE A 1 51  ? -10.755 6.546   17.512  1.00 14.85 ? 1680 PHE A CA  1 
ATOM   361  C C   . PHE A 1 51  ? -9.856  6.068   18.646  1.00 17.61 ? 1680 PHE A C   1 
ATOM   362  O O   . PHE A 1 51  ? -9.607  4.859   18.799  1.00 13.13 ? 1680 PHE A O   1 
ATOM   363  C CB  . PHE A 1 51  ? -9.899  7.200   16.416  1.00 12.39 ? 1680 PHE A CB  1 
ATOM   364  C CG  . PHE A 1 51  ? -8.827  6.279   15.867  1.00 12.80 ? 1680 PHE A CG  1 
ATOM   365  C CD1 . PHE A 1 51  ? -9.112  5.373   14.838  1.00 10.34 ? 1680 PHE A CD1 1 
ATOM   366  C CD2 . PHE A 1 51  ? -7.538  6.289   16.396  1.00 12.42 ? 1680 PHE A CD2 1 
ATOM   367  C CE1 . PHE A 1 51  ? -8.128  4.495   14.349  1.00 13.95 ? 1680 PHE A CE1 1 
ATOM   368  C CE2 . PHE A 1 51  ? -6.548  5.415   15.906  1.00 11.61 ? 1680 PHE A CE2 1 
ATOM   369  C CZ  . PHE A 1 51  ? -6.844  4.527   14.873  1.00 9.64  ? 1680 PHE A CZ  1 
ATOM   370  N N   . ARG A 1 52  ? -9.352  7.011   19.435  1.00 14.57 ? 1681 ARG A N   1 
ATOM   371  C CA  . ARG A 1 52  ? -8.424  6.653   20.510  1.00 17.49 ? 1681 ARG A CA  1 
ATOM   372  C C   . ARG A 1 52  ? -9.105  5.797   21.573  1.00 16.87 ? 1681 ARG A C   1 
ATOM   373  O O   . ARG A 1 52  ? -8.483  4.905   22.137  1.00 19.14 ? 1681 ARG A O   1 
ATOM   374  C CB  . ARG A 1 52  ? -7.803  7.915   21.119  1.00 19.04 ? 1681 ARG A CB  1 
ATOM   375  C CG  . ARG A 1 52  ? -6.952  8.686   20.124  1.00 17.64 ? 1681 ARG A CG  1 
ATOM   376  C CD  . ARG A 1 52  ? -6.605  10.068  20.630  1.00 23.89 ? 1681 ARG A CD  1 
ATOM   377  N NE  . ARG A 1 52  ? -5.827  10.815  19.646  1.00 30.19 ? 1681 ARG A NE  1 
ATOM   378  C CZ  . ARG A 1 52  ? -4.495  10.819  19.612  1.00 34.29 ? 1681 ARG A CZ  1 
ATOM   379  N NH1 . ARG A 1 52  ? -3.808  10.121  20.506  1.00 29.44 ? 1681 ARG A NH1 1 
ATOM   380  N NH2 . ARG A 1 52  ? -3.847  11.515  18.691  1.00 30.30 ? 1681 ARG A NH2 1 
ATOM   381  N N   . CYS A 1 53  ? -10.385 6.049   21.821  1.00 15.47 ? 1682 CYS A N   1 
ATOM   382  C CA  . CYS A 1 53  ? -11.133 5.262   22.788  1.00 18.37 ? 1682 CYS A CA  1 
ATOM   383  C C   . CYS A 1 53  ? -11.308 3.825   22.308  1.00 18.64 ? 1682 CYS A C   1 
ATOM   384  O O   . CYS A 1 53  ? -11.205 2.884   23.087  1.00 18.46 ? 1682 CYS A O   1 
ATOM   385  C CB  . CYS A 1 53  ? -12.510 5.886   23.047  1.00 23.62 ? 1682 CYS A CB  1 
ATOM   386  S SG  . CYS A 1 53  ? -12.452 7.412   24.016  1.00 42.63 ? 1682 CYS A SG  1 
ATOM   387  N N   . ASN A 1 54  ? -11.558 3.651   21.018  1.00 17.72 ? 1683 ASN A N   1 
ATOM   388  C CA  . ASN A 1 54  ? -11.769 2.312   20.492  1.00 17.10 ? 1683 ASN A CA  1 
ATOM   389  C C   . ASN A 1 54  ? -10.497 1.558   20.196  1.00 20.68 ? 1683 ASN A C   1 
ATOM   390  O O   . ASN A 1 54  ? -10.495 0.328   20.155  1.00 15.53 ? 1683 ASN A O   1 
ATOM   391  C CB  . ASN A 1 54  ? -12.700 2.345   19.272  1.00 20.88 ? 1683 ASN A CB  1 
ATOM   392  C CG  . ASN A 1 54  ? -14.162 2.369   19.671  1.00 20.02 ? 1683 ASN A CG  1 
ATOM   393  O OD1 . ASN A 1 54  ? -14.746 1.330   20.009  1.00 21.34 ? 1683 ASN A OD1 1 
ATOM   394  N ND2 . ASN A 1 54  ? -14.759 3.552   19.661  1.00 12.44 ? 1683 ASN A ND2 1 
ATOM   395  N N   . PHE A 1 55  ? -9.400  2.287   20.001  1.00 19.02 ? 1684 PHE A N   1 
ATOM   396  C CA  . PHE A 1 55  ? -8.133  1.627   19.755  1.00 16.52 ? 1684 PHE A CA  1 
ATOM   397  C C   . PHE A 1 55  ? -7.046  2.118   20.696  1.00 20.50 ? 1684 PHE A C   1 
ATOM   398  O O   . PHE A 1 55  ? -6.053  2.676   20.247  1.00 22.10 ? 1684 PHE A O   1 
ATOM   399  C CB  . PHE A 1 55  ? -7.717  1.831   18.305  1.00 17.88 ? 1684 PHE A CB  1 
ATOM   400  C CG  . PHE A 1 55  ? -8.642  1.200   17.334  1.00 16.18 ? 1684 PHE A CG  1 
ATOM   401  C CD1 . PHE A 1 55  ? -8.471  -0.129  16.962  1.00 19.77 ? 1684 PHE A CD1 1 
ATOM   402  C CD2 . PHE A 1 55  ? -9.715  1.914   16.810  1.00 16.12 ? 1684 PHE A CD2 1 
ATOM   403  C CE1 . PHE A 1 55  ? -9.346  -0.738  16.065  1.00 21.09 ? 1684 PHE A CE1 1 
ATOM   404  C CE2 . PHE A 1 55  ? -10.608 1.299   15.906  1.00 16.41 ? 1684 PHE A CE2 1 
ATOM   405  C CZ  . PHE A 1 55  ? -10.414 -0.011  15.529  1.00 19.83 ? 1684 PHE A CZ  1 
ATOM   406  N N   . PRO A 1 56  ? -7.227  1.896   22.007  1.00 21.81 ? 1685 PRO A N   1 
ATOM   407  C CA  . PRO A 1 56  ? -6.341  2.529   22.993  1.00 19.99 ? 1685 PRO A CA  1 
ATOM   408  C C   . PRO A 1 56  ? -4.898  2.043   22.911  1.00 27.47 ? 1685 PRO A C   1 
ATOM   409  O O   . PRO A 1 56  ? -4.007  2.644   23.526  1.00 23.52 ? 1685 PRO A O   1 
ATOM   410  C CB  . PRO A 1 56  ? -6.957  2.121   24.337  1.00 22.83 ? 1685 PRO A CB  1 
ATOM   411  C CG  . PRO A 1 56  ? -7.784  0.864   24.040  1.00 20.85 ? 1685 PRO A CG  1 
ATOM   412  C CD  . PRO A 1 56  ? -8.268  1.053   22.634  1.00 17.65 ? 1685 PRO A CD  1 
ATOM   413  N N   . ASN A 1 57  ? -4.668  0.966   22.169  1.00 25.10 ? 1686 ASN A N   1 
ATOM   414  C CA  . ASN A 1 57  ? -3.336  0.371   22.122  1.00 26.06 ? 1686 ASN A CA  1 
ATOM   415  C C   . ASN A 1 57  ? -2.738  0.356   20.716  1.00 26.02 ? 1686 ASN A C   1 
ATOM   416  O O   . ASN A 1 57  ? -1.788  -0.369  20.442  1.00 26.12 ? 1686 ASN A O   1 
ATOM   417  C CB  . ASN A 1 57  ? -3.344  -1.031  22.754  1.00 32.68 ? 1686 ASN A CB  1 
ATOM   418  C CG  . ASN A 1 57  ? -3.656  -0.996  24.253  1.00 36.23 ? 1686 ASN A CG  1 
ATOM   419  O OD1 . ASN A 1 57  ? -2.851  -0.510  25.054  1.00 41.02 ? 1686 ASN A OD1 1 
ATOM   420  N ND2 . ASN A 1 57  ? -4.825  -1.509  24.634  1.00 27.17 ? 1686 ASN A ND2 1 
ATOM   421  N N   . VAL A 1 58  ? -3.293  1.173   19.826  1.00 21.70 ? 1687 VAL A N   1 
ATOM   422  C CA  . VAL A 1 58  ? -2.676  1.379   18.525  1.00 23.54 ? 1687 VAL A CA  1 
ATOM   423  C C   . VAL A 1 58  ? -1.700  2.554   18.691  1.00 20.15 ? 1687 VAL A C   1 
ATOM   424  O O   . VAL A 1 58  ? -2.043  3.571   19.301  1.00 26.91 ? 1687 VAL A O   1 
ATOM   425  C CB  . VAL A 1 58  ? -3.741  1.633   17.423  1.00 24.34 ? 1687 VAL A CB  1 
ATOM   426  C CG1 . VAL A 1 58  ? -3.086  1.833   16.078  1.00 20.95 ? 1687 VAL A CG1 1 
ATOM   427  C CG2 . VAL A 1 58  ? -4.719  0.446   17.335  1.00 20.70 ? 1687 VAL A CG2 1 
ATOM   428  N N   . GLU A 1 59  ? -0.475  2.429   18.201  1.00 17.91 ? 1688 GLU A N   1 
ATOM   429  C CA  . GLU A 1 59  ? 0.475   3.518   18.444  1.00 25.72 ? 1688 GLU A CA  1 
ATOM   430  C C   . GLU A 1 59  ? 0.168   4.737   17.575  1.00 17.64 ? 1688 GLU A C   1 
ATOM   431  O O   . GLU A 1 59  ? 0.059   4.619   16.353  1.00 19.97 ? 1688 GLU A O   1 
ATOM   432  C CB  . GLU A 1 59  ? 1.933   3.079   18.252  1.00 20.99 ? 1688 GLU A CB  1 
ATOM   433  C CG  . GLU A 1 59  ? 2.890   3.908   19.095  1.00 26.54 ? 1688 GLU A CG  1 
ATOM   434  C CD  . GLU A 1 59  ? 4.351   3.681   18.767  1.00 28.96 ? 1688 GLU A CD  1 
ATOM   435  O OE1 . GLU A 1 59  ? 4.687   2.679   18.093  1.00 33.74 ? 1688 GLU A OE1 1 
ATOM   436  O OE2 . GLU A 1 59  ? 5.169   4.517   19.191  1.00 39.28 ? 1688 GLU A OE2 1 
ATOM   437  N N   . ILE A 1 60  ? 0.005   5.896   18.213  1.00 20.12 ? 1689 ILE A N   1 
ATOM   438  C CA  . ILE A 1 60  ? 0.002   7.167   17.503  1.00 15.64 ? 1689 ILE A CA  1 
ATOM   439  C C   . ILE A 1 60  ? 1.187   8.044   17.957  1.00 19.39 ? 1689 ILE A C   1 
ATOM   440  O O   . ILE A 1 60  ? 1.380   8.295   19.155  1.00 14.90 ? 1689 ILE A O   1 
ATOM   441  C CB  . ILE A 1 60  ? -1.294  7.954   17.717  1.00 17.58 ? 1689 ILE A CB  1 
ATOM   442  C CG1 . ILE A 1 60  ? -2.519  7.091   17.372  1.00 22.54 ? 1689 ILE A CG1 1 
ATOM   443  C CG2 . ILE A 1 60  ? -1.280  9.226   16.886  1.00 20.47 ? 1689 ILE A CG2 1 
ATOM   444  C CD1 . ILE A 1 60  ? -3.836  7.701   17.809  1.00 23.76 ? 1689 ILE A CD1 1 
ATOM   445  N N   . VAL A 1 61  ? 1.963   8.535   16.996  1.00 17.51 ? 1690 VAL A N   1 
ATOM   446  C CA  . VAL A 1 61  ? 3.087   9.414   17.328  1.00 19.06 ? 1690 VAL A CA  1 
ATOM   447  C C   . VAL A 1 61  ? 3.006   10.708  16.549  1.00 21.94 ? 1690 VAL A C   1 
ATOM   448  O O   . VAL A 1 61  ? 2.386   10.762  15.480  1.00 23.46 ? 1690 VAL A O   1 
ATOM   449  C CB  . VAL A 1 61  ? 4.440   8.739   17.072  1.00 18.77 ? 1690 VAL A CB  1 
ATOM   450  C CG1 . VAL A 1 61  ? 4.580   7.526   17.944  1.00 23.07 ? 1690 VAL A CG1 1 
ATOM   451  C CG2 . VAL A 1 61  ? 4.570   8.357   15.604  1.00 22.00 ? 1690 VAL A CG2 1 
ATOM   452  N N   . THR A 1 62  ? 3.617   11.755  17.098  1.00 23.69 ? 1691 THR A N   1 
ATOM   453  C CA  . THR A 1 62  ? 3.626   13.059  16.457  1.00 26.33 ? 1691 THR A CA  1 
ATOM   454  C C   . THR A 1 62  ? 4.995   13.273  15.826  1.00 21.99 ? 1691 THR A C   1 
ATOM   455  O O   . THR A 1 62  ? 5.994   12.857  16.390  1.00 23.98 ? 1691 THR A O   1 
ATOM   456  C CB  . THR A 1 62  ? 3.373   14.175  17.472  1.00 32.85 ? 1691 THR A CB  1 
ATOM   457  O OG1 . THR A 1 62  ? 4.491   14.260  18.362  1.00 41.69 ? 1691 THR A OG1 1 
ATOM   458  C CG2 . THR A 1 62  ? 2.117   13.892  18.284  1.00 29.51 ? 1691 THR A CG2 1 
ATOM   459  N N   . ILE A 1 63  ? 5.041   13.919  14.667  1.00 23.78 ? 1692 ILE A N   1 
ATOM   460  C CA  . ILE A 1 63  ? 6.295   14.120  13.957  1.00 26.33 ? 1692 ILE A CA  1 
ATOM   461  C C   . ILE A 1 63  ? 6.246   15.455  13.237  1.00 26.10 ? 1692 ILE A C   1 
ATOM   462  O O   . ILE A 1 63  ? 5.182   15.862  12.766  1.00 22.20 ? 1692 ILE A O   1 
ATOM   463  C CB  . ILE A 1 63  ? 6.566   12.974  12.955  1.00 27.57 ? 1692 ILE A CB  1 
ATOM   464  C CG1 . ILE A 1 63  ? 7.937   13.139  12.286  1.00 27.06 ? 1692 ILE A CG1 1 
ATOM   465  C CG2 . ILE A 1 63  ? 5.464   12.891  11.912  1.00 21.63 ? 1692 ILE A CG2 1 
ATOM   466  C CD1 . ILE A 1 63  ? 8.749   11.831  12.214  1.00 27.08 ? 1692 ILE A CD1 1 
ATOM   467  N N   . ALA A 1 64  ? 7.386   16.153  13.174  1.00 25.25 ? 1693 ALA A N   1 
ATOM   468  C CA  . ALA A 1 64  ? 7.431   17.443  12.497  1.00 22.71 ? 1693 ALA A CA  1 
ATOM   469  C C   . ALA A 1 64  ? 7.145   17.231  11.025  1.00 19.34 ? 1693 ALA A C   1 
ATOM   470  O O   . ALA A 1 64  ? 7.672   16.294  10.433  1.00 23.64 ? 1693 ALA A O   1 
ATOM   471  C CB  . ALA A 1 64  ? 8.804   18.127  12.687  1.00 24.44 ? 1693 ALA A CB  1 
ATOM   472  N N   . GLU A 1 65  ? 6.325   18.098  10.432  1.00 23.20 ? 1694 GLU A N   1 
ATOM   473  C CA  . GLU A 1 65  ? 5.989   17.976  9.016   1.00 21.71 ? 1694 GLU A CA  1 
ATOM   474  C C   . GLU A 1 65  ? 7.228   18.071  8.148   1.00 22.74 ? 1694 GLU A C   1 
ATOM   475  O O   . GLU A 1 65  ? 7.298   17.466  7.071   1.00 19.28 ? 1694 GLU A O   1 
ATOM   476  C CB  . GLU A 1 65  ? 5.011   19.061  8.607   1.00 19.86 ? 1694 GLU A CB  1 
ATOM   477  C CG  . GLU A 1 65  ? 4.535   18.930  7.167   1.00 19.46 ? 1694 GLU A CG  1 
ATOM   478  C CD  . GLU A 1 65  ? 3.387   19.837  6.887   1.00 20.60 ? 1694 GLU A CD  1 
ATOM   479  O OE1 . GLU A 1 65  ? 2.968   20.523  7.840   1.00 26.99 ? 1694 GLU A OE1 1 
ATOM   480  O OE2 . GLU A 1 65  ? 2.910   19.870  5.734   1.00 21.43 ? 1694 GLU A OE2 1 
ATOM   481  N N   . ALA A 1 66  ? 8.189   18.862  8.620   1.00 28.13 ? 1695 ALA A N   1 
ATOM   482  C CA  . ALA A 1 66  ? 9.460   19.053  7.943   1.00 27.24 ? 1695 ALA A CA  1 
ATOM   483  C C   . ALA A 1 66  ? 10.216  17.738  7.873   1.00 18.99 ? 1695 ALA A C   1 
ATOM   484  O O   . ALA A 1 66  ? 10.679  17.327  6.810   1.00 20.69 ? 1695 ALA A O   1 
ATOM   485  C CB  . ALA A 1 66  ? 10.291  20.108  8.674   1.00 24.50 ? 1695 ALA A CB  1 
ATOM   486  N N   . GLU A 1 67  ? 10.353  17.093  9.021   1.00 15.51 ? 1696 GLU A N   1 
ATOM   487  C CA  . GLU A 1 67  ? 11.004  15.795  9.091   1.00 22.45 ? 1696 GLU A CA  1 
ATOM   488  C C   . GLU A 1 67  ? 10.246  14.743  8.286   1.00 20.21 ? 1696 GLU A C   1 
ATOM   489  O O   . GLU A 1 67  ? 10.855  13.880  7.633   1.00 19.10 ? 1696 GLU A O   1 
ATOM   490  C CB  . GLU A 1 67  ? 11.136  15.349  10.550  1.00 23.14 ? 1696 GLU A CB  1 
ATOM   491  C CG  . GLU A 1 67  ? 11.735  13.967  10.712  1.00 23.17 ? 1696 GLU A CG  1 
ATOM   492  C CD  . GLU A 1 67  ? 13.161  13.885  10.191  1.00 24.05 ? 1696 GLU A CD  1 
ATOM   493  O OE1 . GLU A 1 67  ? 13.805  14.949  10.062  1.00 27.76 ? 1696 GLU A OE1 1 
ATOM   494  O OE2 . GLU A 1 67  ? 13.645  12.761  9.919   1.00 22.17 ? 1696 GLU A OE2 1 
ATOM   495  N N   . PHE A 1 68  ? 8.916   14.827  8.329   1.00 23.35 ? 1697 PHE A N   1 
ATOM   496  C CA  . PHE A 1 68  ? 8.051   13.896  7.599   1.00 19.83 ? 1697 PHE A CA  1 
ATOM   497  C C   . PHE A 1 68  ? 8.378   14.000  6.116   1.00 20.98 ? 1697 PHE A C   1 
ATOM   498  O O   . PHE A 1 68  ? 8.625   12.989  5.452   1.00 16.65 ? 1697 PHE A O   1 
ATOM   499  C CB  . PHE A 1 68  ? 6.586   14.258  7.847   1.00 20.22 ? 1697 PHE A CB  1 
ATOM   500  C CG  . PHE A 1 68  ? 5.595   13.395  7.101   1.00 23.42 ? 1697 PHE A CG  1 
ATOM   501  C CD1 . PHE A 1 68  ? 5.197   12.163  7.617   1.00 23.25 ? 1697 PHE A CD1 1 
ATOM   502  C CD2 . PHE A 1 68  ? 5.021   13.833  5.911   1.00 20.93 ? 1697 PHE A CD2 1 
ATOM   503  C CE1 . PHE A 1 68  ? 4.274   11.376  6.938   1.00 18.50 ? 1697 PHE A CE1 1 
ATOM   504  C CE2 . PHE A 1 68  ? 4.093   13.053  5.231   1.00 20.13 ? 1697 PHE A CE2 1 
ATOM   505  C CZ  . PHE A 1 68  ? 3.719   11.818  5.747   1.00 16.59 ? 1697 PHE A CZ  1 
ATOM   506  N N   . TYR A 1 69  ? 8.421   15.236  5.619   1.00 17.00 ? 1698 TYR A N   1 
ATOM   507  C CA  . TYR A 1 69  ? 8.698   15.508  4.208   1.00 20.88 ? 1698 TYR A CA  1 
ATOM   508  C C   . TYR A 1 69  ? 10.042  14.952  3.721   1.00 23.27 ? 1698 TYR A C   1 
ATOM   509  O O   . TYR A 1 69  ? 10.122  14.370  2.634   1.00 23.16 ? 1698 TYR A O   1 
ATOM   510  C CB  . TYR A 1 69  ? 8.648   17.015  3.937   1.00 25.09 ? 1698 TYR A CB  1 
ATOM   511  C CG  . TYR A 1 69  ? 8.470   17.322  2.478   1.00 25.58 ? 1698 TYR A CG  1 
ATOM   512  C CD1 . TYR A 1 69  ? 9.552   17.356  1.608   1.00 29.05 ? 1698 TYR A CD1 1 
ATOM   513  C CD2 . TYR A 1 69  ? 7.215   17.543  1.963   1.00 24.70 ? 1698 TYR A CD2 1 
ATOM   514  C CE1 . TYR A 1 69  ? 9.371   17.625  0.259   1.00 28.35 ? 1698 TYR A CE1 1 
ATOM   515  C CE2 . TYR A 1 69  ? 7.027   17.807  0.632   1.00 32.39 ? 1698 TYR A CE2 1 
ATOM   516  C CZ  . TYR A 1 69  ? 8.099   17.843  -0.216  1.00 29.58 ? 1698 TYR A CZ  1 
ATOM   517  O OH  . TYR A 1 69  ? 7.882   18.109  -1.544  1.00 36.70 ? 1698 TYR A OH  1 
ATOM   518  N N   . ARG A 1 70  ? 11.096  15.151  4.511   1.00 21.92 ? 1699 ARG A N   1 
ATOM   519  C CA  . ARG A 1 70  ? 12.413  14.633  4.164   1.00 24.65 ? 1699 ARG A CA  1 
ATOM   520  C C   . ARG A 1 70  ? 12.426  13.113  4.011   1.00 20.44 ? 1699 ARG A C   1 
ATOM   521  O O   . ARG A 1 70  ? 12.985  12.602  3.042   1.00 18.82 ? 1699 ARG A O   1 
ATOM   522  C CB  . ARG A 1 70  ? 13.465  15.085  5.186   1.00 25.38 ? 1699 ARG A CB  1 
ATOM   523  C CG  . ARG A 1 70  ? 13.448  16.595  5.388   1.00 23.24 ? 1699 ARG A CG  1 
ATOM   524  C CD  . ARG A 1 70  ? 14.329  17.059  6.532   1.00 31.61 ? 1699 ARG A CD  1 
ATOM   525  N NE  . ARG A 1 70  ? 13.949  18.410  6.946   1.00 40.27 ? 1699 ARG A NE  1 
ATOM   526  C CZ  . ARG A 1 70  ? 14.296  19.526  6.306   1.00 37.82 ? 1699 ARG A CZ  1 
ATOM   527  N NH1 . ARG A 1 70  ? 15.051  19.471  5.213   1.00 41.60 ? 1699 ARG A NH1 1 
ATOM   528  N NH2 . ARG A 1 70  ? 13.892  20.705  6.763   1.00 37.08 ? 1699 ARG A NH2 1 
ATOM   529  N N   . GLN A 1 71  ? 11.812  12.382  4.939   1.00 19.58 ? 1700 GLN A N   1 
ATOM   530  C CA  . GLN A 1 71  ? 11.855  10.922  4.836   1.00 14.81 ? 1700 GLN A CA  1 
ATOM   531  C C   . GLN A 1 71  ? 11.013  10.417  3.680   1.00 17.26 ? 1700 GLN A C   1 
ATOM   532  O O   . GLN A 1 71  ? 11.387  9.463   2.991   1.00 18.26 ? 1700 GLN A O   1 
ATOM   533  C CB  . GLN A 1 71  ? 11.426  10.262  6.149   1.00 17.01 ? 1700 GLN A CB  1 
ATOM   534  C CG  . GLN A 1 71  ? 12.239  10.702  7.362   1.00 23.26 ? 1700 GLN A CG  1 
ATOM   535  C CD  . GLN A 1 71  ? 12.117  9.728   8.517   1.00 23.86 ? 1700 GLN A CD  1 
ATOM   536  O OE1 . GLN A 1 71  ? 11.914  8.522   8.315   1.00 21.19 ? 1700 GLN A OE1 1 
ATOM   537  N NE2 . GLN A 1 71  ? 12.232  10.243  9.737   1.00 15.48 ? 1700 GLN A NE2 1 
ATOM   538  N N   . VAL A 1 72  ? 9.869   11.056  3.459   1.00 14.66 ? 1701 VAL A N   1 
ATOM   539  C CA  . VAL A 1 72  ? 8.983   10.612  2.394   1.00 20.39 ? 1701 VAL A CA  1 
ATOM   540  C C   . VAL A 1 72  ? 9.547   10.902  0.996   1.00 16.38 ? 1701 VAL A C   1 
ATOM   541  O O   . VAL A 1 72  ? 9.540   10.035  0.127   1.00 19.67 ? 1701 VAL A O   1 
ATOM   542  C CB  . VAL A 1 72  ? 7.578   11.196  2.567   1.00 16.84 ? 1701 VAL A CB  1 
ATOM   543  C CG1 . VAL A 1 72  ? 6.717   10.823  1.389   1.00 14.92 ? 1701 VAL A CG1 1 
ATOM   544  C CG2 . VAL A 1 72  ? 6.987   10.689  3.870   1.00 13.66 ? 1701 VAL A CG2 1 
ATOM   545  N N   . SER A 1 73  ? 10.050  12.111  0.786   1.00 17.00 ? 1702 SER A N   1 
ATOM   546  C CA  . SER A 1 73  ? 10.635  12.473  -0.507  1.00 17.88 ? 1702 SER A CA  1 
ATOM   547  C C   . SER A 1 73  ? 11.883  11.681  -0.854  1.00 15.45 ? 1702 SER A C   1 
ATOM   548  O O   . SER A 1 73  ? 12.184  11.498  -2.028  1.00 14.80 ? 1702 SER A O   1 
ATOM   549  C CB  . SER A 1 73  ? 10.948  13.963  -0.558  1.00 21.73 ? 1702 SER A CB  1 
ATOM   550  O OG  . SER A 1 73  ? 11.966  14.270  0.365   1.00 22.88 ? 1702 SER A OG  1 
ATOM   551  N N   . ALA A 1 74  ? 12.611  11.211  0.158   1.00 13.73 ? 1703 ALA A N   1 
ATOM   552  C CA  . ALA A 1 74  ? 13.756  10.323  -0.066  1.00 21.49 ? 1703 ALA A CA  1 
ATOM   553  C C   . ALA A 1 74  ? 13.371  9.037   -0.792  1.00 19.29 ? 1703 ALA A C   1 
ATOM   554  O O   . ALA A 1 74  ? 14.209  8.421   -1.456  1.00 23.47 ? 1703 ALA A O   1 
ATOM   555  C CB  . ALA A 1 74  ? 14.444  9.986   1.257   1.00 21.50 ? 1703 ALA A CB  1 
ATOM   556  N N   . SER A 1 75  ? 12.113  8.618   -0.655  1.00 20.54 ? 1704 SER A N   1 
ATOM   557  C CA  . SER A 1 75  ? 11.689  7.335   -1.199  1.00 13.37 ? 1704 SER A CA  1 
ATOM   558  C C   . SER A 1 75  ? 11.376  7.412   -2.690  1.00 16.09 ? 1704 SER A C   1 
ATOM   559  O O   . SER A 1 75  ? 10.625  8.294   -3.136  1.00 16.13 ? 1704 SER A O   1 
ATOM   560  C CB  . SER A 1 75  ? 10.453  6.829   -0.451  1.00 23.83 ? 1704 SER A CB  1 
ATOM   561  O OG  . SER A 1 75  ? 9.771   5.847   -1.221  1.00 13.56 ? 1704 SER A OG  1 
ATOM   562  N N   . LEU A 1 76  ? 11.920  6.468   -3.455  1.00 12.98 ? 1705 LEU A N   1 
ATOM   563  C CA  . LEU A 1 76  ? 11.640  6.397   -4.892  1.00 14.42 ? 1705 LEU A CA  1 
ATOM   564  C C   . LEU A 1 76  ? 10.149  6.217   -5.236  1.00 19.82 ? 1705 LEU A C   1 
ATOM   565  O O   . LEU A 1 76  ? 9.708   6.603   -6.327  1.00 15.33 ? 1705 LEU A O   1 
ATOM   566  C CB  . LEU A 1 76  ? 12.469  5.288   -5.539  1.00 16.65 ? 1705 LEU A CB  1 
ATOM   567  C CG  . LEU A 1 76  ? 13.988  5.447   -5.427  1.00 21.97 ? 1705 LEU A CG  1 
ATOM   568  C CD1 . LEU A 1 76  ? 14.684  4.318   -6.168  1.00 25.86 ? 1705 LEU A CD1 1 
ATOM   569  C CD2 . LEU A 1 76  ? 14.447  6.796   -5.951  1.00 16.42 ? 1705 LEU A CD2 1 
ATOM   570  N N   . LEU A 1 77  ? 9.371   5.672   -4.300  1.00 15.86 ? 1706 LEU A N   1 
ATOM   571  C CA  . LEU A 1 77  ? 7.940   5.416   -4.529  1.00 12.22 ? 1706 LEU A CA  1 
ATOM   572  C C   . LEU A 1 77  ? 7.088   6.663   -4.376  1.00 22.01 ? 1706 LEU A C   1 
ATOM   573  O O   . LEU A 1 77  ? 5.886   6.658   -4.666  1.00 16.39 ? 1706 LEU A O   1 
ATOM   574  C CB  . LEU A 1 77  ? 7.430   4.310   -3.591  1.00 14.73 ? 1706 LEU A CB  1 
ATOM   575  C CG  . LEU A 1 77  ? 8.181   2.990   -3.712  1.00 20.74 ? 1706 LEU A CG  1 
ATOM   576  C CD1 . LEU A 1 77  ? 7.485   1.855   -2.907  1.00 14.16 ? 1706 LEU A CD1 1 
ATOM   577  C CD2 . LEU A 1 77  ? 8.310   2.628   -5.178  1.00 21.84 ? 1706 LEU A CD2 1 
ATOM   578  N N   . PHE A 1 78  ? 7.714   7.739   -3.921  1.00 19.73 ? 1707 PHE A N   1 
ATOM   579  C CA  . PHE A 1 78  ? 7.019   9.005   -3.789  1.00 19.93 ? 1707 PHE A CA  1 
ATOM   580  C C   . PHE A 1 78  ? 7.612   10.047  -4.729  1.00 20.21 ? 1707 PHE A C   1 
ATOM   581  O O   . PHE A 1 78  ? 7.742   11.219  -4.384  1.00 21.25 ? 1707 PHE A O   1 
ATOM   582  C CB  . PHE A 1 78  ? 7.030   9.470   -2.333  1.00 19.91 ? 1707 PHE A CB  1 
ATOM   583  C CG  . PHE A 1 78  ? 6.012   8.773   -1.483  1.00 21.64 ? 1707 PHE A CG  1 
ATOM   584  C CD1 . PHE A 1 78  ? 4.697   9.232   -1.439  1.00 19.69 ? 1707 PHE A CD1 1 
ATOM   585  C CD2 . PHE A 1 78  ? 6.351   7.642   -0.754  1.00 21.67 ? 1707 PHE A CD2 1 
ATOM   586  C CE1 . PHE A 1 78  ? 3.754   8.589   -0.660  1.00 18.61 ? 1707 PHE A CE1 1 
ATOM   587  C CE2 . PHE A 1 78  ? 5.405   6.987   0.024   1.00 22.94 ? 1707 PHE A CE2 1 
ATOM   588  C CZ  . PHE A 1 78  ? 4.104   7.459   0.067   1.00 12.77 ? 1707 PHE A CZ  1 
ATOM   589  N N   . SER A 1 79  ? 7.923   9.587   -5.937  1.00 21.90 ? 1708 SER A N   1 
ATOM   590  C CA  . SER A 1 79  ? 8.591   10.373  -6.964  1.00 20.28 ? 1708 SER A CA  1 
ATOM   591  C C   . SER A 1 79  ? 7.609   11.254  -7.742  1.00 25.15 ? 1708 SER A C   1 
ATOM   592  O O   . SER A 1 79  ? 8.030   12.094  -8.539  1.00 27.86 ? 1708 SER A O   1 
ATOM   593  C CB  . SER A 1 79  ? 9.357   9.435   -7.912  1.00 15.99 ? 1708 SER A CB  1 
ATOM   594  O OG  . SER A 1 79  ? 8.523   8.372   -8.367  1.00 27.45 ? 1708 SER A OG  1 
ATOM   595  N N   . CYS A 1 80  ? 6.308   11.079  -7.506  1.00 16.76 ? 1709 CYS A N   1 
ATOM   596  C CA  . CYS A 1 80  ? 5.297   11.933  -8.138  1.00 18.65 ? 1709 CYS A CA  1 
ATOM   597  C C   . CYS A 1 80  ? 4.951   13.143  -7.276  1.00 20.88 ? 1709 CYS A C   1 
ATOM   598  O O   . CYS A 1 80  ? 4.636   13.002  -6.099  1.00 17.80 ? 1709 CYS A O   1 
ATOM   599  C CB  . CYS A 1 80  ? 4.024   11.149  -8.442  1.00 26.12 ? 1709 CYS A CB  1 
ATOM   600  S SG  . CYS A 1 80  ? 2.720   12.124  -9.238  1.00 22.15 ? 1709 CYS A SG  1 
ATOM   601  N N   . SER A 1 81  ? 4.993   14.333  -7.869  1.00 17.80 ? 1710 SER A N   1 
ATOM   602  C CA  . SER A 1 81  ? 4.722   15.563  -7.126  1.00 21.55 ? 1710 SER A CA  1 
ATOM   603  C C   . SER A 1 81  ? 3.348   15.528  -6.465  1.00 20.69 ? 1710 SER A C   1 
ATOM   604  O O   . SER A 1 81  ? 3.154   16.082  -5.385  1.00 26.41 ? 1710 SER A O   1 
ATOM   605  C CB  . SER A 1 81  ? 4.863   16.797  -8.036  1.00 26.96 ? 1710 SER A CB  1 
ATOM   606  O OG  . SER A 1 81  ? 3.917   16.771  -9.092  1.00 21.95 ? 1710 SER A OG  1 
ATOM   607  N N   . LYS A 1 82  ? 2.406   14.843  -7.098  1.00 19.80 ? 1711 LYS A N   1 
ATOM   608  C CA  . LYS A 1 82  ? 1.041   14.760  -6.585  1.00 28.73 ? 1711 LYS A CA  1 
ATOM   609  C C   . LYS A 1 82  ? 0.959   13.996  -5.256  1.00 27.71 ? 1711 LYS A C   1 
ATOM   610  O O   . LYS A 1 82  ? 0.108   14.281  -4.410  1.00 27.39 ? 1711 LYS A O   1 
ATOM   611  C CB  . LYS A 1 82  ? 0.123   14.110  -7.625  1.00 27.12 ? 1711 LYS A CB  1 
ATOM   612  C CG  . LYS A 1 82  ? -1.191  14.840  -7.823  1.00 36.84 ? 1711 LYS A CG  1 
ATOM   613  C CD  . LYS A 1 82  ? -2.190  13.982  -8.565  1.00 36.73 ? 1711 LYS A CD  1 
ATOM   614  C CE  . LYS A 1 82  ? -1.715  13.671  -9.974  1.00 41.47 ? 1711 LYS A CE  1 
ATOM   615  N NZ  . LYS A 1 82  ? -1.584  14.891  -10.811 1.00 47.19 ? 1711 LYS A NZ  1 
ATOM   616  N N   . ASP A 1 83  ? 1.854   13.036  -5.062  1.00 20.68 ? 1712 ASP A N   1 
ATOM   617  C CA  . ASP A 1 83  ? 1.837   12.246  -3.839  1.00 27.22 ? 1712 ASP A CA  1 
ATOM   618  C C   . ASP A 1 83  ? 2.513   12.963  -2.663  1.00 25.41 ? 1712 ASP A C   1 
ATOM   619  O O   . ASP A 1 83  ? 2.605   12.414  -1.578  1.00 25.66 ? 1712 ASP A O   1 
ATOM   620  C CB  . ASP A 1 83  ? 2.421   10.842  -4.098  1.00 18.59 ? 1712 ASP A CB  1 
ATOM   621  C CG  . ASP A 1 83  ? 1.528   10.008  -5.006  1.00 17.65 ? 1712 ASP A CG  1 
ATOM   622  O OD1 . ASP A 1 83  ? 0.304   10.087  -4.840  1.00 26.87 ? 1712 ASP A OD1 1 
ATOM   623  O OD2 . ASP A 1 83  ? 2.019   9.285   -5.896  1.00 19.84 ? 1712 ASP A OD2 1 
ATOM   624  N N   . LEU A 1 84  ? 2.944   14.205  -2.880  1.00 25.30 ? 1713 LEU A N   1 
ATOM   625  C CA  . LEU A 1 84  ? 3.579   14.999  -1.834  1.00 23.42 ? 1713 LEU A CA  1 
ATOM   626  C C   . LEU A 1 84  ? 3.000   16.412  -1.691  1.00 26.89 ? 1713 LEU A C   1 
ATOM   627  O O   . LEU A 1 84  ? 3.411   17.154  -0.800  1.00 25.94 ? 1713 LEU A O   1 
ATOM   628  C CB  . LEU A 1 84  ? 5.093   15.103  -2.084  1.00 29.98 ? 1713 LEU A CB  1 
ATOM   629  C CG  . LEU A 1 84  ? 6.008   14.036  -1.479  1.00 30.70 ? 1713 LEU A CG  1 
ATOM   630  C CD1 . LEU A 1 84  ? 7.377   14.093  -2.124  1.00 33.00 ? 1713 LEU A CD1 1 
ATOM   631  C CD2 . LEU A 1 84  ? 6.124   14.257  0.014   1.00 31.56 ? 1713 LEU A CD2 1 
ATOM   632  N N   . GLU A 1 85  ? 2.042   16.785  -2.540  1.00 24.45 ? 1714 GLU A N   1 
ATOM   633  C CA  . GLU A 1 85  ? 1.618   18.190  -2.622  1.00 31.22 ? 1714 GLU A CA  1 
ATOM   634  C C   . GLU A 1 85  ? 0.824   18.693  -1.408  1.00 34.31 ? 1714 GLU A C   1 
ATOM   635  O O   . GLU A 1 85  ? 0.653   19.898  -1.237  1.00 32.06 ? 1714 GLU A O   1 
ATOM   636  C CB  . GLU A 1 85  ? 0.846   18.465  -3.929  1.00 30.06 ? 1714 GLU A CB  1 
ATOM   637  C CG  . GLU A 1 85  ? -0.425  17.655  -4.072  1.00 37.31 ? 1714 GLU A CG  1 
ATOM   638  C CD  . GLU A 1 85  ? -1.043  17.750  -5.453  1.00 37.66 ? 1714 GLU A CD  1 
ATOM   639  O OE1 . GLU A 1 85  ? -0.366  18.211  -6.399  1.00 33.53 ? 1714 GLU A OE1 1 
ATOM   640  O OE2 . GLU A 1 85  ? -2.215  17.347  -5.587  1.00 37.52 ? 1714 GLU A OE2 1 
ATOM   641  N N   . ALA A 1 86  ? 0.361   17.777  -0.562  1.00 26.19 ? 1715 ALA A N   1 
ATOM   642  C CA  . ALA A 1 86  ? -0.382  18.145  0.643   1.00 25.74 ? 1715 ALA A CA  1 
ATOM   643  C C   . ALA A 1 86  ? 0.550   18.575  1.778   1.00 26.89 ? 1715 ALA A C   1 
ATOM   644  O O   . ALA A 1 86  ? 0.081   18.998  2.840   1.00 30.23 ? 1715 ALA A O   1 
ATOM   645  C CB  . ALA A 1 86  ? -1.278  16.985  1.101   1.00 28.71 ? 1715 ALA A CB  1 
ATOM   646  N N   . PHE A 1 87  ? 1.861   18.473  1.553   1.00 29.77 ? 1716 PHE A N   1 
ATOM   647  C CA  . PHE A 1 87  ? 2.846   18.714  2.606   1.00 22.29 ? 1716 PHE A CA  1 
ATOM   648  C C   . PHE A 1 87  ? 3.835   19.821  2.266   1.00 31.50 ? 1716 PHE A C   1 
ATOM   649  O O   . PHE A 1 87  ? 4.167   20.039  1.098   1.00 30.92 ? 1716 PHE A O   1 
ATOM   650  C CB  . PHE A 1 87  ? 3.593   17.427  2.922   1.00 25.28 ? 1716 PHE A CB  1 
ATOM   651  C CG  . PHE A 1 87  ? 2.685   16.282  3.224   1.00 22.31 ? 1716 PHE A CG  1 
ATOM   652  C CD1 . PHE A 1 87  ? 2.113   16.155  4.483   1.00 22.02 ? 1716 PHE A CD1 1 
ATOM   653  C CD2 . PHE A 1 87  ? 2.363   15.359  2.242   1.00 28.51 ? 1716 PHE A CD2 1 
ATOM   654  C CE1 . PHE A 1 87  ? 1.243   15.105  4.765   1.00 26.28 ? 1716 PHE A CE1 1 
ATOM   655  C CE2 . PHE A 1 87  ? 1.493   14.301  2.518   1.00 25.46 ? 1716 PHE A CE2 1 
ATOM   656  C CZ  . PHE A 1 87  ? 0.930   14.185  3.778   1.00 22.30 ? 1716 PHE A CZ  1 
ATOM   657  N N   . ASN A 1 88  ? 4.310   20.495  3.311   1.00 30.98 ? 1717 ASN A N   1 
ATOM   658  C CA  . ASN A 1 88  ? 5.208   21.642  3.206   1.00 30.42 ? 1717 ASN A CA  1 
ATOM   659  C C   . ASN A 1 88  ? 6.544   21.314  3.861   1.00 32.26 ? 1717 ASN A C   1 
ATOM   660  O O   . ASN A 1 88  ? 6.600   21.092  5.070   1.00 29.94 ? 1717 ASN A O   1 
ATOM   661  C CB  . ASN A 1 88  ? 4.536   22.854  3.867   1.00 37.85 ? 1717 ASN A CB  1 
ATOM   662  C CG  . ASN A 1 88  ? 5.498   24.003  4.160   1.00 40.55 ? 1717 ASN A CG  1 
ATOM   663  O OD1 . ASN A 1 88  ? 6.576   24.128  3.566   1.00 40.75 ? 1717 ASN A OD1 1 
ATOM   664  N ND2 . ASN A 1 88  ? 5.093   24.858  5.090   1.00 39.53 ? 1717 ASN A ND2 1 
ATOM   665  N N   . PRO A 1 89  ? 7.622   21.281  3.053   1.00 30.36 ? 1718 PRO A N   1 
ATOM   666  C CA  . PRO A 1 89  ? 8.976   20.850  3.415   1.00 32.14 ? 1718 PRO A CA  1 
ATOM   667  C C   . PRO A 1 89  ? 9.608   21.609  4.587   1.00 34.52 ? 1718 PRO A C   1 
ATOM   668  O O   . PRO A 1 89  ? 10.497  21.057  5.251   1.00 29.92 ? 1718 PRO A O   1 
ATOM   669  C CB  . PRO A 1 89  ? 9.777   21.115  2.133   1.00 34.74 ? 1718 PRO A CB  1 
ATOM   670  C CG  . PRO A 1 89  ? 8.763   21.014  1.035   1.00 31.00 ? 1718 PRO A CG  1 
ATOM   671  C CD  . PRO A 1 89  ? 7.519   21.622  1.622   1.00 35.58 ? 1718 PRO A CD  1 
ATOM   672  N N   . GLU A 1 90  ? 9.164   22.839  4.832   1.00 32.87 ? 1719 GLU A N   1 
ATOM   673  C CA  . GLU A 1 90  ? 9.772   23.678  5.859   1.00 34.77 ? 1719 GLU A CA  1 
ATOM   674  C C   . GLU A 1 90  ? 8.887   23.823  7.101   1.00 38.42 ? 1719 GLU A C   1 
ATOM   675  O O   . GLU A 1 90  ? 9.263   24.492  8.064   1.00 31.09 ? 1719 GLU A O   1 
ATOM   676  C CB  . GLU A 1 90  ? 10.101  25.060  5.279   1.00 40.59 ? 1719 GLU A CB  1 
ATOM   677  C CG  . GLU A 1 90  ? 10.958  25.021  4.012   1.00 39.50 ? 1719 GLU A CG  1 
ATOM   678  C CD  . GLU A 1 90  ? 12.384  24.531  4.262   1.00 40.10 ? 1719 GLU A CD  1 
ATOM   679  O OE1 . GLU A 1 90  ? 12.904  24.721  5.382   1.00 39.88 ? 1719 GLU A OE1 1 
ATOM   680  O OE2 . GLU A 1 90  ? 13.000  23.966  3.332   1.00 38.96 ? 1719 GLU A OE2 1 
ATOM   681  N N   . SER A 1 91  ? 7.727   23.171  7.089   1.00 35.76 ? 1720 SER A N   1 
ATOM   682  C CA  . SER A 1 91  ? 6.732   23.369  8.144   1.00 36.77 ? 1720 SER A CA  1 
ATOM   683  C C   . SER A 1 91  ? 7.138   22.866  9.534   1.00 42.12 ? 1720 SER A C   1 
ATOM   684  O O   . SER A 1 91  ? 7.693   21.766  9.687   1.00 36.50 ? 1720 SER A O   1 
ATOM   685  C CB  . SER A 1 91  ? 5.391   22.743  7.745   1.00 37.33 ? 1720 SER A CB  1 
ATOM   686  O OG  . SER A 1 91  ? 4.552   22.613  8.878   1.00 33.48 ? 1720 SER A OG  1 
ATOM   687  N N   . LYS A 1 92  ? 6.831   23.672  10.549  1.00 44.03 ? 1721 LYS A N   1 
ATOM   688  C CA  . LYS A 1 92  ? 7.056   23.275  11.939  1.00 46.90 ? 1721 LYS A CA  1 
ATOM   689  C C   . LYS A 1 92  ? 5.825   22.639  12.600  1.00 44.01 ? 1721 LYS A C   1 
ATOM   690  O O   . LYS A 1 92  ? 5.884   22.245  13.769  1.00 44.80 ? 1721 LYS A O   1 
ATOM   691  C CB  . LYS A 1 92  ? 7.534   24.463  12.778  1.00 48.63 ? 1721 LYS A CB  1 
ATOM   692  C CG  . LYS A 1 92  ? 8.977   24.890  12.519  1.00 51.86 ? 1721 LYS A CG  1 
ATOM   693  C CD  . LYS A 1 92  ? 9.357   26.052  13.429  1.00 55.78 ? 1721 LYS A CD  1 
ATOM   694  C CE  . LYS A 1 92  ? 10.498  26.877  12.846  1.00 63.18 ? 1721 LYS A CE  1 
ATOM   695  N NZ  . LYS A 1 92  ? 10.042  27.804  11.753  1.00 45.96 ? 1721 LYS A NZ  1 
ATOM   696  N N   . GLU A 1 93  ? 4.714   22.548  11.872  1.00 45.05 ? 1722 GLU A N   1 
ATOM   697  C CA  . GLU A 1 93  ? 3.543   21.841  12.403  1.00 42.47 ? 1722 GLU A CA  1 
ATOM   698  C C   . GLU A 1 93  ? 3.883   20.376  12.683  1.00 34.35 ? 1722 GLU A C   1 
ATOM   699  O O   . GLU A 1 93  ? 4.763   19.789  12.043  1.00 30.82 ? 1722 GLU A O   1 
ATOM   700  C CB  . GLU A 1 93  ? 2.354   21.918  11.440  1.00 40.68 ? 1722 GLU A CB  1 
ATOM   701  C CG  . GLU A 1 93  ? 2.058   23.317  10.901  1.00 47.90 ? 1722 GLU A CG  1 
ATOM   702  C CD  . GLU A 1 93  ? 1.154   24.144  11.804  1.00 50.17 ? 1722 GLU A CD  1 
ATOM   703  O OE1 . GLU A 1 93  ? 0.862   23.708  12.937  1.00 52.69 ? 1722 GLU A OE1 1 
ATOM   704  O OE2 . GLU A 1 93  ? 0.737   25.239  11.373  1.00 48.76 ? 1722 GLU A OE2 1 
ATOM   705  N N   . LEU A 1 94  ? 3.187   19.795  13.654  1.00 34.40 ? 1723 LEU A N   1 
ATOM   706  C CA  . LEU A 1 94  ? 3.338   18.383  13.949  1.00 35.62 ? 1723 LEU A CA  1 
ATOM   707  C C   . LEU A 1 94  ? 2.212   17.591  13.273  1.00 28.46 ? 1723 LEU A C   1 
ATOM   708  O O   . LEU A 1 94  ? 1.089   18.075  13.165  1.00 30.14 ? 1723 LEU A O   1 
ATOM   709  C CB  . LEU A 1 94  ? 3.345   18.162  15.464  1.00 32.96 ? 1723 LEU A CB  1 
ATOM   710  C CG  . LEU A 1 94  ? 4.458   18.931  16.177  1.00 34.34 ? 1723 LEU A CG  1 
ATOM   711  C CD1 . LEU A 1 94  ? 4.237   19.001  17.677  1.00 31.78 ? 1723 LEU A CD1 1 
ATOM   712  C CD2 . LEU A 1 94  ? 5.801   18.284  15.867  1.00 30.16 ? 1723 LEU A CD2 1 
ATOM   713  N N   . LEU A 1 95  ? 2.546   16.401  12.777  1.00 27.25 ? 1724 LEU A N   1 
ATOM   714  C CA  . LEU A 1 95  ? 1.576   15.512  12.150  1.00 22.13 ? 1724 LEU A CA  1 
ATOM   715  C C   . LEU A 1 95  ? 1.449   14.285  13.031  1.00 23.50 ? 1724 LEU A C   1 
ATOM   716  O O   . LEU A 1 95  ? 2.410   13.913  13.707  1.00 21.52 ? 1724 LEU A O   1 
ATOM   717  C CB  . LEU A 1 95  ? 2.053   15.074  10.769  1.00 19.06 ? 1724 LEU A CB  1 
ATOM   718  C CG  . LEU A 1 95  ? 2.401   16.146  9.750   1.00 22.37 ? 1724 LEU A CG  1 
ATOM   719  C CD1 . LEU A 1 95  ? 2.602   15.527  8.382   1.00 21.91 ? 1724 LEU A CD1 1 
ATOM   720  C CD2 . LEU A 1 95  ? 1.340   17.209  9.727   1.00 25.39 ? 1724 LEU A CD2 1 
ATOM   721  N N   . ASP A 1 96  ? 0.266   13.669  13.037  1.00 23.81 ? 1725 ASP A N   1 
ATOM   722  C CA  . ASP A 1 96  ? 0.052   12.431  13.782  1.00 16.19 ? 1725 ASP A CA  1 
ATOM   723  C C   . ASP A 1 96  ? 0.079   11.239  12.847  1.00 13.40 ? 1725 ASP A C   1 
ATOM   724  O O   . ASP A 1 96  ? -0.538  11.255  11.777  1.00 16.33 ? 1725 ASP A O   1 
ATOM   725  C CB  . ASP A 1 96  ? -1.269  12.466  14.550  1.00 25.06 ? 1725 ASP A CB  1 
ATOM   726  C CG  . ASP A 1 96  ? -1.273  13.509  15.632  1.00 28.65 ? 1725 ASP A CG  1 
ATOM   727  O OD1 . ASP A 1 96  ? -0.197  13.771  16.199  1.00 27.22 ? 1725 ASP A OD1 1 
ATOM   728  O OD2 . ASP A 1 96  ? -2.347  14.072  15.917  1.00 38.15 ? 1725 ASP A OD2 1 
ATOM   729  N N   . LEU A 1 97  ? 0.849   10.231  13.241  1.00 17.88 ? 1726 LEU A N   1 
ATOM   730  C CA  . LEU A 1 97  ? 1.015   9.035   12.453  1.00 16.90 ? 1726 LEU A CA  1 
ATOM   731  C C   . LEU A 1 97  ? 0.383   7.923   13.269  1.00 15.33 ? 1726 LEU A C   1 
ATOM   732  O O   . LEU A 1 97  ? 0.562   7.870   14.490  1.00 20.92 ? 1726 LEU A O   1 
ATOM   733  C CB  . LEU A 1 97  ? 2.498   8.746   12.225  1.00 13.50 ? 1726 LEU A CB  1 
ATOM   734  C CG  . LEU A 1 97  ? 3.334   9.760   11.441  1.00 19.14 ? 1726 LEU A CG  1 
ATOM   735  C CD1 . LEU A 1 97  ? 4.715   9.191   11.126  1.00 17.79 ? 1726 LEU A CD1 1 
ATOM   736  C CD2 . LEU A 1 97  ? 2.600   10.179  10.171  1.00 18.51 ? 1726 LEU A CD2 1 
ATOM   737  N N   . VAL A 1 98  ? -0.382  7.057   12.617  1.00 15.98 ? 1727 VAL A N   1 
ATOM   738  C CA  . VAL A 1 98  ? -0.897  5.870   13.300  1.00 13.13 ? 1727 VAL A CA  1 
ATOM   739  C C   . VAL A 1 98  ? -0.189  4.639   12.756  1.00 10.13 ? 1727 VAL A C   1 
ATOM   740  O O   . VAL A 1 98  ? -0.024  4.500   11.541  1.00 9.98  ? 1727 VAL A O   1 
ATOM   741  C CB  . VAL A 1 98  ? -2.461  5.752   13.175  1.00 16.40 ? 1727 VAL A CB  1 
ATOM   742  C CG1 . VAL A 1 98  ? -2.914  5.783   11.725  1.00 13.30 ? 1727 VAL A CG1 1 
ATOM   743  C CG2 . VAL A 1 98  ? -2.964  4.504   13.853  1.00 16.25 ? 1727 VAL A CG2 1 
ATOM   744  N N   . GLU A 1 99  ? 0.244   3.748   13.649  1.00 13.26 ? 1728 GLU A N   1 
ATOM   745  C CA  . GLU A 1 99  ? 0.992   2.562   13.227  1.00 19.35 ? 1728 GLU A CA  1 
ATOM   746  C C   . GLU A 1 99  ? 0.123   1.664   12.355  1.00 17.70 ? 1728 GLU A C   1 
ATOM   747  O O   . GLU A 1 99  ? -1.044  1.439   12.646  1.00 20.97 ? 1728 GLU A O   1 
ATOM   748  C CB  . GLU A 1 99  ? 1.519   1.776   14.430  1.00 27.54 ? 1728 GLU A CB  1 
ATOM   749  C CG  . GLU A 1 99  ? 0.427   1.209   15.325  1.00 24.72 ? 1728 GLU A CG  1 
ATOM   750  C CD  . GLU A 1 99  ? 0.955   0.178   16.292  1.00 28.93 ? 1728 GLU A CD  1 
ATOM   751  O OE1 . GLU A 1 99  ? 1.986   -0.458  15.972  1.00 33.53 ? 1728 GLU A OE1 1 
ATOM   752  O OE2 . GLU A 1 99  ? 0.332   -0.004  17.364  1.00 23.18 ? 1728 GLU A OE2 1 
ATOM   753  N N   . PHE A 1 100 ? 0.703   1.160   11.277  1.00 15.57 ? 1729 PHE A N   1 
ATOM   754  C CA  . PHE A 1 100 ? -0.066  0.524   10.225  1.00 18.45 ? 1729 PHE A CA  1 
ATOM   755  C C   . PHE A 1 100 ? -0.228  -0.989  10.465  1.00 21.49 ? 1729 PHE A C   1 
ATOM   756  O O   . PHE A 1 100 ? 0.547   -1.803  9.961   1.00 21.17 ? 1729 PHE A O   1 
ATOM   757  C CB  . PHE A 1 100 ? 0.597   0.834   8.879   1.00 16.70 ? 1729 PHE A CB  1 
ATOM   758  C CG  . PHE A 1 100 ? -0.112  0.253   7.693   1.00 17.30 ? 1729 PHE A CG  1 
ATOM   759  C CD1 . PHE A 1 100 ? -1.444  0.531   7.451   1.00 16.66 ? 1729 PHE A CD1 1 
ATOM   760  C CD2 . PHE A 1 100 ? 0.566   -0.573  6.808   1.00 22.04 ? 1729 PHE A CD2 1 
ATOM   761  C CE1 . PHE A 1 100 ? -2.084  0.005   6.345   1.00 18.71 ? 1729 PHE A CE1 1 
ATOM   762  C CE2 . PHE A 1 100 ? -0.069  -1.113  5.704   1.00 18.24 ? 1729 PHE A CE2 1 
ATOM   763  C CZ  . PHE A 1 100 ? -1.405  -0.828  5.475   1.00 17.91 ? 1729 PHE A CZ  1 
ATOM   764  N N   . THR A 1 101 ? -1.255  -1.352  11.231  1.00 23.55 ? 1730 THR A N   1 
ATOM   765  C CA  . THR A 1 101 ? -1.477  -2.743  11.641  1.00 25.38 ? 1730 THR A CA  1 
ATOM   766  C C   . THR A 1 101 ? -2.593  -3.383  10.835  1.00 22.77 ? 1730 THR A C   1 
ATOM   767  O O   . THR A 1 101 ? -3.361  -2.688  10.166  1.00 14.98 ? 1730 THR A O   1 
ATOM   768  C CB  . THR A 1 101 ? -1.889  -2.827  13.112  1.00 24.29 ? 1730 THR A CB  1 
ATOM   769  O OG1 . THR A 1 101 ? -3.191  -2.266  13.255  1.00 23.62 ? 1730 THR A OG1 1 
ATOM   770  C CG2 . THR A 1 101 ? -0.922  -2.057  13.985  1.00 32.90 ? 1730 THR A CG2 1 
ATOM   771  N N   . ASN A 1 102 ? -2.694  -4.708  10.911  1.00 22.68 ? 1731 ASN A N   1 
ATOM   772  C CA  . ASN A 1 102 ? -3.790  -5.411  10.261  1.00 14.38 ? 1731 ASN A CA  1 
ATOM   773  C C   . ASN A 1 102 ? -5.133  -4.936  10.778  1.00 15.18 ? 1731 ASN A C   1 
ATOM   774  O O   . ASN A 1 102 ? -6.108  -4.877  10.024  1.00 16.14 ? 1731 ASN A O   1 
ATOM   775  C CB  . ASN A 1 102 ? -3.672  -6.920  10.479  1.00 21.45 ? 1731 ASN A CB  1 
ATOM   776  C CG  . ASN A 1 102 ? -2.497  -7.521  9.754   1.00 25.26 ? 1731 ASN A CG  1 
ATOM   777  O OD1 . ASN A 1 102 ? -2.052  -8.616  10.079  1.00 27.04 ? 1731 ASN A OD1 1 
ATOM   778  N ND2 . ASN A 1 102 ? -1.984  -6.805  8.757   1.00 22.32 ? 1731 ASN A ND2 1 
ATOM   779  N N   . GLU A 1 103 ? -5.193  -4.614  12.070  1.00 14.72 ? 1732 GLU A N   1 
ATOM   780  C CA  . GLU A 1 103 ? -6.436  -4.107  12.660  1.00 20.25 ? 1732 GLU A CA  1 
ATOM   781  C C   . GLU A 1 103 ? -6.934  -2.846  11.955  1.00 14.46 ? 1732 GLU A C   1 
ATOM   782  O O   . GLU A 1 103 ? -8.138  -2.668  11.732  1.00 13.88 ? 1732 GLU A O   1 
ATOM   783  C CB  . GLU A 1 103 ? -6.235  -3.810  14.147  1.00 25.07 ? 1732 GLU A CB  1 
ATOM   784  C CG  . GLU A 1 103 ? -6.669  -4.952  15.060  1.00 30.97 ? 1732 GLU A CG  1 
ATOM   785  C CD  . GLU A 1 103 ? -6.712  -4.565  16.527  1.00 39.37 ? 1732 GLU A CD  1 
ATOM   786  O OE1 . GLU A 1 103 ? -7.502  -5.197  17.263  1.00 35.45 ? 1732 GLU A OE1 1 
ATOM   787  O OE2 . GLU A 1 103 ? -5.948  -3.654  16.944  1.00 35.31 ? 1732 GLU A OE2 1 
ATOM   788  N N   . ILE A 1 104 ? -6.003  -1.967  11.606  1.00 18.39 ? 1733 ILE A N   1 
ATOM   789  C CA  . ILE A 1 104 ? -6.360  -0.700  10.964  1.00 10.47 ? 1733 ILE A CA  1 
ATOM   790  C C   . ILE A 1 104 ? -6.819  -0.971  9.549   1.00 10.51 ? 1733 ILE A C   1 
ATOM   791  O O   . ILE A 1 104 ? -7.828  -0.432  9.102   1.00 14.73 ? 1733 ILE A O   1 
ATOM   792  C CB  . ILE A 1 104 ? -5.170  0.273   10.929  1.00 15.05 ? 1733 ILE A CB  1 
ATOM   793  C CG1 . ILE A 1 104 ? -4.573  0.391   12.324  1.00 14.61 ? 1733 ILE A CG1 1 
ATOM   794  C CG2 . ILE A 1 104 ? -5.616  1.646   10.402  1.00 13.76 ? 1733 ILE A CG2 1 
ATOM   795  C CD1 . ILE A 1 104 ? -5.584  0.888   13.361  1.00 24.91 ? 1733 ILE A CD1 1 
ATOM   796  N N   . GLN A 1 105 ? -6.074  -1.825  8.853   1.00 12.62 ? 1734 GLN A N   1 
ATOM   797  C CA  . GLN A 1 105 ? -6.451  -2.224  7.508   1.00 13.52 ? 1734 GLN A CA  1 
ATOM   798  C C   . GLN A 1 105 ? -7.872  -2.770  7.521   1.00 16.14 ? 1734 GLN A C   1 
ATOM   799  O O   . GLN A 1 105 ? -8.692  -2.372  6.692   1.00 14.77 ? 1734 GLN A O   1 
ATOM   800  C CB  . GLN A 1 105 ? -5.481  -3.286  6.980   1.00 15.20 ? 1734 GLN A CB  1 
ATOM   801  C CG  . GLN A 1 105 ? -4.085  -2.753  6.691   1.00 16.71 ? 1734 GLN A CG  1 
ATOM   802  C CD  . GLN A 1 105 ? -3.085  -3.853  6.427   1.00 17.65 ? 1734 GLN A CD  1 
ATOM   803  O OE1 . GLN A 1 105 ? -2.737  -4.623  7.327   1.00 21.88 ? 1734 GLN A OE1 1 
ATOM   804  N NE2 . GLN A 1 105 ? -2.617  -3.939  5.185   1.00 20.02 ? 1734 GLN A NE2 1 
ATOM   805  N N   . THR A 1 106 ? -8.156  -3.662  8.476   1.00 14.20 ? 1735 THR A N   1 
ATOM   806  C CA  . THR A 1 106 ? -9.503  -4.232  8.628   1.00 17.74 ? 1735 THR A CA  1 
ATOM   807  C C   . THR A 1 106 ? -10.569 -3.201  8.920   1.00 13.28 ? 1735 THR A C   1 
ATOM   808  O O   . THR A 1 106 ? -11.615 -3.186  8.267   1.00 16.45 ? 1735 THR A O   1 
ATOM   809  C CB  . THR A 1 106 ? -9.545  -5.335  9.737   1.00 10.89 ? 1735 THR A CB  1 
ATOM   810  O OG1 . THR A 1 106 ? -8.786  -6.443  9.288   1.00 16.62 ? 1735 THR A OG1 1 
ATOM   811  C CG2 . THR A 1 106 ? -10.995 -5.787  10.005  1.00 16.66 ? 1735 THR A CG2 1 
ATOM   812  N N   . LEU A 1 107 ? -10.313 -2.346  9.909   1.00 18.45 ? 1736 LEU A N   1 
ATOM   813  C CA  . LEU A 1 107 ? -11.222 -1.248  10.243  1.00 17.92 ? 1736 LEU A CA  1 
ATOM   814  C C   . LEU A 1 107 ? -11.585 -0.414  9.025   1.00 19.27 ? 1736 LEU A C   1 
ATOM   815  O O   . LEU A 1 107 ? -12.730 0.024   8.880   1.00 17.29 ? 1736 LEU A O   1 
ATOM   816  C CB  . LEU A 1 107 ? -10.583 -0.350  11.296  1.00 16.71 ? 1736 LEU A CB  1 
ATOM   817  C CG  . LEU A 1 107 ? -11.251 0.988   11.584  1.00 21.67 ? 1736 LEU A CG  1 
ATOM   818  C CD1 . LEU A 1 107 ? -12.478 0.794   12.463  1.00 16.50 ? 1736 LEU A CD1 1 
ATOM   819  C CD2 . LEU A 1 107 ? -10.235 1.966   12.201  1.00 17.43 ? 1736 LEU A CD2 1 
ATOM   820  N N   . LEU A 1 108 ? -10.617 -0.218  8.135   1.00 14.69 ? 1737 LEU A N   1 
ATOM   821  C CA  . LEU A 1 108 ? -10.823 0.666   6.984   1.00 13.76 ? 1737 LEU A CA  1 
ATOM   822  C C   . LEU A 1 108 ? -11.420 -0.063  5.773   1.00 20.88 ? 1737 LEU A C   1 
ATOM   823  O O   . LEU A 1 108 ? -11.517 0.509   4.677   1.00 19.90 ? 1737 LEU A O   1 
ATOM   824  C CB  . LEU A 1 108 ? -9.515  1.399   6.626   1.00 19.26 ? 1737 LEU A CB  1 
ATOM   825  C CG  . LEU A 1 108 ? -9.114  2.440   7.674   1.00 14.67 ? 1737 LEU A CG  1 
ATOM   826  C CD1 . LEU A 1 108 ? -7.637  2.896   7.518   1.00 13.18 ? 1737 LEU A CD1 1 
ATOM   827  C CD2 . LEU A 1 108 ? -10.072 3.622   7.562   1.00 19.25 ? 1737 LEU A CD2 1 
ATOM   828  N N   . GLY A 1 109 ? -11.822 -1.318  5.985   1.00 22.13 ? 1738 GLY A N   1 
ATOM   829  C CA  . GLY A 1 109 ? -12.664 -2.038  5.042   1.00 21.67 ? 1738 GLY A CA  1 
ATOM   830  C C   . GLY A 1 109 ? -11.996 -3.059  4.142   1.00 19.46 ? 1738 GLY A C   1 
ATOM   831  O O   . GLY A 1 109 ? -12.634 -3.603  3.236   1.00 15.84 ? 1738 GLY A O   1 
ATOM   832  N N   . SER A 1 110 ? -10.710 -3.308  4.363   1.00 14.60 ? 1739 SER A N   1 
ATOM   833  C CA  . SER A 1 110 ? -9.957  -4.186  3.478   1.00 15.84 ? 1739 SER A CA  1 
ATOM   834  C C   . SER A 1 110 ? -9.956  -5.593  4.045   1.00 20.86 ? 1739 SER A C   1 
ATOM   835  O O   . SER A 1 110 ? -10.350 -5.801  5.194   1.00 16.23 ? 1739 SER A O   1 
ATOM   836  C CB  . SER A 1 110 ? -8.489  -3.730  3.360   1.00 14.20 ? 1739 SER A CB  1 
ATOM   837  O OG  . SER A 1 110 ? -8.369  -2.417  2.821   1.00 19.88 ? 1739 SER A OG  1 
ATOM   838  N N   . SER A 1 111 ? -9.480  -6.541  3.240   1.00 18.70 ? 1740 SER A N   1 
ATOM   839  C CA  . SER A 1 111 ? -9.250  -7.904  3.700   1.00 25.38 ? 1740 SER A CA  1 
ATOM   840  C C   . SER A 1 111 ? -7.780  -8.190  3.529   1.00 21.89 ? 1740 SER A C   1 
ATOM   841  O O   . SER A 1 111 ? -7.190  -7.788  2.522   1.00 25.27 ? 1740 SER A O   1 
ATOM   842  C CB  . SER A 1 111 ? -10.054 -8.890  2.864   1.00 24.16 ? 1740 SER A CB  1 
ATOM   843  O OG  . SER A 1 111 ? -11.313 -8.335  2.537   1.00 32.81 ? 1740 SER A OG  1 
ATOM   844  N N   . VAL A 1 112 ? -7.179  -8.882  4.493   1.00 22.90 ? 1741 VAL A N   1 
ATOM   845  C CA  . VAL A 1 112 ? -5.756  -9.208  4.387   1.00 21.51 ? 1741 VAL A CA  1 
ATOM   846  C C   . VAL A 1 112 ? -5.572  -10.687 4.103   1.00 29.34 ? 1741 VAL A C   1 
ATOM   847  O O   . VAL A 1 112 ? -6.093  -11.528 4.834   1.00 30.88 ? 1741 VAL A O   1 
ATOM   848  C CB  . VAL A 1 112 ? -4.986  -8.816  5.649   1.00 23.08 ? 1741 VAL A CB  1 
ATOM   849  C CG1 . VAL A 1 112 ? -3.505  -9.145  5.487   1.00 22.87 ? 1741 VAL A CG1 1 
ATOM   850  C CG2 . VAL A 1 112 ? -5.177  -7.330  5.938   1.00 25.45 ? 1741 VAL A CG2 1 
ATOM   851  N N   . GLU A 1 113 ? -4.842  -10.995 3.033   1.00 31.69 ? 1742 GLU A N   1 
ATOM   852  C CA  . GLU A 1 113 ? -4.641  -12.376 2.607   1.00 27.49 ? 1742 GLU A CA  1 
ATOM   853  C C   . GLU A 1 113 ? -3.182  -12.774 2.718   1.00 31.77 ? 1742 GLU A C   1 
ATOM   854  O O   . GLU A 1 113 ? -2.277  -11.948 2.534   1.00 27.83 ? 1742 GLU A O   1 
ATOM   855  C CB  . GLU A 1 113 ? -5.104  -12.570 1.161   1.00 31.05 ? 1742 GLU A CB  1 
ATOM   856  C CG  . GLU A 1 113 ? -5.571  -13.986 0.849   1.00 41.59 ? 1742 GLU A CG  1 
ATOM   857  C CD  . GLU A 1 113 ? -7.044  -14.178 1.147   1.00 46.85 ? 1742 GLU A CD  1 
ATOM   858  O OE1 . GLU A 1 113 ? -7.866  -13.554 0.436   1.00 39.24 ? 1742 GLU A OE1 1 
ATOM   859  O OE2 . GLU A 1 113 ? -7.378  -14.929 2.096   1.00 46.12 ? 1742 GLU A OE2 1 
ATOM   860  N N   . TRP A 1 114 ? -2.953  -14.049 3.006   1.00 32.69 ? 1743 TRP A N   1 
ATOM   861  C CA  . TRP A 1 114 ? -1.600  -14.575 3.126   1.00 31.33 ? 1743 TRP A CA  1 
ATOM   862  C C   . TRP A 1 114 ? -1.309  -15.656 2.094   1.00 38.18 ? 1743 TRP A C   1 
ATOM   863  O O   . TRP A 1 114 ? -2.051  -16.650 1.992   1.00 33.33 ? 1743 TRP A O   1 
ATOM   864  C CB  . TRP A 1 114 ? -1.363  -15.121 4.533   1.00 35.80 ? 1743 TRP A CB  1 
ATOM   865  C CG  . TRP A 1 114 ? -1.112  -14.048 5.547   1.00 31.52 ? 1743 TRP A CG  1 
ATOM   866  C CD1 . TRP A 1 114 ? 0.093   -13.493 5.866   1.00 32.35 ? 1743 TRP A CD1 1 
ATOM   867  C CD2 . TRP A 1 114 ? -2.086  -13.400 6.377   1.00 31.51 ? 1743 TRP A CD2 1 
ATOM   868  N NE1 . TRP A 1 114 ? -0.069  -12.538 6.847   1.00 30.25 ? 1743 TRP A NE1 1 
ATOM   869  C CE2 . TRP A 1 114 ? -1.398  -12.462 7.177   1.00 33.44 ? 1743 TRP A CE2 1 
ATOM   870  C CE3 . TRP A 1 114 ? -3.475  -13.519 6.521   1.00 33.64 ? 1743 TRP A CE3 1 
ATOM   871  C CZ2 . TRP A 1 114 ? -2.051  -11.644 8.106   1.00 36.54 ? 1743 TRP A CZ2 1 
ATOM   872  C CZ3 . TRP A 1 114 ? -4.122  -12.708 7.441   1.00 32.74 ? 1743 TRP A CZ3 1 
ATOM   873  C CH2 . TRP A 1 114 ? -3.410  -11.786 8.226   1.00 33.58 ? 1743 TRP A CH2 1 
ATOM   874  N N   . LEU A 1 115 ? -0.236  -15.453 1.331   1.00 26.66 ? 1744 LEU A N   1 
ATOM   875  C CA  . LEU A 1 115 ? 0.207   -16.421 0.335   1.00 32.07 ? 1744 LEU A CA  1 
ATOM   876  C C   . LEU A 1 115 ? 1.363   -17.243 0.890   1.00 38.08 ? 1744 LEU A C   1 
ATOM   877  O O   . LEU A 1 115 ? 2.368   -16.695 1.341   1.00 32.47 ? 1744 LEU A O   1 
ATOM   878  C CB  . LEU A 1 115 ? 0.636   -15.739 -0.965  1.00 27.63 ? 1744 LEU A CB  1 
ATOM   879  C CG  . LEU A 1 115 ? 1.049   -16.716 -2.070  1.00 33.57 ? 1744 LEU A CG  1 
ATOM   880  C CD1 . LEU A 1 115 ? -0.169  -17.458 -2.615  1.00 33.45 ? 1744 LEU A CD1 1 
ATOM   881  C CD2 . LEU A 1 115 ? 1.804   -16.012 -3.181  1.00 29.10 ? 1744 LEU A CD2 1 
ATOM   882  N N   . HIS A 1 116 ? 1.195   -18.560 0.855   1.00 41.11 ? 1745 HIS A N   1 
ATOM   883  C CA  . HIS A 1 116 ? 2.171   -19.505 1.390   1.00 42.18 ? 1745 HIS A CA  1 
ATOM   884  C C   . HIS A 1 116 ? 2.847   -20.218 0.217   1.00 46.15 ? 1745 HIS A C   1 
ATOM   885  O O   . HIS A 1 116 ? 2.383   -20.097 -0.923  1.00 37.54 ? 1745 HIS A O   1 
ATOM   886  C CB  . HIS A 1 116 ? 1.468   -20.494 2.335   1.00 39.92 ? 1745 HIS A CB  1 
ATOM   887  C CG  . HIS A 1 116 ? 0.887   -19.852 3.556   1.00 38.31 ? 1745 HIS A CG  1 
ATOM   888  N ND1 . HIS A 1 116 ? 1.654   -19.485 4.643   1.00 45.46 ? 1745 HIS A ND1 1 
ATOM   889  C CD2 . HIS A 1 116 ? -0.382  -19.490 3.855   1.00 45.67 ? 1745 HIS A CD2 1 
ATOM   890  C CE1 . HIS A 1 116 ? 0.881   -18.936 5.561   1.00 38.73 ? 1745 HIS A CE1 1 
ATOM   891  N NE2 . HIS A 1 116 ? -0.361  -18.925 5.108   1.00 47.45 ? 1745 HIS A NE2 1 
ATOM   892  N N   . PRO A 1 117 ? 3.953   -20.947 0.477   1.00 52.33 ? 1746 PRO A N   1 
ATOM   893  C CA  . PRO A 1 117 ? 4.643   -21.643 -0.620  1.00 54.01 ? 1746 PRO A CA  1 
ATOM   894  C C   . PRO A 1 117 ? 3.739   -22.579 -1.427  1.00 50.34 ? 1746 PRO A C   1 
ATOM   895  O O   . PRO A 1 117 ? 4.047   -22.849 -2.592  1.00 51.54 ? 1746 PRO A O   1 
ATOM   896  C CB  . PRO A 1 117 ? 5.714   -22.464 0.107   1.00 52.71 ? 1746 PRO A CB  1 
ATOM   897  C CG  . PRO A 1 117 ? 6.009   -21.677 1.339   1.00 50.53 ? 1746 PRO A CG  1 
ATOM   898  C CD  . PRO A 1 117 ? 4.690   -21.072 1.752   1.00 51.50 ? 1746 PRO A CD  1 
ATOM   899  N N   . SER A 1 118 ? 2.647   -23.053 -0.825  1.00 48.74 ? 1747 SER A N   1 
ATOM   900  C CA  . SER A 1 118 ? 1.742   -23.987 -1.494  1.00 49.86 ? 1747 SER A CA  1 
ATOM   901  C C   . SER A 1 118 ? 0.292   -23.483 -1.561  1.00 49.27 ? 1747 SER A C   1 
ATOM   902  O O   . SER A 1 118 ? -0.056  -22.487 -0.918  1.00 45.61 ? 1747 SER A O   1 
ATOM   903  C CB  . SER A 1 118 ? 1.799   -25.354 -0.811  1.00 49.31 ? 1747 SER A CB  1 
ATOM   904  O OG  . SER A 1 118 ? 3.137   -25.814 -0.702  1.00 47.18 ? 1747 SER A OG  1 
ATOM   905  N N   . ASP A 1 119 ? -0.538  -24.175 -2.344  1.00 44.79 ? 1748 ASP A N   1 
ATOM   906  C CA  . ASP A 1 119 ? -1.937  -23.792 -2.556  1.00 40.84 ? 1748 ASP A CA  1 
ATOM   907  C C   . ASP A 1 119 ? -2.897  -24.663 -1.745  1.00 42.24 ? 1748 ASP A C   1 
ATOM   908  O O   . ASP A 1 119 ? -4.032  -24.277 -1.448  1.00 36.79 ? 1748 ASP A O   1 
ATOM   909  C CB  . ASP A 1 119 ? -2.300  -23.892 -4.041  1.00 38.70 ? 1748 ASP A CB  1 
ATOM   910  C CG  . ASP A 1 119 ? -1.301  -23.177 -4.936  1.00 49.61 ? 1748 ASP A CG  1 
ATOM   911  O OD1 . ASP A 1 119 ? -1.489  -21.963 -5.199  1.00 46.46 ? 1748 ASP A OD1 1 
ATOM   912  O OD2 . ASP A 1 119 ? -0.330  -23.832 -5.380  1.00 48.77 ? 1748 ASP A OD2 1 
ATOM   913  O OXT . ASP A 1 119 ? -2.560  -25.783 -1.361  1.00 41.77 ? 1748 ASP A OXT 1 
ATOM   914  N N   . THR B 2 3   ? 8.986   -2.687  9.401   1.00 32.55 ? 165  THR B N   1 
ATOM   915  C CA  . THR B 2 3   ? 8.661   -3.414  8.176   1.00 38.96 ? 165  THR B CA  1 
ATOM   916  C C   . THR B 2 3   ? 9.274   -2.807  6.911   1.00 38.88 ? 165  THR B C   1 
ATOM   917  O O   . THR B 2 3   ? 9.819   -1.689  6.910   1.00 33.50 ? 165  THR B O   1 
ATOM   918  C CB  . THR B 2 3   ? 7.134   -3.530  7.955   1.00 40.60 ? 165  THR B CB  1 
ATOM   919  O OG1 . THR B 2 3   ? 6.496   -2.306  8.346   1.00 46.46 ? 165  THR B OG1 1 
ATOM   920  C CG2 . THR B 2 3   ? 6.542   -4.688  8.758   1.00 42.23 ? 165  THR B CG2 1 
ATOM   921  N N   . ARG B 2 4   ? 9.162   -3.567  5.827   1.00 34.08 ? 166  ARG B N   1 
ATOM   922  C CA  . ARG B 2 4   ? 9.628   -3.140  4.522   1.00 31.18 ? 166  ARG B CA  1 
ATOM   923  C C   . ARG B 2 4   ? 8.574   -2.254  3.888   1.00 26.66 ? 166  ARG B C   1 
ATOM   924  O O   . ARG B 2 4   ? 7.408   -2.259  4.312   1.00 21.46 ? 166  ARG B O   1 
ATOM   925  C CB  . ARG B 2 4   ? 9.878   -4.362  3.634   1.00 45.58 ? 166  ARG B CB  1 
ATOM   926  C CG  . ARG B 2 4   ? 10.168  -5.646  4.414   1.00 49.55 ? 166  ARG B CG  1 
ATOM   927  C CD  . ARG B 2 4   ? 10.871  -6.697  3.567   1.00 55.59 ? 166  ARG B CD  1 
ATOM   928  N NE  . ARG B 2 4   ? 10.966  -7.981  4.261   1.00 61.02 ? 166  ARG B NE  1 
ATOM   929  C CZ  . ARG B 2 4   ? 11.866  -8.270  5.199   1.00 66.34 ? 166  ARG B CZ  1 
ATOM   930  N NH1 . ARG B 2 4   ? 12.761  -7.358  5.570   1.00 56.47 ? 166  ARG B NH1 1 
ATOM   931  N NH2 . ARG B 2 4   ? 11.872  -9.472  5.773   1.00 63.38 ? 166  ARG B NH2 1 
ATOM   932  N N   . GLU B 2 5   ? 8.987   -1.488  2.878   1.00 24.54 ? 167  GLU B N   1 
ATOM   933  C CA  . GLU B 2 5   ? 8.070   -0.626  2.159   1.00 25.09 ? 167  GLU B CA  1 
ATOM   934  C C   . GLU B 2 5   ? 6.904   -1.417  1.559   1.00 18.56 ? 167  GLU B C   1 
ATOM   935  O O   . GLU B 2 5   ? 7.075   -2.542  1.045   1.00 18.10 ? 167  GLU B O   1 
ATOM   936  C CB  . GLU B 2 5   ? 8.785   0.172   1.057   1.00 20.29 ? 167  GLU B CB  1 
ATOM   937  C CG  . GLU B 2 5   ? 9.194   1.584   1.468   1.00 30.37 ? 167  GLU B CG  1 
ATOM   938  C CD  . GLU B 2 5   ? 9.734   2.396   0.304   1.00 28.64 ? 167  GLU B CD  1 
ATOM   939  O OE1 . GLU B 2 5   ? 10.580  1.855   -0.446  1.00 28.72 ? 167  GLU B OE1 1 
ATOM   940  O OE2 . GLU B 2 5   ? 9.290   3.561   0.125   1.00 21.84 ? 167  GLU B OE2 1 
ATOM   941  N N   . GLN B 2 6   ? 5.735   -0.792  1.641   1.00 17.44 ? 168  GLN B N   1 
ATOM   942  C CA  . GLN B 2 6   ? 4.506   -1.246  1.006   1.00 22.10 ? 168  GLN B CA  1 
ATOM   943  C C   . GLN B 2 6   ? 4.257   -0.377  -0.213  1.00 25.95 ? 168  GLN B C   1 
ATOM   944  O O   . GLN B 2 6   ? 4.637   0.797   -0.226  1.00 20.68 ? 168  GLN B O   1 
ATOM   945  C CB  . GLN B 2 6   ? 3.344   -1.030  1.968   1.00 15.89 ? 168  GLN B CB  1 
ATOM   946  C CG  . GLN B 2 6   ? 3.451   -1.814  3.269   1.00 17.29 ? 168  GLN B CG  1 
ATOM   947  C CD  . GLN B 2 6   ? 2.942   -3.222  3.115   1.00 25.40 ? 168  GLN B CD  1 
ATOM   948  O OE1 . GLN B 2 6   ? 1.727   -3.452  2.964   1.00 22.55 ? 168  GLN B OE1 1 
ATOM   949  N NE2 . GLN B 2 6   ? 3.865   -4.185  3.135   1.00 20.20 ? 168  GLN B NE2 1 
ATOM   950  N N   . LEU B 2 7   ? 3.621   -0.924  -1.241  1.00 19.24 ? 169  LEU B N   1 
ATOM   951  C CA  . LEU B 2 7   ? 3.188   -0.071  -2.346  1.00 17.52 ? 169  LEU B CA  1 
ATOM   952  C C   . LEU B 2 7   ? 1.771   -0.435  -2.767  1.00 16.92 ? 169  LEU B C   1 
ATOM   953  O O   . LEU B 2 7   ? 1.294   -1.540  -2.485  1.00 13.45 ? 169  LEU B O   1 
ATOM   954  C CB  . LEU B 2 7   ? 4.164   -0.090  -3.535  1.00 15.82 ? 169  LEU B CB  1 
ATOM   955  C CG  . LEU B 2 7   ? 4.452   -1.314  -4.416  1.00 17.71 ? 169  LEU B CG  1 
ATOM   956  C CD1 . LEU B 2 7   ? 3.325   -1.626  -5.362  1.00 21.83 ? 169  LEU B CD1 1 
ATOM   957  C CD2 . LEU B 2 7   ? 5.746   -1.121  -5.229  1.00 13.21 ? 169  LEU B CD2 1 
ATOM   958  N N   . ASN B 2 8   ? 1.123   0.497   -3.450  1.00 13.46 ? 170  ASN B N   1 
ATOM   959  C CA  . ASN B 2 8   ? -0.284  0.367   -3.825  1.00 14.99 ? 170  ASN B CA  1 
ATOM   960  C C   . ASN B 2 8   ? -0.470  0.057   -5.298  1.00 15.99 ? 170  ASN B C   1 
ATOM   961  O O   . ASN B 2 8   ? 0.114   0.721   -6.158  1.00 15.98 ? 170  ASN B O   1 
ATOM   962  C CB  . ASN B 2 8   ? -1.045  1.663   -3.484  1.00 15.33 ? 170  ASN B CB  1 
ATOM   963  C CG  . ASN B 2 8   ? -0.993  1.991   -2.013  1.00 19.23 ? 170  ASN B CG  1 
ATOM   964  O OD1 . ASN B 2 8   ? -0.530  1.175   -1.201  1.00 20.25 ? 170  ASN B OD1 1 
ATOM   965  N ND2 . ASN B 2 8   ? -1.459  3.178   -1.653  1.00 16.03 ? 170  ASN B ND2 1 
ATOM   966  N N   . LEU B 2 9   ? -1.302  -0.943  -5.577  1.00 14.02 ? 171  LEU B N   1 
ATOM   967  C CA  . LEU B 2 9   ? -1.638  -1.317  -6.942  1.00 17.42 ? 171  LEU B CA  1 
ATOM   968  C C   . LEU B 2 9   ? -3.138  -1.135  -7.212  1.00 17.41 ? 171  LEU B C   1 
ATOM   969  O O   . LEU B 2 9   ? -3.961  -1.165  -6.287  1.00 16.71 ? 171  LEU B O   1 
ATOM   970  C CB  . LEU B 2 9   ? -1.303  -2.788  -7.175  1.00 17.82 ? 171  LEU B CB  1 
ATOM   971  C CG  . LEU B 2 9   ? 0.096   -3.307  -6.897  1.00 22.72 ? 171  LEU B CG  1 
ATOM   972  C CD1 . LEU B 2 9   ? 0.068   -4.816  -6.973  1.00 24.43 ? 171  LEU B CD1 1 
ATOM   973  C CD2 . LEU B 2 9   ? 1.108   -2.733  -7.886  1.00 15.76 ? 171  LEU B CD2 1 
ATOM   974  N N   . CYS B 2 10  ? -3.488  -0.952  -8.478  1.00 17.80 ? 172  CYS B N   1 
ATOM   975  C CA  . CYS B 2 10  ? -4.882  -1.063  -8.896  1.00 20.98 ? 172  CYS B CA  1 
ATOM   976  C C   . CYS B 2 10  ? -4.910  -1.989  -10.091 1.00 21.54 ? 172  CYS B C   1 
ATOM   977  O O   . CYS B 2 10  ? -4.184  -1.778  -11.062 1.00 21.80 ? 172  CYS B O   1 
ATOM   978  C CB  . CYS B 2 10  ? -5.471  0.297   -9.253  1.00 18.57 ? 172  CYS B CB  1 
ATOM   979  S SG  . CYS B 2 10  ? -7.231  0.249   -9.843  1.00 26.10 ? 172  CYS B SG  1 
ATOM   980  N N   . LEU B 2 11  ? -5.728  -3.029  -10.008 1.00 20.20 ? 173  LEU B N   1 
ATOM   981  C CA  . LEU B 2 11  ? -5.791  -4.041  -11.055 1.00 22.76 ? 173  LEU B CA  1 
ATOM   982  C C   . LEU B 2 11  ? -7.045  -3.865  -11.916 1.00 35.27 ? 173  LEU B C   1 
ATOM   983  O O   . LEU B 2 11  ? -8.110  -3.470  -11.429 1.00 30.08 ? 173  LEU B O   1 
ATOM   984  C CB  . LEU B 2 11  ? -5.754  -5.449  -10.453 1.00 26.34 ? 173  LEU B CB  1 
ATOM   985  C CG  . LEU B 2 11  ? -4.403  -6.088  -10.120 1.00 29.21 ? 173  LEU B CG  1 
ATOM   986  C CD1 . LEU B 2 11  ? -3.449  -5.117  -9.436  1.00 26.11 ? 173  LEU B CD1 1 
ATOM   987  C CD2 . LEU B 2 11  ? -4.628  -7.303  -9.247  1.00 29.20 ? 173  LEU B CD2 1 
ATOM   988  N N   . GLU B 2 12  ? -6.901  -4.162  -13.202 1.00 38.00 ? 174  GLU B N   1 
ATOM   989  C CA  . GLU B 2 12  ? -7.942  -3.906  -14.184 1.00 32.62 ? 174  GLU B CA  1 
ATOM   990  C C   . GLU B 2 12  ? -8.051  -5.102  -15.118 1.00 37.76 ? 174  GLU B C   1 
ATOM   991  O O   . GLU B 2 12  ? -7.040  -5.605  -15.605 1.00 33.88 ? 174  GLU B O   1 
ATOM   992  C CB  . GLU B 2 12  ? -7.595  -2.633  -14.962 1.00 36.98 ? 174  GLU B CB  1 
ATOM   993  C CG  . GLU B 2 12  ? -7.958  -2.660  -16.431 1.00 44.23 ? 174  GLU B CG  1 
ATOM   994  C CD  . GLU B 2 12  ? -7.873  -1.288  -17.074 1.00 52.37 ? 174  GLU B CD  1 
ATOM   995  O OE1 . GLU B 2 12  ? -6.932  -0.525  -16.758 1.00 45.47 ? 174  GLU B OE1 1 
ATOM   996  O OE2 . GLU B 2 12  ? -8.759  -0.975  -17.898 1.00 54.17 ? 174  GLU B OE2 1 
ATOM   997  N N   . ARG B 2 13  ? -9.272  -5.585  -15.340 1.00 37.68 ? 175  ARG B N   1 
ATOM   998  C CA  . ARG B 2 13  ? -9.483  -6.660  -16.301 1.00 38.32 ? 175  ARG B CA  1 
ATOM   999  C C   . ARG B 2 13  ? -9.367  -6.088  -17.700 1.00 44.85 ? 175  ARG B C   1 
ATOM   1000 O O   . ARG B 2 13  ? -9.775  -4.950  -17.955 1.00 49.29 ? 175  ARG B O   1 
ATOM   1001 C CB  . ARG B 2 13  ? -10.865 -7.298  -16.115 1.00 45.83 ? 175  ARG B CB  1 
ATOM   1002 C CG  . ARG B 2 13  ? -12.013 -6.294  -16.151 1.00 53.67 ? 175  ARG B CG  1 
ATOM   1003 C CD  . ARG B 2 13  ? -13.390 -6.970  -16.173 1.00 53.48 ? 175  ARG B CD  1 
ATOM   1004 N NE  . ARG B 2 13  ? -13.492 -7.942  -17.255 1.00 47.19 ? 175  ARG B NE  1 
ATOM   1005 C CZ  . ARG B 2 13  ? -13.782 -7.633  -18.513 1.00 52.35 ? 175  ARG B CZ  1 
ATOM   1006 N NH1 . ARG B 2 13  ? -14.015 -6.375  -18.855 1.00 61.77 ? 175  ARG B NH1 1 
ATOM   1007 N NH2 . ARG B 2 13  ? -13.846 -8.583  -19.432 1.00 65.27 ? 175  ARG B NH2 1 
ATOM   1008 N N   . LEU B 2 14  ? -8.788  -6.858  -18.609 1.00 40.55 ? 176  LEU B N   1 
ATOM   1009 C CA  . LEU B 2 14  ? -8.782  -6.438  -20.002 1.00 51.89 ? 176  LEU B CA  1 
ATOM   1010 C C   . LEU B 2 14  ? -9.305  -7.542  -20.917 1.00 51.69 ? 176  LEU B C   1 
ATOM   1011 O O   . LEU B 2 14  ? -9.442  -8.695  -20.505 1.00 48.76 ? 176  LEU B O   1 
ATOM   1012 C CB  . LEU B 2 14  ? -7.391  -5.981  -20.442 1.00 45.94 ? 176  LEU B CB  1 
ATOM   1013 C CG  . LEU B 2 14  ? -6.381  -7.055  -20.846 1.00 49.37 ? 176  LEU B CG  1 
ATOM   1014 C CD1 . LEU B 2 14  ? -5.163  -6.384  -21.441 1.00 43.13 ? 176  LEU B CD1 1 
ATOM   1015 C CD2 . LEU B 2 14  ? -5.994  -7.936  -19.668 1.00 40.53 ? 176  LEU B CD2 1 
ATOM   1016 N N   . SER B 2 15  ? -9.604  -7.170  -22.157 1.00 51.37 ? 177  SER B N   1 
ATOM   1017 C CA  . SER B 2 15  ? -10.097 -8.101  -23.161 1.00 51.86 ? 177  SER B CA  1 
ATOM   1018 C C   . SER B 2 15  ? -9.121  -9.242  -23.436 1.00 51.03 ? 177  SER B C   1 
ATOM   1019 O O   . SER B 2 15  ? -9.472  -10.415 -23.301 1.00 48.05 ? 177  SER B O   1 
ATOM   1020 C CB  . SER B 2 15  ? -10.396 -7.340  -24.448 1.00 53.07 ? 177  SER B CB  1 
ATOM   1021 O OG  . SER B 2 15  ? -9.535  -6.226  -24.567 1.00 45.85 ? 177  SER B OG  1 
ATOM   1022 N N   . SER B 2 23  ? -15.837 -13.486 -15.833 1.00 58.44 ? 185  SER B N   1 
ATOM   1023 C CA  . SER B 2 23  ? -15.301 -13.783 -14.505 1.00 59.44 ? 185  SER B CA  1 
ATOM   1024 C C   . SER B 2 23  ? -14.355 -12.667 -14.044 1.00 64.29 ? 185  SER B C   1 
ATOM   1025 O O   . SER B 2 23  ? -13.195 -12.588 -14.469 1.00 62.13 ? 185  SER B O   1 
ATOM   1026 C CB  . SER B 2 23  ? -14.607 -15.153 -14.496 1.00 54.77 ? 185  SER B CB  1 
ATOM   1027 O OG  . SER B 2 23  ? -14.244 -15.557 -13.185 1.00 43.49 ? 185  SER B OG  1 
ATOM   1028 N N   . VAL B 2 24  ? -14.862 -11.811 -13.165 1.00 60.38 ? 186  VAL B N   1 
ATOM   1029 C CA  . VAL B 2 24  ? -14.172 -10.580 -12.784 1.00 62.12 ? 186  VAL B CA  1 
ATOM   1030 C C   . VAL B 2 24  ? -13.707 -10.628 -11.323 1.00 60.21 ? 186  VAL B C   1 
ATOM   1031 O O   . VAL B 2 24  ? -14.180 -11.453 -10.538 1.00 58.15 ? 186  VAL B O   1 
ATOM   1032 C CB  . VAL B 2 24  ? -15.096 -9.360  -13.055 1.00 57.36 ? 186  VAL B CB  1 
ATOM   1033 C CG1 . VAL B 2 24  ? -14.457 -8.025  -12.651 1.00 57.50 ? 186  VAL B CG1 1 
ATOM   1034 C CG2 . VAL B 2 24  ? -15.483 -9.330  -14.523 1.00 63.44 ? 186  VAL B CG2 1 
ATOM   1035 N N   . LEU B 2 25  ? -12.752 -9.765  -10.976 1.00 58.14 ? 187  LEU B N   1 
ATOM   1036 C CA  . LEU B 2 25  ? -12.319 -9.577  -9.594  1.00 56.89 ? 187  LEU B CA  1 
ATOM   1037 C C   . LEU B 2 25  ? -13.459 -9.098  -8.686  1.00 54.11 ? 187  LEU B C   1 
ATOM   1038 O O   . LEU B 2 25  ? -14.635 -9.401  -8.905  1.00 52.52 ? 187  LEU B O   1 
ATOM   1039 C CB  . LEU B 2 25  ? -11.143 -8.584  -9.526  1.00 47.60 ? 187  LEU B CB  1 
ATOM   1040 C CG  . LEU B 2 25  ? -9.755  -9.037  -9.068  1.00 45.52 ? 187  LEU B CG  1 
ATOM   1041 C CD1 . LEU B 2 25  ? -8.738  -7.919  -9.260  1.00 45.16 ? 187  LEU B CD1 1 
ATOM   1042 C CD2 . LEU B 2 25  ? -9.758  -9.487  -7.616  1.00 40.77 ? 187  LEU B CD2 1 
ATOM   1043 N N   . GLN B 2 26  ? -13.084 -8.364  -7.646  1.00 49.84 ? 188  GLN B N   1 
ATOM   1044 C CA  . GLN B 2 26  ? -14.017 -7.873  -6.647  1.00 43.70 ? 188  GLN B CA  1 
ATOM   1045 C C   . GLN B 2 26  ? -13.392 -6.641  -6.020  1.00 40.04 ? 188  GLN B C   1 
ATOM   1046 O O   . GLN B 2 26  ? -13.905 -5.530  -6.133  1.00 34.26 ? 188  GLN B O   1 
ATOM   1047 C CB  . GLN B 2 26  ? -14.254 -8.943  -5.567  1.00 47.23 ? 188  GLN B CB  1 
ATOM   1048 C CG  . GLN B 2 26  ? -13.296 -10.164 -5.608  1.00 44.38 ? 188  GLN B CG  1 
ATOM   1049 C CD  . GLN B 2 26  ? -12.126 -10.063 -4.651  1.00 24.60 ? 188  GLN B CD  1 
ATOM   1050 O OE1 . GLN B 2 26  ? -12.223 -9.448  -3.594  1.00 40.18 ? 188  GLN B OE1 1 
ATOM   1051 N NE2 . GLN B 2 26  ? -11.025 -10.678 -5.006  1.00 29.39 ? 188  GLN B NE2 1 
ATOM   1052 N N   . ASN B 2 27  ? -12.258 -6.858  -5.366  1.00 32.67 ? 189  ASN B N   1 
ATOM   1053 C CA  . ASN B 2 27  ? -11.540 -5.792  -4.703  1.00 26.26 ? 189  ASN B CA  1 
ATOM   1054 C C   . ASN B 2 27  ? -10.271 -5.476  -5.479  1.00 25.49 ? 189  ASN B C   1 
ATOM   1055 O O   . ASN B 2 27  ? -9.244  -6.129  -5.300  1.00 25.59 ? 189  ASN B O   1 
ATOM   1056 C CB  . ASN B 2 27  ? -11.246 -6.204  -3.255  1.00 24.91 ? 189  ASN B CB  1 
ATOM   1057 C CG  . ASN B 2 27  ? -12.490 -6.160  -2.384  1.00 30.52 ? 189  ASN B CG  1 
ATOM   1058 O OD1 . ASN B 2 27  ? -13.603 -6.027  -2.893  1.00 37.90 ? 189  ASN B OD1 1 
ATOM   1059 N ND2 . ASN B 2 27  ? -12.310 -6.254  -1.075  1.00 25.57 ? 189  ASN B ND2 1 
ATOM   1060 N N   . LYS B 2 28  ? -10.344 -4.478  -6.354  1.00 15.30 ? 190  LYS B N   1 
ATOM   1061 C CA  . LYS B 2 28  ? -9.272  -4.274  -7.318  1.00 27.30 ? 190  LYS B CA  1 
ATOM   1062 C C   . LYS B 2 28  ? -8.047  -3.516  -6.791  1.00 19.67 ? 190  LYS B C   1 
ATOM   1063 O O   . LYS B 2 28  ? -7.015  -3.515  -7.453  1.00 23.71 ? 190  LYS B O   1 
ATOM   1064 C CB  . LYS B 2 28  ? -9.795  -3.582  -8.569  1.00 20.77 ? 190  LYS B CB  1 
ATOM   1065 C CG  . LYS B 2 28  ? -10.249 -2.182  -8.319  1.00 25.85 ? 190  LYS B CG  1 
ATOM   1066 C CD  . LYS B 2 28  ? -10.598 -1.494  -9.619  1.00 32.15 ? 190  LYS B CD  1 
ATOM   1067 C CE  . LYS B 2 28  ? -10.732 0.010   -9.403  1.00 36.17 ? 190  LYS B CE  1 
ATOM   1068 N NZ  . LYS B 2 28  ? -10.910 0.741   -10.690 1.00 40.27 ? 190  LYS B NZ  1 
ATOM   1069 N N   . TYR B 2 29  ? -8.149  -2.885  -5.621  1.00 15.91 ? 191  TYR B N   1 
ATOM   1070 C CA  . TYR B 2 29  ? -6.985  -2.200  -5.040  1.00 20.08 ? 191  TYR B CA  1 
ATOM   1071 C C   . TYR B 2 29  ? -6.193  -3.163  -4.174  1.00 19.97 ? 191  TYR B C   1 
ATOM   1072 O O   . TYR B 2 29  ? -6.744  -3.814  -3.284  1.00 14.72 ? 191  TYR B O   1 
ATOM   1073 C CB  . TYR B 2 29  ? -7.397  -0.976  -4.224  1.00 17.02 ? 191  TYR B CB  1 
ATOM   1074 C CG  . TYR B 2 29  ? -8.125  0.051   -5.051  1.00 22.29 ? 191  TYR B CG  1 
ATOM   1075 C CD1 . TYR B 2 29  ? -7.429  0.942   -5.857  1.00 23.60 ? 191  TYR B CD1 1 
ATOM   1076 C CD2 . TYR B 2 29  ? -9.507  0.127   -5.036  1.00 21.00 ? 191  TYR B CD2 1 
ATOM   1077 C CE1 . TYR B 2 29  ? -8.099  1.892   -6.632  1.00 19.00 ? 191  TYR B CE1 1 
ATOM   1078 C CE2 . TYR B 2 29  ? -10.183 1.071   -5.804  1.00 23.92 ? 191  TYR B CE2 1 
ATOM   1079 C CZ  . TYR B 2 29  ? -9.473  1.944   -6.596  1.00 27.08 ? 191  TYR B CZ  1 
ATOM   1080 O OH  . TYR B 2 29  ? -10.147 2.868   -7.355  1.00 28.98 ? 191  TYR B OH  1 
ATOM   1081 N N   . VAL B 2 30  ? -4.890  -3.225  -4.427  1.00 16.35 ? 192  VAL B N   1 
ATOM   1082 C CA  . VAL B 2 30  ? -4.027  -4.188  -3.773  1.00 13.99 ? 192  VAL B CA  1 
ATOM   1083 C C   . VAL B 2 30  ? -2.818  -3.495  -3.147  1.00 16.34 ? 192  VAL B C   1 
ATOM   1084 O O   . VAL B 2 30  ? -2.125  -2.734  -3.821  1.00 16.37 ? 192  VAL B O   1 
ATOM   1085 C CB  . VAL B 2 30  ? -3.539  -5.239  -4.776  1.00 15.02 ? 192  VAL B CB  1 
ATOM   1086 C CG1 . VAL B 2 30  ? -2.594  -6.220  -4.091  1.00 18.31 ? 192  VAL B CG1 1 
ATOM   1087 C CG2 . VAL B 2 30  ? -4.717  -5.984  -5.394  1.00 19.60 ? 192  VAL B CG2 1 
ATOM   1088 N N   . ARG B 2 31  ? -2.587  -3.722  -1.858  1.00 17.71 ? 193  ARG B N   1 
ATOM   1089 C CA  . ARG B 2 31  ? -1.351  -3.266  -1.227  1.00 14.87 ? 193  ARG B CA  1 
ATOM   1090 C C   . ARG B 2 31  ? -0.463  -4.491  -0.981  1.00 19.02 ? 193  ARG B C   1 
ATOM   1091 O O   . ARG B 2 31  ? -0.936  -5.529  -0.491  1.00 14.25 ? 193  ARG B O   1 
ATOM   1092 C CB  . ARG B 2 31  ? -1.628  -2.570  0.112   1.00 12.14 ? 193  ARG B CB  1 
ATOM   1093 C CG  . ARG B 2 31  ? -0.562  -1.539  0.490   1.00 11.93 ? 193  ARG B CG  1 
ATOM   1094 C CD  . ARG B 2 31  ? -0.631  -1.156  1.958   1.00 15.40 ? 193  ARG B CD  1 
ATOM   1095 N NE  . ARG B 2 31  ? -1.835  -0.390  2.307   1.00 14.57 ? 193  ARG B NE  1 
ATOM   1096 C CZ  . ARG B 2 31  ? -1.967  0.919   2.126   1.00 16.66 ? 193  ARG B CZ  1 
ATOM   1097 N NH1 . ARG B 2 31  ? -0.990  1.612   1.558   1.00 20.23 ? 193  ARG B NH1 1 
ATOM   1098 N NH2 . ARG B 2 31  ? -3.079  1.546   2.488   1.00 10.42 ? 193  ARG B NH2 1 
ATOM   1099 N N   . CYS B 2 32  ? 0.819   -4.373  -1.316  1.00 14.54 ? 194  CYS B N   1 
ATOM   1100 C CA  . CYS B 2 32  ? 1.759   -5.461  -1.067  1.00 18.16 ? 194  CYS B CA  1 
ATOM   1101 C C   . CYS B 2 32  ? 3.159   -4.963  -0.770  1.00 21.87 ? 194  CYS B C   1 
ATOM   1102 O O   . CYS B 2 32  ? 3.465   -3.791  -0.948  1.00 15.30 ? 194  CYS B O   1 
ATOM   1103 C CB  . CYS B 2 32  ? 1.803   -6.417  -2.252  1.00 16.96 ? 194  CYS B CB  1 
ATOM   1104 S SG  . CYS B 2 32  ? 2.398   -5.693  -3.757  1.00 22.61 ? 194  CYS B SG  1 
ATOM   1105 N N   . SER B 2 33  ? 3.998   -5.885  -0.312  1.00 18.47 ? 195  SER B N   1 
ATOM   1106 C CA  . SER B 2 33  ? 5.400   -5.615  -0.074  1.00 20.38 ? 195  SER B CA  1 
ATOM   1107 C C   . SER B 2 33  ? 6.114   -5.284  -1.381  1.00 19.29 ? 195  SER B C   1 
ATOM   1108 O O   . SER B 2 33  ? 5.752   -5.803  -2.449  1.00 18.35 ? 195  SER B O   1 
ATOM   1109 C CB  . SER B 2 33  ? 6.052   -6.831  0.582   1.00 17.28 ? 195  SER B CB  1 
ATOM   1110 O OG  . SER B 2 33  ? 7.448   -6.735  0.482   1.00 30.20 ? 195  SER B OG  1 
ATOM   1111 N N   . VAL B 2 34  ? 7.123   -4.416  -1.298  1.00 18.43 ? 196  VAL B N   1 
ATOM   1112 C CA  . VAL B 2 34  ? 7.863   -4.024  -2.489  1.00 20.29 ? 196  VAL B CA  1 
ATOM   1113 C C   . VAL B 2 34  ? 8.576   -5.215  -3.097  1.00 16.78 ? 196  VAL B C   1 
ATOM   1114 O O   . VAL B 2 34  ? 8.830   -5.246  -4.299  1.00 22.30 ? 196  VAL B O   1 
ATOM   1115 C CB  . VAL B 2 34  ? 8.865   -2.863  -2.222  1.00 20.62 ? 196  VAL B CB  1 
ATOM   1116 C CG1 . VAL B 2 34  ? 8.123   -1.538  -2.041  1.00 16.00 ? 196  VAL B CG1 1 
ATOM   1117 C CG2 . VAL B 2 34  ? 9.739   -3.169  -1.008  1.00 15.53 ? 196  VAL B CG2 1 
ATOM   1118 N N   . ARG B 2 35  ? 8.875   -6.204  -2.272  1.00 18.36 ? 197  ARG B N   1 
ATOM   1119 C CA  . ARG B 2 35  ? 9.548   -7.412  -2.753  1.00 30.49 ? 197  ARG B CA  1 
ATOM   1120 C C   . ARG B 2 35  ? 8.603   -8.466  -3.340  1.00 28.18 ? 197  ARG B C   1 
ATOM   1121 O O   . ARG B 2 35  ? 9.076   -9.458  -3.894  1.00 18.76 ? 197  ARG B O   1 
ATOM   1122 C CB  . ARG B 2 35  ? 10.381  -8.058  -1.642  1.00 33.59 ? 197  ARG B CB  1 
ATOM   1123 C CG  . ARG B 2 35  ? 9.535   -8.630  -0.512  1.00 36.00 ? 197  ARG B CG  1 
ATOM   1124 C CD  . ARG B 2 35  ? 9.945   -10.042 -0.078  1.00 39.54 ? 197  ARG B CD  1 
ATOM   1125 N NE  . ARG B 2 35  ? 9.273   -10.434 1.168   1.00 48.09 ? 197  ARG B NE  1 
ATOM   1126 C CZ  . ARG B 2 35  ? 9.319   -11.653 1.708   1.00 53.05 ? 197  ARG B CZ  1 
ATOM   1127 N NH1 . ARG B 2 35  ? 10.000  -12.623 1.112   1.00 52.00 ? 197  ARG B NH1 1 
ATOM   1128 N NH2 . ARG B 2 35  ? 8.678   -11.906 2.843   1.00 48.33 ? 197  ARG B NH2 1 
ATOM   1129 N N   . ALA B 2 36  ? 7.286   -8.261  -3.236  1.00 19.80 ? 198  ALA B N   1 
ATOM   1130 C CA  . ALA B 2 36  ? 6.350   -9.216  -3.820  1.00 20.91 ? 198  ALA B CA  1 
ATOM   1131 C C   . ALA B 2 36  ? 6.618   -9.331  -5.309  1.00 20.87 ? 198  ALA B C   1 
ATOM   1132 O O   . ALA B 2 36  ? 6.875   -8.327  -5.965  1.00 23.59 ? 198  ALA B O   1 
ATOM   1133 C CB  . ALA B 2 36  ? 4.879   -8.796  -3.568  1.00 20.49 ? 198  ALA B CB  1 
ATOM   1134 N N   . GLU B 2 37  ? 6.557   -10.545 -5.849  1.00 19.46 ? 199  GLU B N   1 
ATOM   1135 C CA  . GLU B 2 37  ? 6.879   -10.739 -7.260  1.00 20.96 ? 199  GLU B CA  1 
ATOM   1136 C C   . GLU B 2 37  ? 5.648   -11.070 -8.091  1.00 25.84 ? 199  GLU B C   1 
ATOM   1137 O O   . GLU B 2 37  ? 4.645   -11.514 -7.545  1.00 25.62 ? 199  GLU B O   1 
ATOM   1138 C CB  . GLU B 2 37  ? 7.968   -11.800 -7.411  1.00 26.00 ? 199  GLU B CB  1 
ATOM   1139 C CG  . GLU B 2 37  ? 9.142   -11.536 -6.466  1.00 31.57 ? 199  GLU B CG  1 
ATOM   1140 C CD  . GLU B 2 37  ? 10.133  -12.681 -6.383  1.00 34.47 ? 199  GLU B CD  1 
ATOM   1141 O OE1 . GLU B 2 37  ? 10.198  -13.501 -7.322  1.00 34.34 ? 199  GLU B OE1 1 
ATOM   1142 O OE2 . GLU B 2 37  ? 10.849  -12.751 -5.368  1.00 34.16 ? 199  GLU B OE2 1 
ATOM   1143 N N   . VAL B 2 38  ? 5.729   -10.820 -9.400  1.00 23.60 ? 200  VAL B N   1 
ATOM   1144 C CA  . VAL B 2 38  ? 4.630   -11.077 -10.321 1.00 25.42 ? 200  VAL B CA  1 
ATOM   1145 C C   . VAL B 2 38  ? 4.024   -12.460 -10.099 1.00 28.06 ? 200  VAL B C   1 
ATOM   1146 O O   . VAL B 2 38  ? 2.797   -12.606 -10.059 1.00 30.85 ? 200  VAL B O   1 
ATOM   1147 C CB  . VAL B 2 38  ? 5.072   -10.907 -11.799 1.00 22.16 ? 200  VAL B CB  1 
ATOM   1148 C CG1 . VAL B 2 38  ? 4.101   -11.591 -12.738 1.00 27.68 ? 200  VAL B CG1 1 
ATOM   1149 C CG2 . VAL B 2 38  ? 5.228   -9.419  -12.173 1.00 18.98 ? 200  VAL B CG2 1 
ATOM   1150 N N   . ARG B 2 39  ? 4.881   -13.460 -9.910  1.00 27.67 ? 201  ARG B N   1 
ATOM   1151 C CA  . ARG B 2 39  ? 4.429   -14.834 -9.670  1.00 30.42 ? 201  ARG B CA  1 
ATOM   1152 C C   . ARG B 2 39  ? 3.588   -14.974 -8.401  1.00 30.11 ? 201  ARG B C   1 
ATOM   1153 O O   . ARG B 2 39  ? 2.657   -15.782 -8.350  1.00 27.44 ? 201  ARG B O   1 
ATOM   1154 C CB  . ARG B 2 39  ? 5.614   -15.817 -9.632  1.00 29.57 ? 201  ARG B CB  1 
ATOM   1155 C CG  . ARG B 2 39  ? 6.359   -15.892 -8.291  1.00 35.71 ? 201  ARG B CG  1 
ATOM   1156 C CD  . ARG B 2 39  ? 7.362   -17.046 -8.257  1.00 43.33 ? 201  ARG B CD  1 
ATOM   1157 N NE  . ARG B 2 39  ? 8.010   -17.191 -6.955  1.00 42.71 ? 201  ARG B NE  1 
ATOM   1158 C CZ  . ARG B 2 39  ? 9.150   -16.592 -6.625  1.00 39.41 ? 201  ARG B CZ  1 
ATOM   1159 N NH1 . ARG B 2 39  ? 9.760   -15.805 -7.501  1.00 36.71 ? 201  ARG B NH1 1 
ATOM   1160 N NH2 . ARG B 2 39  ? 9.679   -16.776 -5.420  1.00 37.66 ? 201  ARG B NH2 1 
ATOM   1161 N N   . HIS B 2 40  ? 3.909   -14.188 -7.378  1.00 23.43 ? 202  HIS B N   1 
ATOM   1162 C CA  . HIS B 2 40  ? 3.173   -14.281 -6.121  1.00 26.10 ? 202  HIS B CA  1 
ATOM   1163 C C   . HIS B 2 40  ? 1.784   -13.678 -6.281  1.00 29.68 ? 202  HIS B C   1 
ATOM   1164 O O   . HIS B 2 40  ? 0.783   -14.228 -5.810  1.00 26.37 ? 202  HIS B O   1 
ATOM   1165 C CB  . HIS B 2 40  ? 3.932   -13.563 -5.005  1.00 20.82 ? 202  HIS B CB  1 
ATOM   1166 C CG  . HIS B 2 40  ? 5.254   -14.182 -4.678  1.00 34.38 ? 202  HIS B CG  1 
ATOM   1167 N ND1 . HIS B 2 40  ? 6.458   -13.601 -5.026  1.00 25.08 ? 202  HIS B ND1 1 
ATOM   1168 C CD2 . HIS B 2 40  ? 5.563   -15.326 -4.022  1.00 34.53 ? 202  HIS B CD2 1 
ATOM   1169 C CE1 . HIS B 2 40  ? 7.448   -14.367 -4.605  1.00 35.19 ? 202  HIS B CE1 1 
ATOM   1170 N NE2 . HIS B 2 40  ? 6.933   -15.421 -3.993  1.00 33.80 ? 202  HIS B NE2 1 
ATOM   1171 N N   . LEU B 2 41  ? 1.735   -12.535 -6.951  1.00 25.27 ? 203  LEU B N   1 
ATOM   1172 C CA  . LEU B 2 41  ? 0.471   -11.850 -7.179  1.00 24.79 ? 203  LEU B CA  1 
ATOM   1173 C C   . LEU B 2 41  ? -0.459  -12.693 -8.049  1.00 28.30 ? 203  LEU B C   1 
ATOM   1174 O O   . LEU B 2 41  ? -1.654  -12.757 -7.789  1.00 21.12 ? 203  LEU B O   1 
ATOM   1175 C CB  . LEU B 2 41  ? 0.711   -10.490 -7.816  1.00 22.65 ? 203  LEU B CB  1 
ATOM   1176 C CG  . LEU B 2 41  ? -0.536  -9.605  -7.895  1.00 28.91 ? 203  LEU B CG  1 
ATOM   1177 C CD1 . LEU B 2 41  ? -1.244  -9.606  -6.553  1.00 27.38 ? 203  LEU B CD1 1 
ATOM   1178 C CD2 . LEU B 2 41  ? -0.150  -8.208  -8.285  1.00 24.16 ? 203  LEU B CD2 1 
ATOM   1179 N N   . ARG B 2 42  ? 0.100   -13.337 -9.073  1.00 29.11 ? 204  ARG B N   1 
ATOM   1180 C CA  . ARG B 2 42  ? -0.650  -14.253 -9.925  1.00 33.77 ? 204  ARG B CA  1 
ATOM   1181 C C   . ARG B 2 42  ? -1.341  -15.353 -9.126  1.00 27.07 ? 204  ARG B C   1 
ATOM   1182 O O   . ARG B 2 42  ? -2.471  -15.723 -9.423  1.00 35.52 ? 204  ARG B O   1 
ATOM   1183 C CB  . ARG B 2 42  ? 0.279   -14.912 -10.941 1.00 37.95 ? 204  ARG B CB  1 
ATOM   1184 C CG  . ARG B 2 42  ? 0.709   -14.022 -12.087 1.00 36.35 ? 204  ARG B CG  1 
ATOM   1185 C CD  . ARG B 2 42  ? 1.537   -14.817 -13.098 1.00 42.42 ? 204  ARG B CD  1 
ATOM   1186 N NE  . ARG B 2 42  ? 0.732   -15.793 -13.835 1.00 40.77 ? 204  ARG B NE  1 
ATOM   1187 C CZ  . ARG B 2 42  ? 1.218   -16.622 -14.755 1.00 44.87 ? 204  ARG B CZ  1 
ATOM   1188 N NH1 . ARG B 2 42  ? 2.509   -16.601 -15.059 1.00 43.49 ? 204  ARG B NH1 1 
ATOM   1189 N NH2 . ARG B 2 42  ? 0.415   -17.474 -15.378 1.00 43.79 ? 204  ARG B NH2 1 
ATOM   1190 N N   . ARG B 2 43  ? -0.670  -15.866 -8.108  1.00 30.67 ? 205  ARG B N   1 
ATOM   1191 C CA  . ARG B 2 43  ? -1.243  -16.957 -7.331  1.00 34.51 ? 205  ARG B CA  1 
ATOM   1192 C C   . ARG B 2 43  ? -2.272  -16.447 -6.338  1.00 35.11 ? 205  ARG B C   1 
ATOM   1193 O O   . ARG B 2 43  ? -3.262  -17.133 -6.068  1.00 27.21 ? 205  ARG B O   1 
ATOM   1194 C CB  . ARG B 2 43  ? -0.155  -17.743 -6.596  1.00 28.41 ? 205  ARG B CB  1 
ATOM   1195 C CG  . ARG B 2 43  ? 0.877   -18.381 -7.515  1.00 38.88 ? 205  ARG B CG  1 
ATOM   1196 C CD  . ARG B 2 43  ? 1.935   -19.111 -6.704  1.00 40.60 ? 205  ARG B CD  1 
ATOM   1197 N NE  . ARG B 2 43  ? 1.320   -20.045 -5.768  1.00 41.45 ? 205  ARG B NE  1 
ATOM   1198 C CZ  . ARG B 2 43  ? 1.834   -20.377 -4.588  1.00 46.49 ? 205  ARG B CZ  1 
ATOM   1199 N NH1 . ARG B 2 43  ? 2.985   -19.847 -4.182  1.00 43.10 ? 205  ARG B NH1 1 
ATOM   1200 N NH2 . ARG B 2 43  ? 1.192   -21.237 -3.806  1.00 45.38 ? 205  ARG B NH2 1 
ATOM   1201 N N   . VAL B 2 44  ? -2.038  -15.256 -5.785  1.00 24.40 ? 206  VAL B N   1 
ATOM   1202 C CA  . VAL B 2 44  ? -2.941  -14.732 -4.762  1.00 28.98 ? 206  VAL B CA  1 
ATOM   1203 C C   . VAL B 2 44  ? -4.256  -14.369 -5.444  1.00 26.78 ? 206  VAL B C   1 
ATOM   1204 O O   . VAL B 2 44  ? -5.341  -14.570 -4.888  1.00 28.89 ? 206  VAL B O   1 
ATOM   1205 C CB  . VAL B 2 44  ? -2.310  -13.545 -3.964  1.00 27.18 ? 206  VAL B CB  1 
ATOM   1206 C CG1 . VAL B 2 44  ? -2.694  -12.201 -4.570  1.00 28.95 ? 206  VAL B CG1 1 
ATOM   1207 C CG2 . VAL B 2 44  ? -2.704  -13.592 -2.495  1.00 26.16 ? 206  VAL B CG2 1 
ATOM   1208 N N   . LEU B 2 45  ? -4.145  -13.895 -6.680  1.00 25.56 ? 207  LEU B N   1 
ATOM   1209 C CA  . LEU B 2 45  ? -5.293  -13.540 -7.491  1.00 28.24 ? 207  LEU B CA  1 
ATOM   1210 C C   . LEU B 2 45  ? -6.105  -14.774 -7.849  1.00 27.06 ? 207  LEU B C   1 
ATOM   1211 O O   . LEU B 2 45  ? -7.341  -14.746 -7.805  1.00 30.20 ? 207  LEU B O   1 
ATOM   1212 C CB  . LEU B 2 45  ? -4.825  -12.866 -8.775  1.00 29.65 ? 207  LEU B CB  1 
ATOM   1213 C CG  . LEU B 2 45  ? -4.823  -11.351 -8.789  1.00 28.22 ? 207  LEU B CG  1 
ATOM   1214 C CD1 . LEU B 2 45  ? -4.154  -10.879 -10.067 1.00 33.30 ? 207  LEU B CD1 1 
ATOM   1215 C CD2 . LEU B 2 45  ? -6.256  -10.850 -8.703  1.00 29.36 ? 207  LEU B CD2 1 
ATOM   1216 N N   . CYS B 2 46  ? -5.406  -15.839 -8.237  1.00 30.08 ? 208  CYS B N   1 
ATOM   1217 C CA  . CYS B 2 46  ? -6.044  -17.122 -8.490  1.00 30.02 ? 208  CYS B CA  1 
ATOM   1218 C C   . CYS B 2 46  ? -6.869  -17.539 -7.285  1.00 27.43 ? 208  CYS B C   1 
ATOM   1219 O O   . CYS B 2 46  ? -7.999  -17.969 -7.440  1.00 33.57 ? 208  CYS B O   1 
ATOM   1220 C CB  . CYS B 2 46  ? -5.005  -18.197 -8.817  1.00 31.49 ? 208  CYS B CB  1 
ATOM   1221 S SG  . CYS B 2 46  ? -4.352  -18.144 -10.503 1.00 42.07 ? 208  CYS B SG  1 
ATOM   1222 N N   . HIS B 2 47  ? -6.313  -17.390 -6.085  1.00 30.78 ? 209  HIS B N   1 
ATOM   1223 C CA  . HIS B 2 47  ? -7.021  -17.789 -4.866  1.00 29.68 ? 209  HIS B CA  1 
ATOM   1224 C C   . HIS B 2 47  ? -8.327  -17.034 -4.657  1.00 35.77 ? 209  HIS B C   1 
ATOM   1225 O O   . HIS B 2 47  ? -9.338  -17.634 -4.257  1.00 33.66 ? 209  HIS B O   1 
ATOM   1226 C CB  . HIS B 2 47  ? -6.149  -17.591 -3.636  1.00 26.53 ? 209  HIS B CB  1 
ATOM   1227 C CG  . HIS B 2 47  ? -4.968  -18.499 -3.584  1.00 36.52 ? 209  HIS B CG  1 
ATOM   1228 N ND1 . HIS B 2 47  ? -3.997  -18.401 -2.612  1.00 35.49 ? 209  HIS B ND1 1 
ATOM   1229 C CD2 . HIS B 2 47  ? -4.600  -19.529 -4.383  1.00 41.62 ? 209  HIS B CD2 1 
ATOM   1230 C CE1 . HIS B 2 47  ? -3.082  -19.331 -2.812  1.00 42.70 ? 209  HIS B CE1 1 
ATOM   1231 N NE2 . HIS B 2 47  ? -3.424  -20.028 -3.881  1.00 39.22 ? 209  HIS B NE2 1 
ATOM   1232 N N   . ARG B 2 48  ? -8.292  -15.724 -4.915  1.00 29.96 ? 210  ARG B N   1 
ATOM   1233 C CA  . ARG B 2 48  ? -9.434  -14.838 -4.701  1.00 29.02 ? 210  ARG B CA  1 
ATOM   1234 C C   . ARG B 2 48  ? -10.496 -15.076 -5.741  1.00 25.36 ? 210  ARG B C   1 
ATOM   1235 O O   . ARG B 2 48  ? -11.685 -15.014 -5.442  1.00 32.99 ? 210  ARG B O   1 
ATOM   1236 C CB  . ARG B 2 48  ? -9.004  -13.373 -4.777  1.00 30.87 ? 210  ARG B CB  1 
ATOM   1237 C CG  . ARG B 2 48  ? -7.865  -12.992 -3.843  1.00 35.00 ? 210  ARG B CG  1 
ATOM   1238 C CD  . ARG B 2 48  ? -8.362  -12.603 -2.466  1.00 33.76 ? 210  ARG B CD  1 
ATOM   1239 N NE  . ARG B 2 48  ? -9.345  -11.524 -2.523  1.00 30.49 ? 210  ARG B NE  1 
ATOM   1240 C CZ  . ARG B 2 48  ? -9.877  -10.949 -1.450  1.00 29.51 ? 210  ARG B CZ  1 
ATOM   1241 N NH1 . ARG B 2 48  ? -9.501  -11.344 -0.239  1.00 30.14 ? 210  ARG B NH1 1 
ATOM   1242 N NH2 . ARG B 2 48  ? -10.780 -9.980  -1.587  1.00 29.87 ? 210  ARG B NH2 1 
ATOM   1243 N N   . LEU B 2 49  ? -10.071 -15.326 -6.974  1.00 19.17 ? 211  LEU B N   1 
ATOM   1244 C CA  . LEU B 2 49  ? -11.016 -15.614 -8.045  1.00 29.02 ? 211  LEU B CA  1 
ATOM   1245 C C   . LEU B 2 49  ? -11.476 -17.079 -7.991  1.00 37.47 ? 211  LEU B C   1 
ATOM   1246 O O   . LEU B 2 49  ? -12.360 -17.490 -8.751  1.00 31.80 ? 211  LEU B O   1 
ATOM   1247 C CB  . LEU B 2 49  ? -10.388 -15.292 -9.398  1.00 26.87 ? 211  LEU B CB  1 
ATOM   1248 C CG  . LEU B 2 49  ? -9.909  -13.839 -9.478  1.00 32.51 ? 211  LEU B CG  1 
ATOM   1249 C CD1 . LEU B 2 49  ? -9.093  -13.564 -10.746 1.00 24.32 ? 211  LEU B CD1 1 
ATOM   1250 C CD2 . LEU B 2 49  ? -11.095 -12.906 -9.379  1.00 42.74 ? 211  LEU B CD2 1 
ATOM   1251 N N   . MET B 2 50  ? -10.873 -17.852 -7.083  1.00 29.47 ? 212  MET B N   1 
ATOM   1252 C CA  . MET B 2 50  ? -11.145 -19.285 -6.969  1.00 35.43 ? 212  MET B CA  1 
ATOM   1253 C C   . MET B 2 50  ? -10.891 -20.016 -8.291  1.00 34.67 ? 212  MET B C   1 
ATOM   1254 O O   . MET B 2 50  ? -11.801 -20.610 -8.870  1.00 39.61 ? 212  MET B O   1 
ATOM   1255 C CB  . MET B 2 50  ? -12.567 -19.523 -6.446  1.00 34.90 ? 212  MET B CB  1 
ATOM   1256 C CG  . MET B 2 50  ? -12.723 -19.117 -4.978  1.00 34.50 ? 212  MET B CG  1 
ATOM   1257 S SD  . MET B 2 50  ? -14.323 -18.415 -4.543  1.00 65.95 ? 212  MET B SD  1 
ATOM   1258 C CE  . MET B 2 50  ? -13.820 -17.184 -3.336  1.00 48.73 ? 212  MET B CE  1 
ATOM   1259 N N   . LEU B 2 51  ? -9.641  -19.958 -8.754  1.00 31.78 ? 213  LEU B N   1 
ATOM   1260 C CA  . LEU B 2 51  ? -9.207  -20.612 -9.990  1.00 26.47 ? 213  LEU B CA  1 
ATOM   1261 C C   . LEU B 2 51  ? -8.099  -21.610 -9.650  1.00 35.15 ? 213  LEU B C   1 
ATOM   1262 O O   . LEU B 2 51  ? -7.479  -21.509 -8.579  1.00 38.83 ? 213  LEU B O   1 
ATOM   1263 C CB  . LEU B 2 51  ? -8.652  -19.579 -10.979 1.00 36.86 ? 213  LEU B CB  1 
ATOM   1264 C CG  . LEU B 2 51  ? -9.528  -18.706 -11.893 1.00 39.42 ? 213  LEU B CG  1 
ATOM   1265 C CD1 . LEU B 2 51  ? -10.980 -18.645 -11.452 1.00 41.42 ? 213  LEU B CD1 1 
ATOM   1266 C CD2 . LEU B 2 51  ? -8.954  -17.302 -12.015 1.00 32.70 ? 213  LEU B CD2 1 
ATOM   1267 N N   . ASN B 2 52  ? -7.848  -22.566 -10.551 1.00 35.88 ? 214  ASN B N   1 
ATOM   1268 C CA  . ASN B 2 52  ? -6.651  -23.417 -10.472 1.00 36.20 ? 214  ASN B CA  1 
ATOM   1269 C C   . ASN B 2 52  ? -5.392  -22.556 -10.643 1.00 41.79 ? 214  ASN B C   1 
ATOM   1270 O O   . ASN B 2 52  ? -5.490  -21.368 -10.962 1.00 40.27 ? 214  ASN B O   1 
ATOM   1271 C CB  . ASN B 2 52  ? -6.656  -24.510 -11.556 1.00 31.53 ? 214  ASN B CB  1 
ATOM   1272 C CG  . ASN B 2 52  ? -7.636  -25.652 -11.272 1.00 34.94 ? 214  ASN B CG  1 
ATOM   1273 O OD1 . ASN B 2 52  ? -7.887  -26.517 -12.109 1.00 28.69 ? 214  ASN B OD1 1 
ATOM   1274 N ND2 . ASN B 2 52  ? -8.209  -25.636 -10.075 1.00 31.71 ? 214  ASN B ND2 1 
ATOM   1275 N N   . PRO B 2 53  ? -4.199  -23.147 -10.432 1.00 45.86 ? 215  PRO B N   1 
ATOM   1276 C CA  . PRO B 2 53  ? -2.985  -22.344 -10.666 1.00 42.44 ? 215  PRO B CA  1 
ATOM   1277 C C   . PRO B 2 53  ? -2.697  -22.081 -12.152 1.00 44.96 ? 215  PRO B C   1 
ATOM   1278 O O   . PRO B 2 53  ? -3.041  -22.911 -12.995 1.00 41.84 ? 215  PRO B O   1 
ATOM   1279 C CB  . PRO B 2 53  ? -1.875  -23.203 -10.051 1.00 41.67 ? 215  PRO B CB  1 
ATOM   1280 C CG  . PRO B 2 53  ? -2.585  -24.064 -9.027  1.00 45.34 ? 215  PRO B CG  1 
ATOM   1281 C CD  . PRO B 2 53  ? -3.916  -24.366 -9.652  1.00 34.46 ? 215  PRO B CD  1 
ATOM   1282 N N   . GLN B 2 54  ? -2.081  -20.935 -12.447 1.00 41.99 ? 216  GLN B N   1 
ATOM   1283 C CA  . GLN B 2 54  ? -1.663  -20.539 -13.805 1.00 44.51 ? 216  GLN B CA  1 
ATOM   1284 C C   . GLN B 2 54  ? -2.793  -20.096 -14.733 1.00 47.52 ? 216  GLN B C   1 
ATOM   1285 O O   . GLN B 2 54  ? -2.686  -20.224 -15.955 1.00 49.59 ? 216  GLN B O   1 
ATOM   1286 C CB  . GLN B 2 54  ? -0.819  -21.622 -14.499 1.00 42.62 ? 216  GLN B CB  1 
ATOM   1287 C CG  . GLN B 2 54  ? 0.274   -22.240 -13.634 1.00 45.79 ? 216  GLN B CG  1 
ATOM   1288 C CD  . GLN B 2 54  ? 1.279   -21.223 -13.126 1.00 46.06 ? 216  GLN B CD  1 
ATOM   1289 O OE1 . GLN B 2 54  ? 1.516   -20.193 -13.760 1.00 51.34 ? 216  GLN B OE1 1 
ATOM   1290 N NE2 . GLN B 2 54  ? 1.879   -21.509 -11.977 1.00 37.75 ? 216  GLN B NE2 1 
ATOM   1291 N N   . HIS B 2 55  ? -3.861  -19.552 -14.162 1.00 47.32 ? 217  HIS B N   1 
ATOM   1292 C CA  . HIS B 2 55  ? -4.987  -19.096 -14.969 1.00 45.83 ? 217  HIS B CA  1 
ATOM   1293 C C   . HIS B 2 55  ? -5.074  -17.582 -15.011 1.00 45.25 ? 217  HIS B C   1 
ATOM   1294 O O   . HIS B 2 55  ? -5.937  -17.019 -15.686 1.00 46.14 ? 217  HIS B O   1 
ATOM   1295 C CB  . HIS B 2 55  ? -6.293  -19.681 -14.446 1.00 44.26 ? 217  HIS B CB  1 
ATOM   1296 C CG  . HIS B 2 55  ? -6.362  -21.166 -14.556 1.00 44.67 ? 217  HIS B CG  1 
ATOM   1297 N ND1 . HIS B 2 55  ? -7.213  -21.812 -15.429 1.00 53.61 ? 217  HIS B ND1 1 
ATOM   1298 C CD2 . HIS B 2 55  ? -5.673  -22.134 -13.913 1.00 43.14 ? 217  HIS B CD2 1 
ATOM   1299 C CE1 . HIS B 2 55  ? -7.050  -23.118 -15.310 1.00 47.21 ? 217  HIS B CE1 1 
ATOM   1300 N NE2 . HIS B 2 55  ? -6.114  -23.340 -14.403 1.00 48.71 ? 217  HIS B NE2 1 
ATOM   1301 N N   . VAL B 2 56  ? -4.178  -16.924 -14.283 1.00 44.31 ? 218  VAL B N   1 
ATOM   1302 C CA  . VAL B 2 56  ? -4.101  -15.473 -14.324 1.00 41.40 ? 218  VAL B CA  1 
ATOM   1303 C C   . VAL B 2 56  ? -2.694  -15.057 -14.705 1.00 40.63 ? 218  VAL B C   1 
ATOM   1304 O O   . VAL B 2 56  ? -1.722  -15.468 -14.070 1.00 44.34 ? 218  VAL B O   1 
ATOM   1305 C CB  . VAL B 2 56  ? -4.471  -14.832 -12.973 1.00 44.58 ? 218  VAL B CB  1 
ATOM   1306 C CG1 . VAL B 2 56  ? -4.546  -13.307 -13.104 1.00 39.59 ? 218  VAL B CG1 1 
ATOM   1307 C CG2 . VAL B 2 56  ? -5.793  -15.384 -12.467 1.00 40.91 ? 218  VAL B CG2 1 
ATOM   1308 N N   . GLN B 2 57  ? -2.585  -14.264 -15.762 1.00 39.03 ? 219  GLN B N   1 
ATOM   1309 C CA  . GLN B 2 57  ? -1.315  -13.659 -16.107 1.00 44.00 ? 219  GLN B CA  1 
ATOM   1310 C C   . GLN B 2 57  ? -1.421  -12.194 -15.769 1.00 40.15 ? 219  GLN B C   1 
ATOM   1311 O O   . GLN B 2 57  ? -2.524  -11.647 -15.716 1.00 39.71 ? 219  GLN B O   1 
ATOM   1312 C CB  . GLN B 2 57  ? -1.003  -13.850 -17.587 1.00 51.70 ? 219  GLN B CB  1 
ATOM   1313 C CG  . GLN B 2 57  ? -0.564  -15.265 -17.943 1.00 51.28 ? 219  GLN B CG  1 
ATOM   1314 C CD  . GLN B 2 57  ? -0.407  -15.451 -19.435 1.00 56.64 ? 219  GLN B CD  1 
ATOM   1315 O OE1 . GLN B 2 57  ? 0.665   -15.223 -19.989 1.00 53.83 ? 219  GLN B OE1 1 
ATOM   1316 N NE2 . GLN B 2 57  ? -1.483  -15.859 -20.097 1.00 57.43 ? 219  GLN B NE2 1 
ATOM   1317 N N   . LEU B 2 58  ? -0.279  -11.567 -15.522 1.00 41.16 ? 220  LEU B N   1 
ATOM   1318 C CA  . LEU B 2 58  ? -0.236  -10.148 -15.191 1.00 34.67 ? 220  LEU B CA  1 
ATOM   1319 C C   . LEU B 2 58  ? 0.371   -9.367  -16.346 1.00 35.59 ? 220  LEU B C   1 
ATOM   1320 O O   . LEU B 2 58  ? 1.319   -9.834  -16.982 1.00 30.48 ? 220  LEU B O   1 
ATOM   1321 C CB  . LEU B 2 58  ? 0.592   -9.935  -13.926 1.00 30.56 ? 220  LEU B CB  1 
ATOM   1322 C CG  . LEU B 2 58  ? -0.193  -10.057 -12.626 1.00 31.70 ? 220  LEU B CG  1 
ATOM   1323 C CD1 . LEU B 2 58  ? 0.715   -9.844  -11.437 1.00 34.91 ? 220  LEU B CD1 1 
ATOM   1324 C CD2 . LEU B 2 58  ? -1.324  -9.052  -12.614 1.00 35.23 ? 220  LEU B CD2 1 
ATOM   1325 N N   . LEU B 2 59  ? -0.169  -8.181  -16.621 1.00 30.62 ? 221  LEU B N   1 
ATOM   1326 C CA  . LEU B 2 59  ? 0.325   -7.387  -17.731 1.00 29.49 ? 221  LEU B CA  1 
ATOM   1327 C C   . LEU B 2 59  ? 0.495   -5.905  -17.384 1.00 33.33 ? 221  LEU B C   1 
ATOM   1328 O O   . LEU B 2 59  ? -0.164  -5.376  -16.490 1.00 32.69 ? 221  LEU B O   1 
ATOM   1329 C CB  . LEU B 2 59  ? -0.584  -7.543  -18.957 1.00 33.97 ? 221  LEU B CB  1 
ATOM   1330 C CG  . LEU B 2 59  ? -0.969  -8.944  -19.443 1.00 33.38 ? 221  LEU B CG  1 
ATOM   1331 C CD1 . LEU B 2 59  ? -2.219  -9.435  -18.738 1.00 34.45 ? 221  LEU B CD1 1 
ATOM   1332 C CD2 . LEU B 2 59  ? -1.162  -8.971  -20.948 1.00 33.35 ? 221  LEU B CD2 1 
ATOM   1333 N N   . PHE B 2 60  ? 1.407   -5.243  -18.083 1.00 34.38 ? 222  PHE B N   1 
ATOM   1334 C CA  . PHE B 2 60  ? 1.458   -3.794  -18.053 1.00 35.55 ? 222  PHE B CA  1 
ATOM   1335 C C   . PHE B 2 60  ? 1.443   -3.301  -19.488 1.00 36.84 ? 222  PHE B C   1 
ATOM   1336 O O   . PHE B 2 60  ? 2.291   -3.703  -20.283 1.00 43.08 ? 222  PHE B O   1 
ATOM   1337 C CB  . PHE B 2 60  ? 2.712   -3.270  -17.340 1.00 33.85 ? 222  PHE B CB  1 
ATOM   1338 C CG  . PHE B 2 60  ? 2.718   -1.774  -17.168 1.00 28.04 ? 222  PHE B CG  1 
ATOM   1339 C CD1 . PHE B 2 60  ? 2.140   -1.192  -16.050 1.00 21.54 ? 222  PHE B CD1 1 
ATOM   1340 C CD2 . PHE B 2 60  ? 3.277   -0.950  -18.139 1.00 33.05 ? 222  PHE B CD2 1 
ATOM   1341 C CE1 . PHE B 2 60  ? 2.128   0.181   -15.892 1.00 29.40 ? 222  PHE B CE1 1 
ATOM   1342 C CE2 . PHE B 2 60  ? 3.276   0.429   -17.993 1.00 29.63 ? 222  PHE B CE2 1 
ATOM   1343 C CZ  . PHE B 2 60  ? 2.699   1.002   -16.867 1.00 32.83 ? 222  PHE B CZ  1 
ATOM   1344 N N   . ASP B 2 61  ? 0.475   -2.450  -19.819 1.00 36.42 ? 223  ASP B N   1 
ATOM   1345 C CA  . ASP B 2 61  ? 0.418   -1.860  -21.148 1.00 45.06 ? 223  ASP B CA  1 
ATOM   1346 C C   . ASP B 2 61  ? 0.337   -2.993  -22.188 1.00 44.28 ? 223  ASP B C   1 
ATOM   1347 O O   . ASP B 2 61  ? 1.015   -2.989  -23.216 1.00 46.95 ? 223  ASP B O   1 
ATOM   1348 C CB  . ASP B 2 61  ? 1.633   -0.926  -21.322 1.00 42.33 ? 223  ASP B CB  1 
ATOM   1349 C CG  . ASP B 2 61  ? 1.807   -0.432  -22.725 1.00 47.25 ? 223  ASP B CG  1 
ATOM   1350 O OD1 . ASP B 2 61  ? 0.940   0.324   -23.200 1.00 50.87 ? 223  ASP B OD1 1 
ATOM   1351 O OD2 . ASP B 2 61  ? 2.815   -0.817  -23.353 1.00 53.40 ? 223  ASP B OD2 1 
ATOM   1352 N N   . ASN B 2 62  ? -0.490  -3.987  -21.874 1.00 39.52 ? 224  ASN B N   1 
ATOM   1353 C CA  . ASN B 2 62  ? -0.770  -5.106  -22.775 1.00 38.13 ? 224  ASN B CA  1 
ATOM   1354 C C   . ASN B 2 62  ? 0.374   -6.066  -23.073 1.00 44.27 ? 224  ASN B C   1 
ATOM   1355 O O   . ASN B 2 62  ? 0.312   -6.811  -24.052 1.00 49.35 ? 224  ASN B O   1 
ATOM   1356 C CB  . ASN B 2 62  ? -1.376  -4.616  -24.089 1.00 46.09 ? 224  ASN B CB  1 
ATOM   1357 C CG  . ASN B 2 62  ? -2.864  -4.486  -24.011 1.00 48.29 ? 224  ASN B CG  1 
ATOM   1358 O OD1 . ASN B 2 62  ? -3.569  -5.487  -23.928 1.00 56.53 ? 224  ASN B OD1 1 
ATOM   1359 N ND2 . ASN B 2 62  ? -3.360  -3.251  -24.032 1.00 42.90 ? 224  ASN B ND2 1 
ATOM   1360 N N   . GLU B 2 63  ? 1.408   -6.052  -22.241 1.00 36.24 ? 225  GLU B N   1 
ATOM   1361 C CA  . GLU B 2 63  ? 2.473   -7.032  -22.365 1.00 42.17 ? 225  GLU B CA  1 
ATOM   1362 C C   . GLU B 2 63  ? 2.606   -7.816  -21.076 1.00 36.11 ? 225  GLU B C   1 
ATOM   1363 O O   . GLU B 2 63  ? 2.516   -7.255  -19.979 1.00 34.43 ? 225  GLU B O   1 
ATOM   1364 C CB  . GLU B 2 63  ? 3.803   -6.362  -22.710 1.00 48.72 ? 225  GLU B CB  1 
ATOM   1365 C CG  . GLU B 2 63  ? 3.831   -5.686  -24.063 1.00 54.70 ? 225  GLU B CG  1 
ATOM   1366 C CD  . GLU B 2 63  ? 5.182   -5.067  -24.370 1.00 59.82 ? 225  GLU B CD  1 
ATOM   1367 O OE1 . GLU B 2 63  ? 6.148   -5.340  -23.620 1.00 47.09 ? 225  GLU B OE1 1 
ATOM   1368 O OE2 . GLU B 2 63  ? 5.275   -4.307  -25.360 1.00 65.51 ? 225  GLU B OE2 1 
ATOM   1369 N N   . VAL B 2 64  ? 2.834   -9.116  -21.219 1.00 39.00 ? 226  VAL B N   1 
ATOM   1370 C CA  . VAL B 2 64  ? 2.924   -10.004 -20.071 1.00 32.69 ? 226  VAL B CA  1 
ATOM   1371 C C   . VAL B 2 64  ? 4.181   -9.710  -19.257 1.00 36.11 ? 226  VAL B C   1 
ATOM   1372 O O   . VAL B 2 64  ? 5.263   -9.571  -19.821 1.00 40.92 ? 226  VAL B O   1 
ATOM   1373 C CB  . VAL B 2 64  ? 2.901   -11.482 -20.512 1.00 32.72 ? 226  VAL B CB  1 
ATOM   1374 C CG1 . VAL B 2 64  ? 3.150   -12.410 -19.321 1.00 35.51 ? 226  VAL B CG1 1 
ATOM   1375 C CG2 . VAL B 2 64  ? 1.567   -11.804 -21.179 1.00 41.31 ? 226  VAL B CG2 1 
ATOM   1376 N N   . LEU B 2 65  ? 4.021   -9.594  -17.940 1.00 35.22 ? 227  LEU B N   1 
ATOM   1377 C CA  . LEU B 2 65  ? 5.134   -9.386  -17.021 1.00 30.51 ? 227  LEU B CA  1 
ATOM   1378 C C   . LEU B 2 65  ? 5.720   -10.738 -16.620 1.00 36.60 ? 227  LEU B C   1 
ATOM   1379 O O   . LEU B 2 65  ? 4.970   -11.669 -16.331 1.00 25.84 ? 227  LEU B O   1 
ATOM   1380 C CB  . LEU B 2 65  ? 4.650   -8.659  -15.756 1.00 31.12 ? 227  LEU B CB  1 
ATOM   1381 C CG  . LEU B 2 65  ? 4.543   -7.130  -15.702 1.00 28.07 ? 227  LEU B CG  1 
ATOM   1382 C CD1 . LEU B 2 65  ? 4.803   -6.486  -17.058 1.00 34.74 ? 227  LEU B CD1 1 
ATOM   1383 C CD2 . LEU B 2 65  ? 3.208   -6.682  -15.141 1.00 24.29 ? 227  LEU B CD2 1 
ATOM   1384 N N   . PRO B 2 66  ? 7.062   -10.846 -16.595 1.00 28.24 ? 228  PRO B N   1 
ATOM   1385 C CA  . PRO B 2 66  ? 7.780   -12.055 -16.160 1.00 32.49 ? 228  PRO B CA  1 
ATOM   1386 C C   . PRO B 2 66  ? 7.482   -12.422 -14.705 1.00 29.98 ? 228  PRO B C   1 
ATOM   1387 O O   . PRO B 2 66  ? 7.335   -11.524 -13.879 1.00 33.63 ? 228  PRO B O   1 
ATOM   1388 C CB  . PRO B 2 66  ? 9.262   -11.655 -16.294 1.00 31.84 ? 228  PRO B CB  1 
ATOM   1389 C CG  . PRO B 2 66  ? 9.262   -10.129 -16.354 1.00 31.23 ? 228  PRO B CG  1 
ATOM   1390 C CD  . PRO B 2 66  ? 7.981   -9.779  -17.039 1.00 35.71 ? 228  PRO B CD  1 
ATOM   1391 N N   . ASP B 2 67  ? 7.424   -13.714 -14.399 1.00 28.05 ? 229  ASP B N   1 
ATOM   1392 C CA  . ASP B 2 67  ? 7.092   -14.192 -13.056 1.00 31.28 ? 229  ASP B CA  1 
ATOM   1393 C C   . ASP B 2 67  ? 8.019   -13.717 -11.931 1.00 31.49 ? 229  ASP B C   1 
ATOM   1394 O O   . ASP B 2 67  ? 7.614   -13.665 -10.772 1.00 33.33 ? 229  ASP B O   1 
ATOM   1395 C CB  . ASP B 2 67  ? 7.051   -15.730 -13.044 1.00 35.36 ? 229  ASP B CB  1 
ATOM   1396 C CG  . ASP B 2 67  ? 5.746   -16.295 -13.579 1.00 34.60 ? 229  ASP B CG  1 
ATOM   1397 O OD1 . ASP B 2 67  ? 5.047   -15.584 -14.325 1.00 34.66 ? 229  ASP B OD1 1 
ATOM   1398 O OD2 . ASP B 2 67  ? 5.422   -17.461 -13.255 1.00 39.43 ? 229  ASP B OD2 1 
ATOM   1399 N N   . HIS B 2 68  ? 9.263   -13.394 -12.265 1.00 28.80 ? 230  HIS B N   1 
ATOM   1400 C CA  . HIS B 2 68  ? 10.280  -13.107 -11.252 1.00 33.77 ? 230  HIS B CA  1 
ATOM   1401 C C   . HIS B 2 68  ? 10.459  -11.609 -10.970 1.00 32.35 ? 230  HIS B C   1 
ATOM   1402 O O   . HIS B 2 68  ? 11.240  -11.211 -10.110 1.00 29.97 ? 230  HIS B O   1 
ATOM   1403 C CB  . HIS B 2 68  ? 11.627  -13.724 -11.664 1.00 31.31 ? 230  HIS B CB  1 
ATOM   1404 C CG  . HIS B 2 68  ? 11.625  -15.222 -11.684 1.00 41.63 ? 230  HIS B CG  1 
ATOM   1405 N ND1 . HIS B 2 68  ? 10.468  -15.970 -11.594 1.00 45.87 ? 230  HIS B ND1 1 
ATOM   1406 C CD2 . HIS B 2 68  ? 12.640  -16.112 -11.781 1.00 55.41 ? 230  HIS B CD2 1 
ATOM   1407 C CE1 . HIS B 2 68  ? 10.773  -17.254 -11.634 1.00 46.68 ? 230  HIS B CE1 1 
ATOM   1408 N NE2 . HIS B 2 68  ? 12.084  -17.369 -11.748 1.00 48.93 ? 230  HIS B NE2 1 
ATOM   1409 N N   . MET B 2 69  ? 9.730   -10.780 -11.694 1.00 28.10 ? 231  MET B N   1 
ATOM   1410 C CA  . MET B 2 69  ? 9.824   -9.336  -11.502 1.00 24.34 ? 231  MET B CA  1 
ATOM   1411 C C   . MET B 2 69  ? 9.104   -8.905  -10.231 1.00 24.09 ? 231  MET B C   1 
ATOM   1412 O O   . MET B 2 69  ? 8.034   -9.425  -9.901  1.00 22.70 ? 231  MET B O   1 
ATOM   1413 C CB  . MET B 2 69  ? 9.213   -8.631  -12.694 1.00 25.97 ? 231  MET B CB  1 
ATOM   1414 C CG  . MET B 2 69  ? 10.132  -7.691  -13.386 1.00 24.59 ? 231  MET B CG  1 
ATOM   1415 S SD  . MET B 2 69  ? 9.164   -6.711  -14.525 1.00 36.41 ? 231  MET B SD  1 
ATOM   1416 C CE  . MET B 2 69  ? 10.402  -5.493  -14.995 1.00 32.43 ? 231  MET B CE  1 
ATOM   1417 N N   . THR B 2 70  ? 9.684   -7.947  -9.521  1.00 20.31 ? 232  THR B N   1 
ATOM   1418 C CA  . THR B 2 70  ? 9.097   -7.477  -8.273  1.00 22.43 ? 232  THR B CA  1 
ATOM   1419 C C   . THR B 2 70  ? 8.217   -6.273  -8.554  1.00 19.77 ? 232  THR B C   1 
ATOM   1420 O O   . THR B 2 70  ? 8.367   -5.618  -9.581  1.00 14.82 ? 232  THR B O   1 
ATOM   1421 C CB  . THR B 2 70  ? 10.176  -7.043  -7.294  1.00 22.46 ? 232  THR B CB  1 
ATOM   1422 O OG1 . THR B 2 70  ? 10.863  -5.909  -7.838  1.00 19.60 ? 232  THR B OG1 1 
ATOM   1423 C CG2 . THR B 2 70  ? 11.152  -8.185  -7.063  1.00 25.50 ? 232  THR B CG2 1 
ATOM   1424 N N   . MET B 2 71  ? 7.299   -5.978  -7.643  1.00 17.11 ? 233  MET B N   1 
ATOM   1425 C CA  . MET B 2 71  ? 6.415   -4.844  -7.846  1.00 21.28 ? 233  MET B CA  1 
ATOM   1426 C C   . MET B 2 71  ? 7.229   -3.540  -7.882  1.00 13.22 ? 233  MET B C   1 
ATOM   1427 O O   . MET B 2 71  ? 6.920   -2.629  -8.644  1.00 12.87 ? 233  MET B O   1 
ATOM   1428 C CB  . MET B 2 71  ? 5.314   -4.827  -6.776  1.00 18.68 ? 233  MET B CB  1 
ATOM   1429 C CG  . MET B 2 71  ? 4.370   -6.083  -6.814  1.00 15.78 ? 233  MET B CG  1 
ATOM   1430 S SD  . MET B 2 71  ? 3.494   -6.133  -8.392  1.00 22.62 ? 233  MET B SD  1 
ATOM   1431 C CE  . MET B 2 71  ? 4.145   -7.657  -9.066  1.00 19.84 ? 233  MET B CE  1 
ATOM   1432 N N   . LYS B 2 72  ? 8.294   -3.488  -7.096  1.00 23.05 ? 234  LYS B N   1 
ATOM   1433 C CA  . LYS B 2 72  ? 9.160   -2.309  -7.066  1.00 20.57 ? 234  LYS B CA  1 
ATOM   1434 C C   . LYS B 2 72  ? 9.841   -2.055  -8.413  1.00 17.44 ? 234  LYS B C   1 
ATOM   1435 O O   . LYS B 2 72  ? 9.965   -0.911  -8.857  1.00 18.06 ? 234  LYS B O   1 
ATOM   1436 C CB  . LYS B 2 72  ? 10.206  -2.468  -5.971  1.00 24.90 ? 234  LYS B CB  1 
ATOM   1437 C CG  . LYS B 2 72  ? 10.971  -1.192  -5.655  1.00 30.81 ? 234  LYS B CG  1 
ATOM   1438 C CD  . LYS B 2 72  ? 11.871  -1.407  -4.441  1.00 27.96 ? 234  LYS B CD  1 
ATOM   1439 C CE  . LYS B 2 72  ? 12.756  -0.213  -4.189  1.00 33.10 ? 234  LYS B CE  1 
ATOM   1440 N NZ  . LYS B 2 72  ? 12.467  0.395   -2.873  1.00 35.19 ? 234  LYS B NZ  1 
ATOM   1441 N N   . GLN B 2 73  ? 10.291  -3.111  -9.071  1.00 15.81 ? 235  GLN B N   1 
ATOM   1442 C CA  . GLN B 2 73  ? 10.885  -2.944  -10.394 1.00 14.50 ? 235  GLN B CA  1 
ATOM   1443 C C   . GLN B 2 73  ? 9.921   -2.369  -11.389 1.00 19.35 ? 235  GLN B C   1 
ATOM   1444 O O   . GLN B 2 73  ? 10.260  -1.428  -12.113 1.00 20.18 ? 235  GLN B O   1 
ATOM   1445 C CB  . GLN B 2 73  ? 11.367  -4.278  -10.928 1.00 13.93 ? 235  GLN B CB  1 
ATOM   1446 C CG  . GLN B 2 73  ? 12.627  -4.758  -10.294 1.00 18.17 ? 235  GLN B CG  1 
ATOM   1447 C CD  . GLN B 2 73  ? 12.957  -6.135  -10.774 1.00 16.90 ? 235  GLN B CD  1 
ATOM   1448 O OE1 . GLN B 2 73  ? 12.576  -7.135  -10.158 1.00 27.98 ? 235  GLN B OE1 1 
ATOM   1449 N NE2 . GLN B 2 73  ? 13.633  -6.205  -11.911 1.00 19.52 ? 235  GLN B NE2 1 
ATOM   1450 N N   . ILE B 2 74  ? 8.729   -2.964  -11.455 1.00 16.88 ? 236  ILE B N   1 
ATOM   1451 C CA  . ILE B 2 74  ? 7.701   -2.469  -12.339 1.00 18.29 ? 236  ILE B CA  1 
ATOM   1452 C C   . ILE B 2 74  ? 7.490   -0.983  -12.076 1.00 17.91 ? 236  ILE B C   1 
ATOM   1453 O O   . ILE B 2 74  ? 7.419   -0.188  -13.022 1.00 23.03 ? 236  ILE B O   1 
ATOM   1454 C CB  . ILE B 2 74  ? 6.352   -3.233  -12.164 1.00 17.18 ? 236  ILE B CB  1 
ATOM   1455 C CG1 . ILE B 2 74  ? 6.543   -4.734  -12.400 1.00 20.39 ? 236  ILE B CG1 1 
ATOM   1456 C CG2 . ILE B 2 74  ? 5.299   -2.660  -13.102 1.00 20.86 ? 236  ILE B CG2 1 
ATOM   1457 C CD1 . ILE B 2 74  ? 5.385   -5.568  -11.909 1.00 20.37 ? 236  ILE B CD1 1 
ATOM   1458 N N   . TRP B 2 75  ? 7.411   -0.593  -10.802 1.00 15.03 ? 237  TRP B N   1 
ATOM   1459 C CA  . TRP B 2 75  ? 7.181   0.827   -10.474 1.00 19.91 ? 237  TRP B CA  1 
ATOM   1460 C C   . TRP B 2 75  ? 8.287   1.709   -11.048 1.00 20.12 ? 237  TRP B C   1 
ATOM   1461 O O   . TRP B 2 75  ? 8.019   2.635   -11.808 1.00 22.74 ? 237  TRP B O   1 
ATOM   1462 C CB  . TRP B 2 75  ? 7.097   1.040   -8.953  1.00 15.61 ? 237  TRP B CB  1 
ATOM   1463 C CG  . TRP B 2 75  ? 6.433   2.367   -8.541  1.00 16.90 ? 237  TRP B CG  1 
ATOM   1464 C CD1 . TRP B 2 75  ? 6.936   3.623   -8.710  1.00 19.69 ? 237  TRP B CD1 1 
ATOM   1465 C CD2 . TRP B 2 75  ? 5.177   2.530   -7.852  1.00 15.00 ? 237  TRP B CD2 1 
ATOM   1466 N NE1 . TRP B 2 75  ? 6.060   4.557   -8.198  1.00 19.94 ? 237  TRP B NE1 1 
ATOM   1467 C CE2 . TRP B 2 75  ? 4.974   3.911   -7.662  1.00 18.90 ? 237  TRP B CE2 1 
ATOM   1468 C CE3 . TRP B 2 75  ? 4.198   1.640   -7.398  1.00 21.43 ? 237  TRP B CE3 1 
ATOM   1469 C CZ2 . TRP B 2 75  ? 3.826   4.429   -7.035  1.00 15.19 ? 237  TRP B CZ2 1 
ATOM   1470 C CZ3 . TRP B 2 75  ? 3.049   2.156   -6.779  1.00 16.06 ? 237  TRP B CZ3 1 
ATOM   1471 C CH2 . TRP B 2 75  ? 2.886   3.534   -6.594  1.00 15.65 ? 237  TRP B CH2 1 
ATOM   1472 N N   . LEU B 2 76  ? 9.532   1.407   -10.677 1.00 20.85 ? 238  LEU B N   1 
ATOM   1473 C CA  . LEU B 2 76  ? 10.686  2.205   -11.095 1.00 15.91 ? 238  LEU B CA  1 
ATOM   1474 C C   . LEU B 2 76  ? 10.900  2.221   -12.608 1.00 15.15 ? 238  LEU B C   1 
ATOM   1475 O O   . LEU B 2 76  ? 11.395  3.197   -13.166 1.00 17.77 ? 238  LEU B O   1 
ATOM   1476 C CB  . LEU B 2 76  ? 11.949  1.691   -10.398 1.00 19.86 ? 238  LEU B CB  1 
ATOM   1477 C CG  . LEU B 2 76  ? 11.937  1.739   -8.873  1.00 19.50 ? 238  LEU B CG  1 
ATOM   1478 C CD1 . LEU B 2 76  ? 13.201  1.105   -8.331  1.00 29.24 ? 238  LEU B CD1 1 
ATOM   1479 C CD2 . LEU B 2 76  ? 11.797  3.162   -8.380  1.00 22.11 ? 238  LEU B CD2 1 
ATOM   1480 N N   . SER B 2 77  ? 10.530  1.136   -13.271 1.00 20.77 ? 239  SER B N   1 
ATOM   1481 C CA  . SER B 2 77  ? 10.781  1.010   -14.704 1.00 25.07 ? 239  SER B CA  1 
ATOM   1482 C C   . SER B 2 77  ? 9.664   1.545   -15.589 1.00 27.35 ? 239  SER B C   1 
ATOM   1483 O O   . SER B 2 77  ? 9.921   1.987   -16.711 1.00 30.63 ? 239  SER B O   1 
ATOM   1484 C CB  . SER B 2 77  ? 11.097  -0.442  -15.072 1.00 27.78 ? 239  SER B CB  1 
ATOM   1485 O OG  . SER B 2 77  ? 10.178  -1.352  -14.484 1.00 32.64 ? 239  SER B OG  1 
ATOM   1486 N N   . ARG B 2 78  ? 8.427   1.517   -15.100 1.00 25.96 ? 240  ARG B N   1 
ATOM   1487 C CA  . ARG B 2 78  ? 7.303   1.940   -15.934 1.00 22.65 ? 240  ARG B CA  1 
ATOM   1488 C C   . ARG B 2 78  ? 6.411   2.989   -15.285 1.00 22.48 ? 240  ARG B C   1 
ATOM   1489 O O   . ARG B 2 78  ? 5.643   3.665   -15.967 1.00 30.72 ? 240  ARG B O   1 
ATOM   1490 C CB  . ARG B 2 78  ? 6.459   0.724   -16.341 1.00 28.23 ? 240  ARG B CB  1 
ATOM   1491 C CG  . ARG B 2 78  ? 7.196   -0.304  -17.183 1.00 30.27 ? 240  ARG B CG  1 
ATOM   1492 C CD  . ARG B 2 78  ? 6.402   -1.595  -17.206 1.00 39.29 ? 240  ARG B CD  1 
ATOM   1493 N NE  . ARG B 2 78  ? 6.907   -2.562  -18.175 1.00 44.21 ? 240  ARG B NE  1 
ATOM   1494 C CZ  . ARG B 2 78  ? 7.904   -3.403  -17.931 1.00 43.13 ? 240  ARG B CZ  1 
ATOM   1495 N NH1 . ARG B 2 78  ? 8.510   -3.388  -16.751 1.00 41.18 ? 240  ARG B NH1 1 
ATOM   1496 N NH2 . ARG B 2 78  ? 8.300   -4.256  -18.864 1.00 49.67 ? 240  ARG B NH2 1 
ATOM   1497 N N   . TRP B 2 79  ? 6.513   3.135   -13.971 1.00 22.58 ? 241  TRP B N   1 
ATOM   1498 C CA  . TRP B 2 79  ? 5.615   4.033   -13.258 1.00 21.08 ? 241  TRP B CA  1 
ATOM   1499 C C   . TRP B 2 79  ? 6.327   5.182   -12.547 1.00 20.43 ? 241  TRP B C   1 
ATOM   1500 O O   . TRP B 2 79  ? 5.712   5.930   -11.785 1.00 20.03 ? 241  TRP B O   1 
ATOM   1501 C CB  . TRP B 2 79  ? 4.779   3.240   -12.249 1.00 17.30 ? 241  TRP B CB  1 
ATOM   1502 C CG  . TRP B 2 79  ? 3.405   3.821   -12.050 1.00 20.07 ? 241  TRP B CG  1 
ATOM   1503 C CD1 . TRP B 2 79  ? 2.941   4.493   -10.953 1.00 16.28 ? 241  TRP B CD1 1 
ATOM   1504 C CD2 . TRP B 2 79  ? 2.323   3.786   -12.991 1.00 18.30 ? 241  TRP B CD2 1 
ATOM   1505 N NE1 . TRP B 2 79  ? 1.631   4.874   -11.155 1.00 19.32 ? 241  TRP B NE1 1 
ATOM   1506 C CE2 . TRP B 2 79  ? 1.230   4.458   -12.397 1.00 20.94 ? 241  TRP B CE2 1 
ATOM   1507 C CE3 . TRP B 2 79  ? 2.171   3.248   -14.271 1.00 20.96 ? 241  TRP B CE3 1 
ATOM   1508 C CZ2 . TRP B 2 79  ? -0.016  4.597   -13.050 1.00 18.10 ? 241  TRP B CZ2 1 
ATOM   1509 C CZ3 . TRP B 2 79  ? 0.947   3.397   -14.919 1.00 27.48 ? 241  TRP B CZ3 1 
ATOM   1510 C CH2 . TRP B 2 79  ? -0.131  4.064   -14.306 1.00 17.22 ? 241  TRP B CH2 1 
ATOM   1511 N N   . PHE B 2 80  ? 7.624   5.337   -12.791 1.00 21.19 ? 242  PHE B N   1 
ATOM   1512 C CA  . PHE B 2 80  ? 8.369   6.359   -12.074 1.00 15.63 ? 242  PHE B CA  1 
ATOM   1513 C C   . PHE B 2 80  ? 7.833   7.754   -12.368 1.00 14.23 ? 242  PHE B C   1 
ATOM   1514 O O   . PHE B 2 80  ? 7.642   8.137   -13.533 1.00 22.84 ? 242  PHE B O   1 
ATOM   1515 C CB  . PHE B 2 80  ? 9.862   6.277   -12.393 1.00 19.61 ? 242  PHE B CB  1 
ATOM   1516 C CG  . PHE B 2 80  ? 10.720  7.146   -11.510 1.00 18.37 ? 242  PHE B CG  1 
ATOM   1517 C CD1 . PHE B 2 80  ? 10.914  8.483   -11.812 1.00 17.46 ? 242  PHE B CD1 1 
ATOM   1518 C CD2 . PHE B 2 80  ? 11.335  6.629   -10.380 1.00 15.05 ? 242  PHE B CD2 1 
ATOM   1519 C CE1 . PHE B 2 80  ? 11.719  9.305   -11.000 1.00 14.72 ? 242  PHE B CE1 1 
ATOM   1520 C CE2 . PHE B 2 80  ? 12.161  7.447   -9.562  1.00 16.08 ? 242  PHE B CE2 1 
ATOM   1521 C CZ  . PHE B 2 80  ? 12.343  8.776   -9.881  1.00 18.19 ? 242  PHE B CZ  1 
ATOM   1522 N N   . GLY B 2 81  ? 7.591   8.523   -11.309 1.00 11.89 ? 243  GLY B N   1 
ATOM   1523 C CA  . GLY B 2 81  ? 7.041   9.860   -11.465 1.00 17.18 ? 243  GLY B CA  1 
ATOM   1524 C C   . GLY B 2 81  ? 5.564   9.889   -11.829 1.00 18.17 ? 243  GLY B C   1 
ATOM   1525 O O   . GLY B 2 81  ? 5.012   10.954  -12.112 1.00 21.61 ? 243  GLY B O   1 
ATOM   1526 N N   . LYS B 2 82  ? 4.917   8.727   -11.838 1.00 19.28 ? 244  LYS B N   1 
ATOM   1527 C CA  . LYS B 2 82  ? 3.460   8.661   -12.046 1.00 23.41 ? 244  LYS B CA  1 
ATOM   1528 C C   . LYS B 2 82  ? 2.735   8.539   -10.697 1.00 20.48 ? 244  LYS B C   1 
ATOM   1529 O O   . LYS B 2 82  ? 3.281   7.964   -9.748  1.00 22.44 ? 244  LYS B O   1 
ATOM   1530 C CB  . LYS B 2 82  ? 3.084   7.490   -12.965 1.00 22.88 ? 244  LYS B CB  1 
ATOM   1531 C CG  . LYS B 2 82  ? 3.128   7.810   -14.470 1.00 26.75 ? 244  LYS B CG  1 
ATOM   1532 C CD  . LYS B 2 82  ? 4.278   7.064   -15.168 1.00 31.83 ? 244  LYS B CD  1 
ATOM   1533 C CE  . LYS B 2 82  ? 4.008   6.849   -16.669 1.00 35.23 ? 244  LYS B CE  1 
ATOM   1534 N NZ  . LYS B 2 82  ? 3.543   5.463   -16.986 1.00 27.85 ? 244  LYS B NZ  1 
ATOM   1535 N N   . PRO B 2 83  ? 1.515   9.094   -10.602 1.00 19.78 ? 245  PRO B N   1 
ATOM   1536 C CA  . PRO B 2 83  ? 0.800   9.077   -9.320  1.00 16.76 ? 245  PRO B CA  1 
ATOM   1537 C C   . PRO B 2 83  ? 0.413   7.670   -8.881  1.00 17.08 ? 245  PRO B C   1 
ATOM   1538 O O   . PRO B 2 83  ? 0.030   6.822   -9.702  1.00 17.33 ? 245  PRO B O   1 
ATOM   1539 C CB  . PRO B 2 83  ? -0.473  9.898   -9.599  1.00 20.09 ? 245  PRO B CB  1 
ATOM   1540 C CG  . PRO B 2 83  ? -0.637  9.871   -11.084 1.00 23.26 ? 245  PRO B CG  1 
ATOM   1541 C CD  . PRO B 2 83  ? 0.753   9.782   -11.658 1.00 18.68 ? 245  PRO B CD  1 
ATOM   1542 N N   . SER B 2 84  ? 0.499   7.430   -7.579  1.00 14.34 ? 246  SER B N   1 
ATOM   1543 C CA  . SER B 2 84  ? 0.076   6.150   -7.022  1.00 13.16 ? 246  SER B CA  1 
ATOM   1544 C C   . SER B 2 84  ? -1.446  6.051   -7.189  1.00 15.61 ? 246  SER B C   1 
ATOM   1545 O O   . SER B 2 84  ? -2.136  7.052   -7.073  1.00 14.31 ? 246  SER B O   1 
ATOM   1546 C CB  . SER B 2 84  ? 0.439   6.079   -5.547  1.00 11.51 ? 246  SER B CB  1 
ATOM   1547 O OG  . SER B 2 84  ? 0.074   4.820   -5.000  1.00 21.82 ? 246  SER B OG  1 
ATOM   1548 N N   . PRO B 2 85  ? -1.977  4.843   -7.424  1.00 12.96 ? 247  PRO B N   1 
ATOM   1549 C CA  . PRO B 2 85  ? -1.361  3.518   -7.425  1.00 12.58 ? 247  PRO B CA  1 
ATOM   1550 C C   . PRO B 2 85  ? -0.846  3.106   -8.793  1.00 13.53 ? 247  PRO B C   1 
ATOM   1551 O O   . PRO B 2 85  ? -1.293  3.639   -9.804  1.00 11.47 ? 247  PRO B O   1 
ATOM   1552 C CB  . PRO B 2 85  ? -2.556  2.608   -7.070  1.00 15.35 ? 247  PRO B CB  1 
ATOM   1553 C CG  . PRO B 2 85  ? -3.707  3.297   -7.767  1.00 13.80 ? 247  PRO B CG  1 
ATOM   1554 C CD  . PRO B 2 85  ? -3.448  4.765   -7.579  1.00 15.55 ? 247  PRO B CD  1 
ATOM   1555 N N   . LEU B 2 86  ? 0.068   2.143   -8.812  1.00 10.71 ? 248  LEU B N   1 
ATOM   1556 C CA  . LEU B 2 86  ? 0.523   1.490   -10.040 1.00 15.38 ? 248  LEU B CA  1 
ATOM   1557 C C   . LEU B 2 86  ? -0.576  0.657   -10.689 1.00 18.30 ? 248  LEU B C   1 
ATOM   1558 O O   . LEU B 2 86  ? -1.185  -0.203  -10.043 1.00 15.95 ? 248  LEU B O   1 
ATOM   1559 C CB  . LEU B 2 86  ? 1.710   0.573   -9.732  1.00 12.65 ? 248  LEU B CB  1 
ATOM   1560 C CG  . LEU B 2 86  ? 2.161   -0.416  -10.815 1.00 17.48 ? 248  LEU B CG  1 
ATOM   1561 C CD1 . LEU B 2 86  ? 2.485   0.291   -12.116 1.00 15.68 ? 248  LEU B CD1 1 
ATOM   1562 C CD2 . LEU B 2 86  ? 3.355   -1.280  -10.354 1.00 15.99 ? 248  LEU B CD2 1 
ATOM   1563 N N   . LEU B 2 87  ? -0.809  0.902   -11.978 1.00 23.95 ? 249  LEU B N   1 
ATOM   1564 C CA  . LEU B 2 87  ? -1.896  0.251   -12.714 1.00 24.16 ? 249  LEU B CA  1 
ATOM   1565 C C   . LEU B 2 87  ? -1.400  -0.950  -13.489 1.00 26.00 ? 249  LEU B C   1 
ATOM   1566 O O   . LEU B 2 87  ? -0.557  -0.815  -14.376 1.00 20.71 ? 249  LEU B O   1 
ATOM   1567 C CB  . LEU B 2 87  ? -2.551  1.215   -13.703 1.00 23.37 ? 249  LEU B CB  1 
ATOM   1568 C CG  . LEU B 2 87  ? -3.399  2.345   -13.147 1.00 27.98 ? 249  LEU B CG  1 
ATOM   1569 C CD1 . LEU B 2 87  ? -4.058  3.074   -14.306 1.00 33.10 ? 249  LEU B CD1 1 
ATOM   1570 C CD2 . LEU B 2 87  ? -4.448  1.751   -12.221 1.00 29.95 ? 249  LEU B CD2 1 
ATOM   1571 N N   . LEU B 2 88  ? -1.939  -2.117  -13.151 1.00 20.93 ? 250  LEU B N   1 
ATOM   1572 C CA  . LEU B 2 88  ? -1.599  -3.363  -13.812 1.00 20.48 ? 250  LEU B CA  1 
ATOM   1573 C C   . LEU B 2 88  ? -2.872  -3.953  -14.389 1.00 28.42 ? 250  LEU B C   1 
ATOM   1574 O O   . LEU B 2 88  ? -3.961  -3.641  -13.921 1.00 25.65 ? 250  LEU B O   1 
ATOM   1575 C CB  . LEU B 2 88  ? -1.044  -4.353  -12.795 1.00 19.16 ? 250  LEU B CB  1 
ATOM   1576 C CG  . LEU B 2 88  ? 0.264   -3.955  -12.107 1.00 25.38 ? 250  LEU B CG  1 
ATOM   1577 C CD1 . LEU B 2 88  ? 0.622   -4.963  -11.035 1.00 20.22 ? 250  LEU B CD1 1 
ATOM   1578 C CD2 . LEU B 2 88  ? 1.383   -3.813  -13.125 1.00 20.62 ? 250  LEU B CD2 1 
ATOM   1579 N N   . GLN B 2 89  ? -2.751  -4.818  -15.387 1.00 28.84 ? 251  GLN B N   1 
ATOM   1580 C CA  . GLN B 2 89  ? -3.926  -5.556  -15.836 1.00 36.43 ? 251  GLN B CA  1 
ATOM   1581 C C   . GLN B 2 89  ? -3.703  -7.059  -15.745 1.00 36.21 ? 251  GLN B C   1 
ATOM   1582 O O   . GLN B 2 89  ? -2.562  -7.514  -15.722 1.00 38.02 ? 251  GLN B O   1 
ATOM   1583 C CB  . GLN B 2 89  ? -4.341  -5.142  -17.249 1.00 35.33 ? 251  GLN B CB  1 
ATOM   1584 C CG  . GLN B 2 89  ? -3.328  -5.463  -18.321 1.00 39.97 ? 251  GLN B CG  1 
ATOM   1585 C CD  . GLN B 2 89  ? -2.733  -4.222  -18.939 1.00 38.55 ? 251  GLN B CD  1 
ATOM   1586 O OE1 . GLN B 2 89  ? -1.862  -4.302  -19.802 1.00 43.02 ? 251  GLN B OE1 1 
ATOM   1587 N NE2 . GLN B 2 89  ? -3.199  -3.062  -18.500 1.00 40.31 ? 251  GLN B NE2 1 
ATOM   1588 N N   . TYR B 2 90  ? -4.798  -7.816  -15.665 1.00 34.57 ? 252  TYR B N   1 
ATOM   1589 C CA  . TYR B 2 90  ? -4.746  -9.277  -15.600 1.00 37.79 ? 252  TYR B CA  1 
ATOM   1590 C C   . TYR B 2 90  ? -5.722  -9.891  -16.598 1.00 38.75 ? 252  TYR B C   1 
ATOM   1591 O O   . TYR B 2 90  ? -6.766  -9.303  -16.894 1.00 41.62 ? 252  TYR B O   1 
ATOM   1592 C CB  . TYR B 2 90  ? -5.088  -9.779  -14.193 1.00 32.58 ? 252  TYR B CB  1 
ATOM   1593 C CG  . TYR B 2 90  ? -6.537  -9.557  -13.796 1.00 38.94 ? 252  TYR B CG  1 
ATOM   1594 C CD1 . TYR B 2 90  ? -6.940  -8.371  -13.210 1.00 37.20 ? 252  TYR B CD1 1 
ATOM   1595 C CD2 . TYR B 2 90  ? -7.497  -10.540 -14.008 1.00 43.69 ? 252  TYR B CD2 1 
ATOM   1596 C CE1 . TYR B 2 90  ? -8.249  -8.165  -12.849 1.00 45.02 ? 252  TYR B CE1 1 
ATOM   1597 C CE2 . TYR B 2 90  ? -8.813  -10.342 -13.651 1.00 44.71 ? 252  TYR B CE2 1 
ATOM   1598 C CZ  . TYR B 2 90  ? -9.182  -9.156  -13.070 1.00 43.46 ? 252  TYR B CZ  1 
ATOM   1599 O OH  . TYR B 2 90  ? -10.488 -8.950  -12.707 1.00 53.48 ? 252  TYR B OH  1 
ATOM   1600 N N   . SER B 2 91  ? -5.376  -11.072 -17.102 1.00 38.53 ? 253  SER B N   1 
ATOM   1601 C CA  . SER B 2 91  ? -6.252  -11.842 -17.980 1.00 45.25 ? 253  SER B CA  1 
ATOM   1602 C C   . SER B 2 91  ? -6.511  -13.198 -17.342 1.00 45.84 ? 253  SER B C   1 
ATOM   1603 O O   . SER B 2 91  ? -5.650  -13.724 -16.635 1.00 47.57 ? 253  SER B O   1 
ATOM   1604 C CB  . SER B 2 91  ? -5.594  -12.046 -19.343 1.00 48.25 ? 253  SER B CB  1 
ATOM   1605 O OG  . SER B 2 91  ? -4.463  -12.895 -19.238 1.00 48.05 ? 253  SER B OG  1 
ATOM   1606 N N   . VAL B 2 92  ? -7.690  -13.767 -17.587 1.00 52.33 ? 254  VAL B N   1 
ATOM   1607 C CA  . VAL B 2 92  ? -8.008  -15.095 -17.057 1.00 46.90 ? 254  VAL B CA  1 
ATOM   1608 C C   . VAL B 2 92  ? -8.016  -16.171 -18.136 1.00 40.79 ? 254  VAL B C   1 
ATOM   1609 O O   . VAL B 2 92  ? -8.992  -16.326 -18.859 1.00 46.63 ? 254  VAL B O   1 
ATOM   1610 C CB  . VAL B 2 92  ? -9.353  -15.120 -16.317 1.00 45.42 ? 254  VAL B CB  1 
ATOM   1611 C CG1 . VAL B 2 92  ? -9.498  -16.419 -15.555 1.00 52.14 ? 254  VAL B CG1 1 
ATOM   1612 C CG2 . VAL B 2 92  ? -9.461  -13.941 -15.367 1.00 50.05 ? 254  VAL B CG2 1 
HETATM 1613 O O   . HOH C 3 .   ? -17.198 7.373   12.435  0.50 13.24 ? 1801 HOH A O   1 
HETATM 1614 O O   . HOH C 3 .   ? -9.935  -0.380  2.474   1.00 17.57 ? 1802 HOH A O   1 
HETATM 1615 O O   . HOH C 3 .   ? -2.617  13.290  11.137  1.00 13.13 ? 1803 HOH A O   1 
HETATM 1616 O O   . HOH C 3 .   ? -6.356  2.345   3.145   1.00 15.13 ? 1804 HOH A O   1 
HETATM 1617 O O   . HOH C 3 .   ? -2.183  7.916   5.234   1.00 17.45 ? 1805 HOH A O   1 
HETATM 1618 O O   . HOH C 3 .   ? -10.953 14.865  15.322  1.00 19.47 ? 1806 HOH A O   1 
HETATM 1619 O O   . HOH C 3 .   ? -5.118  0.175   4.317   1.00 14.35 ? 1807 HOH A O   1 
HETATM 1620 O O   . HOH C 3 .   ? 0.800   10.905  -0.165  1.00 16.50 ? 1808 HOH A O   1 
HETATM 1621 O O   . HOH C 3 .   ? -12.015 14.358  19.212  1.00 23.00 ? 1809 HOH A O   1 
HETATM 1622 O O   . HOH C 3 .   ? -15.661 5.035   5.172   0.50 18.42 ? 1810 HOH A O   1 
HETATM 1623 O O   . HOH C 3 .   ? -9.110  14.305  8.786   1.00 17.54 ? 1811 HOH A O   1 
HETATM 1624 O O   . HOH C 3 .   ? 10.036  13.011  -4.483  1.00 21.53 ? 1812 HOH A O   1 
HETATM 1625 O O   . HOH C 3 .   ? 5.707   1.794   3.022   1.00 18.62 ? 1813 HOH A O   1 
HETATM 1626 O O   . HOH C 3 .   ? -17.709 8.149   14.847  0.50 24.84 ? 1814 HOH A O   1 
HETATM 1627 O O   . HOH C 3 .   ? 3.633   5.237   -3.440  1.00 24.17 ? 1815 HOH A O   1 
HETATM 1628 O O   . HOH C 3 .   ? 7.442   6.502   2.618   1.00 18.26 ? 1816 HOH A O   1 
HETATM 1629 O O   . HOH C 3 .   ? -16.288 8.950   3.857   1.00 25.71 ? 1817 HOH A O   1 
HETATM 1630 O O   . HOH C 3 .   ? -16.794 10.850  15.748  1.00 25.47 ? 1818 HOH A O   1 
HETATM 1631 O O   . HOH C 3 .   ? 12.949  6.612   6.359   1.00 31.41 ? 1819 HOH A O   1 
HETATM 1632 O O   . HOH C 3 .   ? -5.217  13.829  5.738   1.00 22.33 ? 1820 HOH A O   1 
HETATM 1633 O O   . HOH C 3 .   ? -13.360 -3.667  0.110   1.00 24.95 ? 1821 HOH A O   1 
HETATM 1634 O O   . HOH C 3 .   ? 4.806   8.706   -6.520  1.00 22.84 ? 1822 HOH A O   1 
HETATM 1635 O O   . HOH C 3 .   ? -12.135 13.794  13.081  1.00 17.30 ? 1823 HOH A O   1 
HETATM 1636 O O   . HOH C 3 .   ? 3.247   -8.634  -0.403  1.00 23.53 ? 1824 HOH A O   1 
HETATM 1637 O O   . HOH C 3 .   ? 17.055  20.930  5.312   1.00 30.81 ? 1825 HOH A O   1 
HETATM 1638 O O   . HOH C 3 .   ? -8.639  2.062   2.002   1.00 21.83 ? 1826 HOH A O   1 
HETATM 1639 O O   . HOH C 3 .   ? -0.607  -6.230  12.133  1.00 35.39 ? 1827 HOH A O   1 
HETATM 1640 O O   . HOH C 3 .   ? -1.763  9.448   -6.150  1.00 19.61 ? 1828 HOH A O   1 
HETATM 1641 O O   . HOH C 3 .   ? 10.788  4.269   14.553  1.00 27.31 ? 1829 HOH A O   1 
HETATM 1642 O O   . HOH C 3 .   ? 0.614   21.409  5.133   1.00 34.87 ? 1830 HOH A O   1 
HETATM 1643 O O   . HOH C 3 .   ? -6.076  -1.463  20.487  1.00 20.41 ? 1831 HOH A O   1 
HETATM 1644 O O   . HOH C 3 .   ? -4.112  6.739   21.890  1.00 32.45 ? 1832 HOH A O   1 
HETATM 1645 O O   . HOH C 3 .   ? -0.621  -6.149  4.480   1.00 18.37 ? 1833 HOH A O   1 
HETATM 1646 O O   . HOH C 3 .   ? 11.258  10.485  -4.185  1.00 18.54 ? 1834 HOH A O   1 
HETATM 1647 O O   . HOH C 3 .   ? -11.374 10.109  2.388   1.00 27.14 ? 1835 HOH A O   1 
HETATM 1648 O O   . HOH C 3 .   ? -7.891  -2.793  18.638  1.00 37.98 ? 1836 HOH A O   1 
HETATM 1649 O O   . HOH C 3 .   ? 1.594   3.995   0.041   1.00 19.76 ? 1837 HOH A O   1 
HETATM 1650 O O   . HOH C 3 .   ? -3.523  16.020  4.416   1.00 27.94 ? 1838 HOH A O   1 
HETATM 1651 O O   . HOH C 3 .   ? -4.941  5.339   20.065  1.00 23.13 ? 1839 HOH A O   1 
HETATM 1652 O O   . HOH C 3 .   ? 10.071  6.975   3.125   1.00 18.88 ? 1840 HOH A O   1 
HETATM 1653 O O   . HOH C 3 .   ? 6.375   -1.135  12.960  1.00 30.76 ? 1841 HOH A O   1 
HETATM 1654 O O   . HOH C 3 .   ? -8.895  9.913   3.752   1.00 24.14 ? 1842 HOH A O   1 
HETATM 1655 O O   . HOH C 3 .   ? 14.835  15.669  12.537  1.00 35.95 ? 1843 HOH A O   1 
HETATM 1656 O O   . HOH C 3 .   ? -9.190  -10.166 5.947   1.00 25.22 ? 1844 HOH A O   1 
HETATM 1657 O O   . HOH C 3 .   ? -6.856  -10.768 6.922   1.00 27.72 ? 1845 HOH A O   1 
HETATM 1658 O O   . HOH C 3 .   ? 9.995   12.214  -10.688 1.00 21.46 ? 1846 HOH A O   1 
HETATM 1659 O O   . HOH C 3 .   ? -6.997  5.543   24.540  1.00 36.91 ? 1847 HOH A O   1 
HETATM 1660 O O   . HOH C 3 .   ? 16.978  4.398   8.674   1.00 33.28 ? 1848 HOH A O   1 
HETATM 1661 O O   . HOH C 3 .   ? -6.427  -25.446 -1.234  1.00 43.21 ? 1849 HOH A O   1 
HETATM 1662 O O   . HOH C 3 .   ? -1.920  11.685  2.835   1.00 20.82 ? 1850 HOH A O   1 
HETATM 1663 O O   . HOH C 3 .   ? -9.993  -3.703  13.267  1.00 21.43 ? 1851 HOH A O   1 
HETATM 1664 O O   . HOH C 3 .   ? -2.766  7.111   -2.594  1.00 36.48 ? 1852 HOH A O   1 
HETATM 1665 O O   . HOH C 3 .   ? -13.055 -10.126 3.763   1.00 38.83 ? 1853 HOH A O   1 
HETATM 1666 O O   . HOH C 3 .   ? -11.039 13.978  1.002   1.00 43.99 ? 1854 HOH A O   1 
HETATM 1667 O O   . HOH C 3 .   ? 16.271  8.039   18.427  1.00 35.26 ? 1855 HOH A O   1 
HETATM 1668 O O   . HOH C 3 .   ? 8.182   15.362  -7.869  1.00 26.74 ? 1856 HOH A O   1 
HETATM 1669 O O   . HOH C 3 .   ? -12.123 6.627   -0.872  1.00 34.81 ? 1857 HOH A O   1 
HETATM 1670 O O   . HOH C 3 .   ? 3.879   -23.840 -5.058  1.00 41.67 ? 1858 HOH A O   1 
HETATM 1671 O O   . HOH C 3 .   ? -6.130  -0.885  26.511  1.00 38.49 ? 1859 HOH A O   1 
HETATM 1672 O O   . HOH C 3 .   ? 15.363  12.739  8.081   1.00 30.00 ? 1860 HOH A O   1 
HETATM 1673 O O   . HOH D 3 .   ? 5.385   7.671   -8.473  1.00 11.49 ? 301  HOH B O   1 
HETATM 1674 O O   . HOH D 3 .   ? 12.160  0.137   0.029   1.00 28.76 ? 302  HOH B O   1 
HETATM 1675 O O   . HOH D 3 .   ? 1.961   3.139   -3.162  1.00 15.18 ? 303  HOH B O   1 
HETATM 1676 O O   . HOH D 3 .   ? -2.868  5.144   -3.651  1.00 31.12 ? 304  HOH B O   1 
HETATM 1677 O O   . HOH D 3 .   ? -2.539  6.358   -11.103 1.00 26.39 ? 305  HOH B O   1 
HETATM 1678 O O   . HOH D 3 .   ? 4.882   -18.355 -3.343  1.00 32.39 ? 306  HOH B O   1 
HETATM 1679 O O   . HOH D 3 .   ? 13.637  -9.774  -9.289  1.00 27.33 ? 307  HOH B O   1 
HETATM 1680 O O   . HOH D 3 .   ? 5.921   -1.212  10.477  1.00 22.98 ? 308  HOH B O   1 
HETATM 1681 O O   . HOH D 3 .   ? -0.728  -19.523 -10.731 1.00 38.86 ? 309  HOH B O   1 
HETATM 1682 O O   . HOH D 3 .   ? -10.795 -2.366  -17.819 0.50 42.86 ? 310  HOH B O   1 
HETATM 1683 O O   . HOH D 3 .   ? 4.271   3.313   -0.298  1.00 23.73 ? 311  HOH B O   1 
HETATM 1684 O O   . HOH D 3 .   ? 7.495   6.923   -16.008 1.00 20.97 ? 312  HOH B O   1 
HETATM 1685 O O   . HOH D 3 .   ? 3.602   -6.782  3.681   1.00 24.38 ? 313  HOH B O   1 
HETATM 1686 O O   . HOH D 3 .   ? 7.999   10.817  -15.192 1.00 26.48 ? 314  HOH B O   1 
HETATM 1687 O O   . HOH D 3 .   ? 8.887   -6.805  -18.416 1.00 40.52 ? 315  HOH B O   1 
HETATM 1688 O O   . HOH D 3 .   ? 11.034  -5.227  -19.445 1.00 39.13 ? 316  HOH B O   1 
HETATM 1689 O O   . HOH D 3 .   ? 8.878   4.857   -16.148 1.00 26.54 ? 317  HOH B O   1 
HETATM 1690 O O   . HOH D 3 .   ? 3.946   -13.851 -16.326 1.00 41.06 ? 318  HOH B O   1 
HETATM 1691 O O   . HOH D 3 .   ? 8.901   -16.934 -3.358  1.00 36.41 ? 319  HOH B O   1 
# 
